data_5KLM
#
_entry.id   5KLM
#
_cell.length_a   88.378
_cell.length_b   141.958
_cell.length_c   171.604
_cell.angle_alpha   90.000
_cell.angle_beta   90.000
_cell.angle_gamma   90.000
#
_symmetry.space_group_name_H-M   'P 21 21 21'
#
loop_
_entity.id
_entity.type
_entity.pdbx_description
1 polymer '2-aminomuconate 6-semialdehyde dehydrogenase'
2 non-polymer NICOTINAMIDE-ADENINE-DINUCLEOTIDE
3 non-polymer 'SODIUM ION'
4 water water
#
_entity_poly.entity_id   1
_entity_poly.type   'polypeptide(L)'
_entity_poly.pdbx_seq_one_letter_code
;MGSSHHHHHHSSGLVPRGSHMNTLPSQVWRTNIGSAPSQLLNYIDGNFVTSASSFANINPVNGKLISDVFEADAKQVNEA
VVAAQNALKGPWGKLSVQDRAALIHKIADGIQARFEEFVAAEVADTGRPVHQARTLDIPRAIANFRTFADLAKTSHTDLF
EMSTSDGSGALNYTVRKPLGVIGVISPWDLPLLLFTWKVAPALACGNTVVAKPSEESPSSATLLAEVMHDAGVPPGVFNL
IHGFGKDSAGEFLTQHPGISALTFTGESKTGSTIMKAVADGVKEVSFELGGKNAAVVFADADLDAAIEGVLRSSFTNSGQ
VCLCSERVYVHRSIFDEFVSGLKVEAERLVVGYPDQDGVNMGPLISHGHRDKVLSYYRLAVDEGATVVTGGGVPKFNDER
DQGAYVQPTIWTGLSDKARCVTEEIFGPVCHISPFDDEDEVINRVNDSNYGLACAIWTTNLSRAHRVSRQIHVGLVWVNT
WYLRDLRTPFGGVKLSGLGREGGRFSMDFYSDIANICIKI
;
_entity_poly.pdbx_strand_id   A,B,C,D
#
loop_
_chem_comp.id
_chem_comp.type
_chem_comp.name
_chem_comp.formula
NA non-polymer 'SODIUM ION' 'Na 1'
NAD non-polymer NICOTINAMIDE-ADENINE-DINUCLEOTIDE 'C21 H27 N7 O14 P2'
#
# COMPACT_ATOMS: atom_id res chain seq x y z
N PRO A 37 38.39 -26.11 25.19
CA PRO A 37 38.78 -24.71 25.02
C PRO A 37 37.66 -23.75 25.41
N SER A 38 36.67 -23.57 24.53
CA SER A 38 35.51 -22.75 24.87
C SER A 38 34.32 -23.64 25.20
N GLN A 39 33.33 -23.06 25.87
CA GLN A 39 32.08 -23.77 26.07
C GLN A 39 30.94 -22.89 25.60
N LEU A 40 29.99 -23.51 24.89
CA LEU A 40 28.83 -22.79 24.40
C LEU A 40 27.59 -23.26 25.13
N LEU A 41 27.05 -22.39 25.97
CA LEU A 41 25.89 -22.75 26.78
C LEU A 41 24.57 -22.40 26.09
N ASN A 42 23.50 -22.99 26.61
CA ASN A 42 22.16 -22.58 26.22
C ASN A 42 21.78 -21.32 26.95
N TYR A 43 20.75 -20.64 26.44
CA TYR A 43 20.24 -19.45 27.11
C TYR A 43 18.74 -19.57 27.22
N ILE A 44 18.28 -19.83 28.44
CA ILE A 44 16.89 -20.16 28.70
C ILE A 44 16.36 -19.32 29.85
N ASP A 45 15.27 -18.63 29.60
CA ASP A 45 14.60 -17.78 30.58
C ASP A 45 15.55 -16.81 31.27
N GLY A 46 16.35 -16.10 30.48
CA GLY A 46 17.26 -15.13 31.04
C GLY A 46 18.55 -15.66 31.65
N ASN A 47 18.77 -16.97 31.62
CA ASN A 47 20.05 -17.50 32.13
C ASN A 47 20.81 -18.41 31.14
N PHE A 48 22.14 -18.27 31.10
CA PHE A 48 22.97 -19.27 30.45
C PHE A 48 23.04 -20.53 31.29
N VAL A 49 22.63 -21.65 30.71
CA VAL A 49 22.64 -22.92 31.41
C VAL A 49 23.38 -23.97 30.59
N THR A 50 24.10 -24.84 31.29
CA THR A 50 24.74 -26.01 30.68
C THR A 50 23.70 -27.08 30.41
N SER A 51 24.16 -28.27 30.07
CA SER A 51 23.27 -29.39 29.82
C SER A 51 23.96 -30.66 30.25
N ALA A 52 23.20 -31.76 30.25
CA ALA A 52 23.72 -33.06 30.67
C ALA A 52 24.82 -33.57 29.73
N SER A 53 24.59 -33.44 28.42
CA SER A 53 25.60 -33.84 27.44
C SER A 53 26.09 -32.65 26.61
N SER A 54 27.29 -32.79 26.04
CA SER A 54 27.83 -31.77 25.15
C SER A 54 28.34 -32.43 23.88
N PHE A 55 28.48 -31.64 22.82
CA PHE A 55 29.07 -32.13 21.57
C PHE A 55 30.17 -31.22 21.05
N ALA A 56 30.97 -31.74 20.13
CA ALA A 56 32.15 -31.04 19.67
C ALA A 56 31.86 -30.07 18.54
N ASN A 57 32.44 -28.88 18.66
CA ASN A 57 32.50 -27.86 17.61
C ASN A 57 33.89 -27.93 16.98
N ILE A 58 33.99 -28.35 15.71
CA ILE A 58 35.27 -28.58 15.06
C ILE A 58 35.62 -27.55 13.99
N ASN A 59 36.79 -26.92 14.10
CA ASN A 59 37.24 -25.95 13.09
C ASN A 59 37.54 -26.64 11.75
N PRO A 60 36.75 -26.33 10.70
CA PRO A 60 37.02 -27.07 9.45
C PRO A 60 38.33 -26.70 8.76
N VAL A 61 39.02 -25.68 9.25
CA VAL A 61 40.29 -25.29 8.63
C VAL A 61 41.39 -26.33 8.91
N ASN A 62 41.37 -26.89 10.11
CA ASN A 62 42.44 -27.78 10.53
C ASN A 62 41.97 -28.99 11.34
N GLY A 63 40.65 -29.18 11.44
CA GLY A 63 40.10 -30.33 12.14
C GLY A 63 40.16 -30.28 13.66
N LYS A 64 40.58 -29.15 14.22
CA LYS A 64 40.73 -29.01 15.66
C LYS A 64 39.45 -28.65 16.44
N LEU A 65 39.42 -29.04 17.71
CA LEU A 65 38.29 -28.74 18.58
C LEU A 65 38.27 -27.26 18.93
N ILE A 66 37.14 -26.59 18.67
CA ILE A 66 37.00 -25.18 19.03
C ILE A 66 36.40 -25.05 20.42
N SER A 67 35.33 -25.81 20.64
CA SER A 67 34.55 -25.68 21.85
C SER A 67 33.66 -26.89 22.06
N ASP A 68 33.17 -27.02 23.29
CA ASP A 68 32.13 -27.99 23.61
C ASP A 68 30.81 -27.25 23.66
N VAL A 69 29.76 -27.87 23.14
CA VAL A 69 28.48 -27.21 23.07
C VAL A 69 27.47 -28.06 23.80
N PHE A 70 26.83 -27.49 24.80
CA PHE A 70 25.85 -28.26 25.58
C PHE A 70 24.56 -28.44 24.83
N GLU A 71 24.18 -29.70 24.62
CA GLU A 71 22.98 -30.03 23.87
C GLU A 71 21.75 -29.92 24.77
N ALA A 72 20.78 -29.10 24.38
CA ALA A 72 19.53 -28.98 25.11
C ALA A 72 18.75 -30.27 24.98
N ASP A 73 18.19 -30.75 26.08
CA ASP A 73 17.31 -31.92 26.03
C ASP A 73 15.85 -31.48 25.94
N ALA A 74 14.96 -32.46 25.80
CA ALA A 74 13.53 -32.19 25.73
C ALA A 74 13.01 -31.38 26.93
N LYS A 75 13.55 -31.65 28.11
CA LYS A 75 13.13 -30.90 29.28
C LYS A 75 13.55 -29.43 29.14
N GLN A 76 14.77 -29.21 28.67
CA GLN A 76 15.25 -27.85 28.53
C GLN A 76 14.51 -27.11 27.42
N VAL A 77 14.23 -27.80 26.32
CA VAL A 77 13.43 -27.26 25.23
C VAL A 77 12.04 -26.88 25.73
N ASN A 78 11.38 -27.77 26.47
CA ASN A 78 10.06 -27.42 27.01
C ASN A 78 10.14 -26.19 27.89
N GLU A 79 11.18 -26.13 28.72
CA GLU A 79 11.38 -24.98 29.60
C GLU A 79 11.54 -23.68 28.80
N ALA A 80 12.23 -23.75 27.66
CA ALA A 80 12.40 -22.58 26.79
C ALA A 80 11.06 -22.13 26.20
N VAL A 81 10.30 -23.07 25.67
CA VAL A 81 8.99 -22.75 25.12
C VAL A 81 8.07 -22.17 26.20
N VAL A 82 8.02 -22.81 27.38
CA VAL A 82 7.20 -22.32 28.47
C VAL A 82 7.65 -20.92 28.88
N ALA A 83 8.97 -20.71 28.95
CA ALA A 83 9.48 -19.37 29.26
C ALA A 83 9.05 -18.33 28.21
N ALA A 84 9.05 -18.71 26.94
CA ALA A 84 8.61 -17.83 25.87
C ALA A 84 7.13 -17.48 25.97
N GLN A 85 6.30 -18.48 26.25
CA GLN A 85 4.86 -18.23 26.43
C GLN A 85 4.63 -17.27 27.58
N ASN A 86 5.30 -17.51 28.70
CA ASN A 86 5.11 -16.63 29.84
C ASN A 86 5.60 -15.22 29.59
N ALA A 87 6.72 -15.08 28.88
CA ALA A 87 7.30 -13.75 28.62
C ALA A 87 6.36 -12.87 27.80
N LEU A 88 5.50 -13.50 27.01
CA LEU A 88 4.49 -12.77 26.24
C LEU A 88 3.54 -12.00 27.16
N LYS A 89 3.45 -12.43 28.42
CA LYS A 89 2.59 -11.80 29.39
C LYS A 89 3.35 -10.86 30.33
N GLY A 90 4.66 -10.77 30.15
CA GLY A 90 5.48 -9.93 31.00
C GLY A 90 5.72 -8.55 30.43
N PRO A 91 6.76 -7.87 30.92
CA PRO A 91 7.19 -6.54 30.45
C PRO A 91 7.22 -6.42 28.93
N TRP A 92 7.76 -7.44 28.26
CA TRP A 92 7.88 -7.45 26.79
C TRP A 92 6.55 -7.19 26.10
N GLY A 93 5.52 -7.93 26.49
CA GLY A 93 4.19 -7.74 25.94
C GLY A 93 3.59 -6.36 26.20
N LYS A 94 4.13 -5.64 27.18
CA LYS A 94 3.63 -4.31 27.53
C LYS A 94 4.32 -3.19 26.77
N LEU A 95 5.44 -3.49 26.12
CA LEU A 95 6.20 -2.47 25.40
C LEU A 95 5.43 -1.90 24.21
N SER A 96 5.53 -0.59 24.01
CA SER A 96 4.99 0.02 22.80
C SER A 96 5.85 -0.43 21.61
N VAL A 97 5.31 -0.27 20.40
CA VAL A 97 6.05 -0.60 19.20
C VAL A 97 7.35 0.21 19.17
N GLN A 98 7.27 1.49 19.52
CA GLN A 98 8.47 2.33 19.54
C GLN A 98 9.50 1.81 20.56
N ASP A 99 9.07 1.46 21.77
CA ASP A 99 10.02 0.96 22.77
C ASP A 99 10.67 -0.36 22.33
N ARG A 100 9.87 -1.23 21.73
CA ARG A 100 10.38 -2.48 21.17
C ARG A 100 11.43 -2.21 20.08
N ALA A 101 11.14 -1.29 19.19
CA ALA A 101 12.08 -0.96 18.13
C ALA A 101 13.37 -0.37 18.69
N ALA A 102 13.25 0.46 19.72
CA ALA A 102 14.44 1.07 20.31
C ALA A 102 15.36 0.01 20.91
N LEU A 103 14.74 -0.96 21.57
CA LEU A 103 15.47 -2.04 22.21
C LEU A 103 16.13 -2.90 21.15
N ILE A 104 15.41 -3.18 20.07
CA ILE A 104 16.00 -3.94 18.97
C ILE A 104 17.19 -3.20 18.34
N HIS A 105 17.10 -1.88 18.25
CA HIS A 105 18.28 -1.12 17.80
C HIS A 105 19.45 -1.28 18.79
N LYS A 106 19.14 -1.43 20.07
CA LYS A 106 20.17 -1.65 21.08
C LYS A 106 20.85 -3.00 20.89
N ILE A 107 20.07 -4.01 20.49
CA ILE A 107 20.67 -5.30 20.17
C ILE A 107 21.66 -5.15 19.04
N ALA A 108 21.29 -4.39 18.01
CA ALA A 108 22.16 -4.15 16.88
C ALA A 108 23.43 -3.40 17.33
N ASP A 109 23.26 -2.38 18.19
CA ASP A 109 24.40 -1.63 18.73
C ASP A 109 25.38 -2.55 19.47
N GLY A 110 24.85 -3.50 20.21
CA GLY A 110 25.66 -4.41 20.99
C GLY A 110 26.45 -5.38 20.13
N ILE A 111 25.90 -5.77 18.99
CA ILE A 111 26.64 -6.57 18.03
C ILE A 111 27.75 -5.71 17.46
N GLN A 112 27.38 -4.49 17.10
CA GLN A 112 28.34 -3.56 16.53
C GLN A 112 29.52 -3.30 17.47
N ALA A 113 29.22 -3.20 18.76
CA ALA A 113 30.26 -2.94 19.77
C ALA A 113 31.17 -4.14 19.97
N ARG A 114 30.71 -5.32 19.56
CA ARG A 114 31.52 -6.52 19.67
C ARG A 114 31.79 -7.11 18.29
N PHE A 115 31.88 -6.24 17.29
CA PHE A 115 31.91 -6.64 15.89
C PHE A 115 32.98 -7.71 15.60
N GLU A 116 34.21 -7.44 16.03
CA GLU A 116 35.33 -8.35 15.76
C GLU A 116 35.19 -9.70 16.49
N GLU A 117 34.55 -9.70 17.66
CA GLU A 117 34.25 -10.96 18.32
C GLU A 117 33.28 -11.80 17.50
N PHE A 118 32.29 -11.16 16.90
CA PHE A 118 31.35 -11.90 16.09
C PHE A 118 32.04 -12.40 14.83
N VAL A 119 32.92 -11.56 14.26
CA VAL A 119 33.70 -11.96 13.09
C VAL A 119 34.48 -13.21 13.45
N ALA A 120 35.24 -13.14 14.53
CA ALA A 120 36.05 -14.28 14.98
C ALA A 120 35.19 -15.54 15.21
N ALA A 121 34.00 -15.37 15.80
CA ALA A 121 33.11 -16.52 16.01
C ALA A 121 32.59 -17.17 14.73
N GLU A 122 32.14 -16.37 13.77
CA GLU A 122 31.68 -16.95 12.50
C GLU A 122 32.82 -17.66 11.78
N VAL A 123 33.97 -17.00 11.75
CA VAL A 123 35.14 -17.56 11.08
C VAL A 123 35.59 -18.88 11.70
N ALA A 124 35.70 -18.92 13.03
CA ALA A 124 36.22 -20.11 13.71
C ALA A 124 35.35 -21.32 13.38
N ASP A 125 34.03 -21.13 13.47
CA ASP A 125 33.08 -22.20 13.15
C ASP A 125 33.12 -22.65 11.69
N THR A 126 33.33 -21.77 10.73
CA THR A 126 33.00 -22.20 9.37
C THR A 126 34.16 -22.16 8.40
N GLY A 127 35.23 -21.48 8.80
CA GLY A 127 36.40 -21.33 7.95
C GLY A 127 36.23 -20.28 6.87
N ARG A 128 35.14 -19.51 6.92
CA ARG A 128 34.91 -18.46 5.93
C ARG A 128 36.05 -17.41 6.00
N PRO A 129 36.41 -16.82 4.86
CA PRO A 129 37.41 -15.75 4.85
C PRO A 129 36.99 -14.64 5.79
N VAL A 130 37.93 -14.07 6.52
CA VAL A 130 37.66 -12.98 7.45
C VAL A 130 37.00 -11.80 6.70
N HIS A 131 37.48 -11.50 5.51
CA HIS A 131 36.95 -10.38 4.74
C HIS A 131 35.46 -10.53 4.45
N GLN A 132 35.05 -11.75 4.13
CA GLN A 132 33.63 -12.06 3.95
C GLN A 132 32.86 -11.86 5.24
N ALA A 133 33.41 -12.30 6.38
CA ALA A 133 32.70 -12.12 7.65
C ALA A 133 32.60 -10.64 7.98
N ARG A 134 33.65 -9.89 7.65
CA ARG A 134 33.66 -8.47 7.96
C ARG A 134 32.74 -7.66 7.05
N THR A 135 32.49 -8.15 5.84
CA THR A 135 31.77 -7.33 4.86
C THR A 135 30.36 -7.81 4.57
N LEU A 136 30.13 -9.10 4.74
CA LEU A 136 28.82 -9.67 4.46
C LEU A 136 28.10 -10.13 5.71
N ASP A 137 28.65 -11.16 6.36
CA ASP A 137 27.95 -11.87 7.42
C ASP A 137 27.53 -11.00 8.59
N ILE A 138 28.51 -10.33 9.20
CA ILE A 138 28.20 -9.59 10.41
C ILE A 138 27.44 -8.29 10.16
N PRO A 139 27.88 -7.48 9.17
CA PRO A 139 27.04 -6.32 8.83
C PRO A 139 25.58 -6.67 8.54
N ARG A 140 25.31 -7.73 7.79
CA ARG A 140 23.94 -8.09 7.42
C ARG A 140 23.10 -8.48 8.64
N ALA A 141 23.75 -9.08 9.64
CA ALA A 141 23.06 -9.46 10.87
C ALA A 141 22.67 -8.19 11.62
N ILE A 142 23.57 -7.23 11.62
CA ILE A 142 23.27 -5.93 12.22
C ILE A 142 22.13 -5.26 11.46
N ALA A 143 22.24 -5.28 10.14
CA ALA A 143 21.24 -4.69 9.27
C ALA A 143 19.88 -5.38 9.42
N ASN A 144 19.89 -6.69 9.65
CA ASN A 144 18.62 -7.41 9.87
C ASN A 144 17.85 -6.78 11.03
N PHE A 145 18.51 -6.59 12.16
CA PHE A 145 17.84 -5.99 13.31
C PHE A 145 17.36 -4.56 13.05
N ARG A 146 18.20 -3.73 12.44
CA ARG A 146 17.84 -2.35 12.25
C ARG A 146 16.64 -2.21 11.31
N THR A 147 16.68 -2.91 10.19
CA THR A 147 15.67 -2.80 9.16
C THR A 147 14.30 -3.24 9.64
N PHE A 148 14.24 -4.37 10.35
CA PHE A 148 12.95 -4.82 10.87
C PHE A 148 12.46 -3.95 12.04
N ALA A 149 13.38 -3.41 12.83
CA ALA A 149 12.99 -2.44 13.85
C ALA A 149 12.32 -1.27 13.13
N ASP A 150 12.95 -0.82 12.05
CA ASP A 150 12.43 0.31 11.29
C ASP A 150 11.07 0.01 10.65
N LEU A 151 10.97 -1.17 10.05
CA LEU A 151 9.72 -1.59 9.41
C LEU A 151 8.59 -1.64 10.43
N ALA A 152 8.91 -2.12 11.62
CA ALA A 152 7.93 -2.19 12.69
C ALA A 152 7.42 -0.81 13.07
N LYS A 153 8.33 0.16 13.17
CA LYS A 153 7.96 1.53 13.49
C LYS A 153 7.07 2.19 12.46
N THR A 154 7.27 1.86 11.18
CA THR A 154 6.59 2.60 10.12
C THR A 154 5.40 1.85 9.51
N SER A 155 5.19 0.60 9.88
CA SER A 155 4.15 -0.22 9.29
C SER A 155 2.78 0.10 9.86
N HIS A 156 1.76 -0.02 9.03
CA HIS A 156 0.39 0.13 9.52
C HIS A 156 -0.48 -0.89 8.84
N THR A 157 -1.76 -0.87 9.17
CA THR A 157 -2.68 -1.83 8.59
C THR A 157 -3.81 -1.08 7.87
N ASP A 158 -4.94 -1.77 7.69
CA ASP A 158 -5.95 -1.35 6.73
C ASP A 158 -7.31 -0.98 7.32
N LEU A 159 -8.03 -0.10 6.63
CA LEU A 159 -9.36 0.34 7.02
C LEU A 159 -10.29 0.19 5.82
N PHE A 160 -11.37 -0.56 6.02
CA PHE A 160 -12.36 -0.80 4.96
C PHE A 160 -13.74 -0.32 5.44
N GLU A 161 -14.36 0.58 4.68
CA GLU A 161 -15.74 0.98 4.97
C GLU A 161 -16.72 0.21 4.08
N MET A 162 -17.92 -0.03 4.60
CA MET A 162 -18.95 -0.71 3.79
C MET A 162 -20.33 -0.25 4.20
N SER A 163 -21.26 -0.39 3.27
CA SER A 163 -22.65 -0.11 3.54
C SER A 163 -23.34 -1.36 4.06
N THR A 164 -24.47 -1.17 4.74
CA THR A 164 -25.28 -2.27 5.25
C THR A 164 -26.73 -2.00 4.90
N SER A 165 -27.54 -3.04 4.99
CA SER A 165 -28.97 -2.94 4.70
C SER A 165 -29.68 -1.79 5.42
N ASP A 166 -29.39 -1.60 6.71
CA ASP A 166 -30.07 -0.55 7.46
C ASP A 166 -29.52 0.85 7.14
N GLY A 167 -28.63 0.91 6.16
CA GLY A 167 -28.10 2.16 5.66
C GLY A 167 -27.22 2.87 6.66
N SER A 168 -26.83 2.16 7.72
CA SER A 168 -26.02 2.75 8.77
C SER A 168 -24.52 2.46 8.61
N GLY A 169 -24.21 1.36 7.94
CA GLY A 169 -22.83 1.08 7.57
C GLY A 169 -22.00 0.35 8.62
N ALA A 170 -20.74 0.11 8.27
CA ALA A 170 -19.85 -0.66 9.12
C ALA A 170 -18.39 -0.36 8.80
N LEU A 171 -17.51 -0.65 9.76
CA LEU A 171 -16.07 -0.47 9.61
C LEU A 171 -15.39 -1.79 9.83
N ASN A 172 -14.51 -2.17 8.92
CA ASN A 172 -13.57 -3.26 9.18
C ASN A 172 -12.16 -2.70 9.24
N TYR A 173 -11.48 -2.92 10.36
CA TYR A 173 -10.07 -2.57 10.43
C TYR A 173 -9.21 -3.78 10.80
N THR A 174 -7.96 -3.78 10.36
CA THR A 174 -7.07 -4.88 10.68
C THR A 174 -5.99 -4.43 11.64
N VAL A 175 -5.56 -5.36 12.49
CA VAL A 175 -4.49 -5.13 13.45
C VAL A 175 -3.44 -6.23 13.31
N ARG A 176 -2.18 -5.87 13.58
CA ARG A 176 -1.11 -6.85 13.66
C ARG A 176 -0.82 -7.09 15.13
N LYS A 177 -0.87 -8.35 15.53
CA LYS A 177 -0.57 -8.76 16.88
C LYS A 177 0.56 -9.76 16.78
N PRO A 178 1.30 -9.99 17.88
CA PRO A 178 2.29 -11.06 17.83
C PRO A 178 1.60 -12.37 17.56
N LEU A 179 2.19 -13.19 16.71
CA LEU A 179 1.70 -14.54 16.43
C LEU A 179 1.78 -15.37 17.72
N GLY A 180 2.86 -15.18 18.48
CA GLY A 180 3.03 -15.88 19.74
C GLY A 180 4.48 -16.32 19.94
N VAL A 181 4.69 -17.62 20.14
CA VAL A 181 6.06 -18.14 20.24
C VAL A 181 6.52 -18.67 18.88
N ILE A 182 7.66 -18.15 18.42
CA ILE A 182 8.18 -18.53 17.11
C ILE A 182 9.33 -19.50 17.31
N GLY A 183 9.24 -20.68 16.70
CA GLY A 183 10.35 -21.60 16.66
C GLY A 183 11.23 -21.27 15.46
N VAL A 184 12.52 -21.05 15.70
CA VAL A 184 13.50 -20.80 14.65
C VAL A 184 14.54 -21.93 14.52
N ILE A 185 14.68 -22.46 13.32
CA ILE A 185 15.71 -23.45 13.05
C ILE A 185 16.49 -23.02 11.82
N SER A 186 17.81 -22.87 11.99
CA SER A 186 18.60 -22.22 10.96
C SER A 186 19.84 -23.03 10.57
N PRO A 187 20.37 -22.80 9.36
CA PRO A 187 21.44 -23.66 8.84
C PRO A 187 22.84 -23.06 9.03
N TRP A 188 23.86 -23.67 8.44
CA TRP A 188 25.26 -23.34 8.75
C TRP A 188 25.97 -22.56 7.64
N ASP A 189 25.30 -22.32 6.52
CA ASP A 189 25.99 -21.64 5.42
C ASP A 189 26.26 -20.13 5.68
N LEU A 190 25.25 -19.43 6.18
CA LEU A 190 25.42 -18.04 6.63
C LEU A 190 24.81 -17.96 8.04
N PRO A 191 25.55 -18.46 9.04
CA PRO A 191 24.94 -18.72 10.36
C PRO A 191 24.25 -17.53 11.04
N LEU A 192 24.98 -16.46 11.33
CA LEU A 192 24.36 -15.31 12.00
C LEU A 192 23.39 -14.53 11.10
N LEU A 193 23.73 -14.42 9.81
CA LEU A 193 22.87 -13.73 8.86
C LEU A 193 21.49 -14.40 8.80
N LEU A 194 21.44 -15.70 8.55
CA LEU A 194 20.13 -16.39 8.47
C LEU A 194 19.44 -16.51 9.83
N PHE A 195 20.22 -16.59 10.89
CA PHE A 195 19.66 -16.70 12.22
C PHE A 195 18.94 -15.40 12.55
N THR A 196 19.60 -14.28 12.29
CA THR A 196 19.01 -12.99 12.61
C THR A 196 17.95 -12.63 11.59
N TRP A 197 18.08 -13.17 10.38
CA TRP A 197 17.07 -12.98 9.34
C TRP A 197 15.69 -13.39 9.85
N LYS A 198 15.67 -14.38 10.74
CA LYS A 198 14.43 -14.87 11.34
C LYS A 198 14.16 -14.24 12.71
N VAL A 199 15.19 -14.10 13.52
CA VAL A 199 14.98 -13.59 14.88
C VAL A 199 14.56 -12.12 14.88
N ALA A 200 15.14 -11.32 13.99
CA ALA A 200 14.85 -9.89 13.95
C ALA A 200 13.35 -9.56 13.72
N PRO A 201 12.75 -10.08 12.64
CA PRO A 201 11.31 -9.80 12.45
C PRO A 201 10.42 -10.47 13.51
N ALA A 202 10.84 -11.63 14.01
CA ALA A 202 10.07 -12.28 15.06
C ALA A 202 9.96 -11.33 16.27
N LEU A 203 11.09 -10.79 16.68
CA LEU A 203 11.11 -9.87 17.82
C LEU A 203 10.47 -8.53 17.46
N ALA A 204 10.68 -8.06 16.24
CA ALA A 204 10.13 -6.78 15.82
C ALA A 204 8.60 -6.81 15.86
N CYS A 205 8.03 -7.98 15.65
CA CYS A 205 6.58 -8.09 15.64
C CYS A 205 6.03 -8.44 17.02
N GLY A 206 6.90 -8.40 18.04
CA GLY A 206 6.45 -8.57 19.40
C GLY A 206 6.31 -10.01 19.85
N ASN A 207 6.76 -10.95 19.03
CA ASN A 207 6.77 -12.36 19.42
C ASN A 207 7.87 -12.66 20.44
N THR A 208 7.88 -13.88 20.95
CA THR A 208 9.03 -14.38 21.70
C THR A 208 9.59 -15.54 20.90
N VAL A 209 10.84 -15.92 21.21
CA VAL A 209 11.57 -16.81 20.32
C VAL A 209 12.26 -17.96 21.07
N VAL A 210 12.18 -19.15 20.49
CA VAL A 210 13.10 -20.24 20.82
C VAL A 210 13.81 -20.64 19.55
N ALA A 211 15.14 -20.55 19.56
CA ALA A 211 15.93 -20.68 18.35
C ALA A 211 17.08 -21.68 18.51
N LYS A 212 17.23 -22.55 17.51
CA LYS A 212 18.24 -23.59 17.51
C LYS A 212 19.11 -23.44 16.26
N PRO A 213 20.34 -22.95 16.44
CA PRO A 213 21.27 -22.79 15.31
C PRO A 213 21.82 -24.14 14.90
N SER A 214 22.39 -24.22 13.70
CA SER A 214 23.01 -25.46 13.26
C SER A 214 24.09 -25.87 14.25
N GLU A 215 24.14 -27.15 14.56
CA GLU A 215 25.20 -27.73 15.39
C GLU A 215 26.60 -27.44 14.81
N GLU A 216 26.69 -27.20 13.50
CA GLU A 216 27.97 -26.89 12.87
C GLU A 216 28.39 -25.46 13.14
N SER A 217 27.48 -24.60 13.57
CA SER A 217 27.88 -23.19 13.64
C SER A 217 27.13 -22.44 14.74
N PRO A 218 27.41 -22.80 16.00
CA PRO A 218 26.61 -22.33 17.13
C PRO A 218 27.23 -21.13 17.84
N SER A 219 28.41 -20.68 17.42
CA SER A 219 29.14 -19.68 18.18
C SER A 219 28.53 -18.28 18.13
N SER A 220 28.27 -17.76 16.94
CA SER A 220 27.82 -16.38 16.87
C SER A 220 26.42 -16.24 17.50
N ALA A 221 25.62 -17.29 17.41
CA ALA A 221 24.30 -17.25 18.02
C ALA A 221 24.43 -17.15 19.55
N THR A 222 25.44 -17.82 20.09
CA THR A 222 25.64 -17.81 21.54
C THR A 222 26.10 -16.43 22.00
N LEU A 223 26.98 -15.80 21.21
CA LEU A 223 27.39 -14.43 21.44
C LEU A 223 26.16 -13.51 21.35
N LEU A 224 25.28 -13.77 20.39
CA LEU A 224 24.08 -12.97 20.24
C LEU A 224 23.24 -12.99 21.54
N ALA A 225 23.16 -14.17 22.15
CA ALA A 225 22.43 -14.31 23.40
C ALA A 225 23.01 -13.40 24.50
N GLU A 226 24.33 -13.28 24.53
CA GLU A 226 24.99 -12.39 25.49
C GLU A 226 24.61 -10.96 25.19
N VAL A 227 24.55 -10.61 23.91
CA VAL A 227 24.18 -9.25 23.53
C VAL A 227 22.74 -8.98 23.98
N MET A 228 21.86 -9.96 23.78
CA MET A 228 20.47 -9.86 24.24
C MET A 228 20.41 -9.63 25.74
N HIS A 229 21.13 -10.46 26.49
CA HIS A 229 21.21 -10.34 27.94
C HIS A 229 21.69 -8.97 28.35
N ASP A 230 22.84 -8.55 27.81
CA ASP A 230 23.43 -7.26 28.18
C ASP A 230 22.57 -6.08 27.78
N ALA A 231 21.82 -6.21 26.69
CA ALA A 231 20.92 -5.13 26.26
C ALA A 231 19.67 -4.98 27.13
N GLY A 232 19.37 -6.01 27.94
CA GLY A 232 18.24 -5.93 28.85
C GLY A 232 16.96 -6.52 28.30
N VAL A 233 17.09 -7.34 27.26
CA VAL A 233 15.95 -8.06 26.74
C VAL A 233 15.36 -8.94 27.85
N PRO A 234 14.07 -8.80 28.15
CA PRO A 234 13.50 -9.52 29.29
C PRO A 234 13.65 -11.05 29.19
N PRO A 235 13.81 -11.70 30.34
CA PRO A 235 13.94 -13.16 30.44
C PRO A 235 12.81 -13.87 29.72
N GLY A 236 13.14 -14.82 28.86
CA GLY A 236 12.13 -15.60 28.16
C GLY A 236 11.79 -15.10 26.76
N VAL A 237 12.07 -13.85 26.47
CA VAL A 237 11.80 -13.29 25.15
C VAL A 237 12.63 -13.98 24.05
N PHE A 238 13.96 -14.05 24.26
CA PHE A 238 14.83 -14.79 23.37
C PHE A 238 15.44 -16.00 24.07
N ASN A 239 15.24 -17.19 23.50
CA ASN A 239 15.84 -18.39 24.06
C ASN A 239 16.67 -19.14 23.05
N LEU A 240 17.90 -19.47 23.43
CA LEU A 240 18.82 -20.19 22.54
C LEU A 240 18.96 -21.63 23.01
N ILE A 241 18.63 -22.58 22.16
CA ILE A 241 18.86 -23.98 22.50
C ILE A 241 19.82 -24.58 21.48
N HIS A 242 20.84 -25.29 21.95
CA HIS A 242 21.77 -25.95 21.05
C HIS A 242 21.43 -27.43 20.89
N GLY A 243 21.79 -27.98 19.74
CA GLY A 243 21.59 -29.40 19.49
C GLY A 243 21.60 -29.77 18.02
N PHE A 244 21.20 -31.01 17.75
CA PHE A 244 21.06 -31.51 16.39
C PHE A 244 19.61 -31.47 15.98
N GLY A 245 19.24 -32.27 14.99
CA GLY A 245 17.87 -32.30 14.52
C GLY A 245 17.05 -33.45 15.10
N LYS A 246 17.03 -34.56 14.39
CA LYS A 246 16.33 -35.76 14.80
C LYS A 246 16.75 -36.18 16.20
N ASP A 247 15.78 -36.56 17.03
CA ASP A 247 16.05 -37.04 18.37
C ASP A 247 16.89 -36.06 19.17
N SER A 248 16.75 -34.78 18.83
CA SER A 248 17.49 -33.74 19.50
C SER A 248 16.67 -32.47 19.50
N ALA A 249 17.30 -31.37 19.91
CA ALA A 249 16.62 -30.12 20.15
C ALA A 249 15.76 -29.65 18.97
N GLY A 250 16.28 -29.81 17.76
CA GLY A 250 15.55 -29.44 16.56
C GLY A 250 14.20 -30.13 16.48
N GLU A 251 14.21 -31.44 16.64
CA GLU A 251 12.99 -32.21 16.58
C GLU A 251 12.05 -31.85 17.74
N PHE A 252 12.61 -31.71 18.94
CA PHE A 252 11.80 -31.43 20.13
C PHE A 252 11.07 -30.09 19.95
N LEU A 253 11.77 -29.13 19.35
CA LEU A 253 11.19 -27.83 19.10
C LEU A 253 10.02 -27.92 18.13
N THR A 254 10.19 -28.64 17.03
CA THR A 254 9.15 -28.72 16.03
C THR A 254 7.91 -29.43 16.55
N GLN A 255 8.09 -30.31 17.52
CA GLN A 255 6.99 -31.13 18.03
C GLN A 255 6.28 -30.48 19.20
N HIS A 256 6.81 -29.37 19.71
CA HIS A 256 6.22 -28.77 20.90
C HIS A 256 4.93 -28.03 20.57
N PRO A 257 3.86 -28.30 21.32
CA PRO A 257 2.54 -27.71 21.01
C PRO A 257 2.46 -26.24 21.42
N GLY A 258 3.47 -25.78 22.16
CA GLY A 258 3.48 -24.42 22.66
C GLY A 258 3.92 -23.35 21.67
N ILE A 259 4.52 -23.76 20.55
CA ILE A 259 4.95 -22.76 19.58
C ILE A 259 3.75 -22.39 18.72
N SER A 260 3.73 -21.16 18.20
CA SER A 260 2.67 -20.75 17.25
C SER A 260 3.12 -20.89 15.81
N ALA A 261 4.43 -20.94 15.60
CA ALA A 261 4.96 -21.06 14.23
C ALA A 261 6.38 -21.60 14.20
N LEU A 262 6.75 -22.16 13.06
CA LEU A 262 8.08 -22.68 12.85
C LEU A 262 8.63 -22.10 11.55
N THR A 263 9.64 -21.25 11.66
CA THR A 263 10.31 -20.77 10.46
C THR A 263 11.66 -21.46 10.32
N PHE A 264 11.96 -21.83 9.08
CA PHE A 264 13.03 -22.78 8.86
C PHE A 264 13.74 -22.52 7.55
N THR A 265 15.06 -22.66 7.61
CA THR A 265 15.87 -22.57 6.42
C THR A 265 16.82 -23.76 6.43
N GLY A 266 16.84 -24.52 5.34
CA GLY A 266 17.64 -25.74 5.27
C GLY A 266 17.33 -26.60 4.06
N GLU A 267 17.60 -27.91 4.19
CA GLU A 267 17.38 -28.88 3.11
C GLU A 267 15.89 -29.03 2.83
N SER A 268 15.55 -29.28 1.56
CA SER A 268 14.16 -29.54 1.17
C SER A 268 13.52 -30.72 1.93
N LYS A 269 14.23 -31.85 1.97
CA LYS A 269 13.77 -33.01 2.71
C LYS A 269 13.46 -32.65 4.16
N THR A 270 14.30 -31.82 4.77
CA THR A 270 14.09 -31.45 6.15
C THR A 270 12.81 -30.60 6.27
N GLY A 271 12.56 -29.75 5.29
CA GLY A 271 11.36 -28.92 5.26
C GLY A 271 10.09 -29.77 5.25
N SER A 272 10.09 -30.78 4.40
CA SER A 272 8.99 -31.74 4.35
C SER A 272 8.78 -32.40 5.71
N THR A 273 9.86 -32.83 6.33
CA THR A 273 9.76 -33.49 7.64
C THR A 273 9.11 -32.58 8.67
N ILE A 274 9.66 -31.37 8.78
CA ILE A 274 9.13 -30.36 9.69
C ILE A 274 7.66 -30.03 9.44
N MET A 275 7.28 -29.97 8.16
CA MET A 275 5.91 -29.68 7.78
C MET A 275 4.97 -30.76 8.29
N LYS A 276 5.41 -32.01 8.21
CA LYS A 276 4.65 -33.12 8.76
C LYS A 276 4.57 -33.03 10.28
N ALA A 277 5.69 -32.62 10.90
CA ALA A 277 5.78 -32.58 12.35
C ALA A 277 4.85 -31.56 13.01
N VAL A 278 4.57 -30.46 12.31
CA VAL A 278 3.73 -29.42 12.89
C VAL A 278 2.28 -29.46 12.40
N ALA A 279 2.01 -30.36 11.45
CA ALA A 279 0.69 -30.46 10.81
C ALA A 279 -0.49 -30.67 11.78
N ASP A 280 -0.28 -31.48 12.82
CA ASP A 280 -1.33 -31.76 13.80
C ASP A 280 -1.76 -30.52 14.59
N GLY A 281 -0.87 -29.54 14.73
CA GLY A 281 -1.19 -28.31 15.44
C GLY A 281 -1.50 -27.18 14.48
N VAL A 282 -1.46 -27.49 13.18
CA VAL A 282 -1.66 -26.51 12.10
C VAL A 282 -0.87 -25.21 12.38
N LYS A 283 0.41 -25.39 12.68
CA LYS A 283 1.29 -24.26 12.96
C LYS A 283 1.55 -23.48 11.67
N GLU A 284 1.71 -22.17 11.78
CA GLU A 284 2.13 -21.39 10.63
C GLU A 284 3.57 -21.81 10.30
N VAL A 285 3.88 -21.94 9.01
CA VAL A 285 5.22 -22.31 8.62
C VAL A 285 5.77 -21.41 7.51
N SER A 286 7.08 -21.29 7.48
CA SER A 286 7.77 -20.51 6.47
C SER A 286 9.03 -21.26 6.12
N PHE A 287 9.20 -21.62 4.85
CA PHE A 287 10.32 -22.44 4.43
C PHE A 287 11.17 -21.81 3.34
N GLU A 288 12.47 -21.82 3.56
CA GLU A 288 13.42 -21.44 2.53
C GLU A 288 14.33 -22.65 2.39
N LEU A 289 14.27 -23.32 1.25
CA LEU A 289 14.87 -24.65 1.17
C LEU A 289 15.97 -24.73 0.11
N GLY A 290 16.14 -25.89 -0.52
CA GLY A 290 17.24 -26.07 -1.44
C GLY A 290 17.13 -25.29 -2.75
N GLY A 291 18.14 -25.42 -3.60
CA GLY A 291 18.02 -24.98 -4.97
C GLY A 291 19.03 -25.65 -5.88
N LYS A 292 18.74 -25.68 -7.17
CA LYS A 292 19.77 -25.98 -8.15
C LYS A 292 19.77 -24.81 -9.12
N ASN A 293 20.35 -23.69 -8.69
CA ASN A 293 20.18 -22.43 -9.41
C ASN A 293 21.04 -22.34 -10.67
N ALA A 294 20.48 -21.69 -11.68
CA ALA A 294 21.13 -21.51 -12.94
C ALA A 294 21.66 -20.07 -13.07
N ALA A 295 22.80 -19.92 -13.73
CA ALA A 295 23.19 -18.63 -14.31
C ALA A 295 23.10 -18.77 -15.82
N VAL A 296 22.67 -17.72 -16.49
CA VAL A 296 22.48 -17.73 -17.93
C VAL A 296 23.26 -16.55 -18.50
N VAL A 297 24.15 -16.83 -19.47
CA VAL A 297 24.92 -15.78 -20.09
C VAL A 297 24.56 -15.71 -21.56
N PHE A 298 23.87 -14.64 -21.95
CA PHE A 298 23.52 -14.43 -23.34
C PHE A 298 24.69 -13.86 -24.15
N ALA A 299 24.62 -14.03 -25.47
CA ALA A 299 25.69 -13.59 -26.36
C ALA A 299 25.93 -12.10 -26.27
N ASP A 300 24.91 -11.31 -25.90
CA ASP A 300 25.11 -9.86 -25.76
C ASP A 300 25.57 -9.42 -24.33
N ALA A 301 25.98 -10.38 -23.51
CA ALA A 301 26.44 -10.03 -22.17
C ALA A 301 27.81 -9.37 -22.23
N ASP A 302 28.15 -8.57 -21.21
CA ASP A 302 29.52 -8.10 -21.01
C ASP A 302 30.27 -9.32 -20.48
N LEU A 303 31.15 -9.87 -21.33
CA LEU A 303 31.69 -11.21 -21.10
C LEU A 303 32.62 -11.29 -19.88
N ASP A 304 33.49 -10.29 -19.74
CA ASP A 304 34.36 -10.20 -18.56
C ASP A 304 33.54 -10.05 -17.30
N ALA A 305 32.48 -9.24 -17.36
CA ALA A 305 31.65 -9.05 -16.19
C ALA A 305 30.92 -10.36 -15.85
N ALA A 306 30.48 -11.10 -16.87
CA ALA A 306 29.75 -12.33 -16.65
C ALA A 306 30.67 -13.41 -16.07
N ILE A 307 31.91 -13.47 -16.57
CA ILE A 307 32.86 -14.44 -16.06
C ILE A 307 33.09 -14.21 -14.56
N GLU A 308 33.39 -12.95 -14.21
CA GLU A 308 33.55 -12.57 -12.82
C GLU A 308 32.28 -12.83 -11.99
N GLY A 309 31.12 -12.52 -12.55
CA GLY A 309 29.87 -12.73 -11.85
C GLY A 309 29.61 -14.19 -11.52
N VAL A 310 29.84 -15.05 -12.51
CA VAL A 310 29.60 -16.48 -12.37
C VAL A 310 30.63 -17.12 -11.44
N LEU A 311 31.85 -16.61 -11.48
CA LEU A 311 32.87 -17.00 -10.54
C LEU A 311 32.37 -16.73 -9.14
N ARG A 312 31.81 -15.53 -8.96
CA ARG A 312 31.26 -15.17 -7.66
C ARG A 312 30.04 -16.02 -7.29
N SER A 313 29.15 -16.23 -8.25
CA SER A 313 27.91 -16.96 -7.93
C SER A 313 28.16 -18.45 -7.74
N SER A 314 29.30 -18.95 -8.21
CA SER A 314 29.56 -20.39 -8.08
C SER A 314 30.40 -20.72 -6.87
N PHE A 315 31.33 -19.82 -6.52
CA PHE A 315 32.37 -20.16 -5.56
C PHE A 315 32.36 -19.36 -4.24
N THR A 316 31.50 -18.35 -4.12
CA THR A 316 31.39 -17.61 -2.87
C THR A 316 31.08 -18.56 -1.72
N ASN A 317 31.72 -18.35 -0.58
CA ASN A 317 31.57 -19.24 0.57
C ASN A 317 31.82 -20.69 0.20
N SER A 318 32.72 -20.90 -0.77
CA SER A 318 33.04 -22.22 -1.31
C SER A 318 31.82 -22.96 -1.86
N GLY A 319 30.93 -22.20 -2.50
CA GLY A 319 29.76 -22.78 -3.13
C GLY A 319 28.68 -23.16 -2.14
N GLN A 320 28.89 -22.82 -0.87
CA GLN A 320 27.95 -23.16 0.21
C GLN A 320 26.98 -21.99 0.49
N VAL A 321 26.22 -21.61 -0.52
CA VAL A 321 25.11 -20.71 -0.32
C VAL A 321 23.96 -21.27 -1.10
N CYS A 322 22.77 -21.26 -0.51
CA CYS A 322 21.58 -21.73 -1.21
C CYS A 322 21.43 -21.05 -2.57
N LEU A 323 21.85 -19.79 -2.63
CA LEU A 323 21.74 -18.98 -3.84
C LEU A 323 22.79 -19.24 -4.94
N CYS A 324 23.79 -20.09 -4.66
CA CYS A 324 24.87 -20.29 -5.64
C CYS A 324 24.38 -20.94 -6.92
N SER A 325 25.05 -20.63 -8.02
CA SER A 325 24.71 -21.21 -9.32
C SER A 325 25.50 -22.49 -9.53
N GLU A 326 24.83 -23.62 -9.62
CA GLU A 326 25.53 -24.87 -9.91
C GLU A 326 25.34 -25.31 -11.38
N ARG A 327 24.47 -24.61 -12.10
CA ARG A 327 24.21 -24.84 -13.51
C ARG A 327 24.48 -23.52 -14.20
N VAL A 328 25.21 -23.55 -15.31
CA VAL A 328 25.48 -22.35 -16.08
C VAL A 328 25.20 -22.64 -17.55
N TYR A 329 24.44 -21.75 -18.18
CA TYR A 329 24.10 -21.89 -19.58
C TYR A 329 24.66 -20.69 -20.29
N VAL A 330 25.43 -20.95 -21.34
CA VAL A 330 26.16 -19.90 -22.04
C VAL A 330 25.87 -20.02 -23.53
N HIS A 331 25.63 -18.90 -24.18
CA HIS A 331 25.31 -18.96 -25.59
C HIS A 331 26.42 -19.66 -26.37
N ARG A 332 26.03 -20.45 -27.35
CA ARG A 332 26.96 -21.24 -28.15
C ARG A 332 28.11 -20.40 -28.71
N SER A 333 27.81 -19.19 -29.13
CA SER A 333 28.80 -18.33 -29.79
C SER A 333 29.91 -17.84 -28.87
N ILE A 334 29.67 -17.83 -27.55
CA ILE A 334 30.67 -17.39 -26.60
C ILE A 334 31.08 -18.49 -25.61
N PHE A 335 30.56 -19.70 -25.82
CA PHE A 335 30.76 -20.77 -24.86
C PHE A 335 32.22 -21.10 -24.59
N ASP A 336 33.00 -21.36 -25.65
CA ASP A 336 34.41 -21.71 -25.48
C ASP A 336 35.19 -20.62 -24.76
N GLU A 337 34.98 -19.38 -25.18
CA GLU A 337 35.66 -18.27 -24.56
C GLU A 337 35.21 -18.06 -23.10
N PHE A 338 33.92 -18.28 -22.83
CA PHE A 338 33.45 -18.13 -21.46
C PHE A 338 34.12 -19.16 -20.57
N VAL A 339 34.15 -20.40 -21.05
CA VAL A 339 34.69 -21.51 -20.29
C VAL A 339 36.21 -21.37 -20.04
N SER A 340 36.97 -20.99 -21.08
CA SER A 340 38.40 -20.72 -20.90
C SER A 340 38.63 -19.61 -19.89
N GLY A 341 37.87 -18.53 -20.02
CA GLY A 341 37.99 -17.41 -19.10
C GLY A 341 37.68 -17.81 -17.65
N LEU A 342 36.64 -18.58 -17.43
CA LEU A 342 36.24 -18.93 -16.05
C LEU A 342 37.27 -19.88 -15.42
N LYS A 343 37.82 -20.78 -16.22
CA LYS A 343 38.85 -21.71 -15.77
C LYS A 343 40.05 -20.98 -15.18
N VAL A 344 40.54 -20.00 -15.94
CA VAL A 344 41.68 -19.20 -15.52
C VAL A 344 41.36 -18.48 -14.22
N GLU A 345 40.17 -17.88 -14.16
CA GLU A 345 39.79 -17.12 -12.97
C GLU A 345 39.62 -18.04 -11.77
N ALA A 346 39.07 -19.22 -12.03
CA ALA A 346 38.89 -20.21 -10.97
C ALA A 346 40.24 -20.65 -10.42
N GLU A 347 41.20 -20.87 -11.31
CA GLU A 347 42.52 -21.34 -10.90
C GLU A 347 43.34 -20.25 -10.19
N ARG A 348 43.02 -18.99 -10.46
CA ARG A 348 43.60 -17.89 -9.71
C ARG A 348 43.07 -17.78 -8.27
N LEU A 349 41.94 -18.43 -7.98
CA LEU A 349 41.39 -18.34 -6.63
C LEU A 349 42.35 -18.87 -5.59
N VAL A 350 42.57 -18.12 -4.52
CA VAL A 350 43.35 -18.59 -3.39
C VAL A 350 42.45 -19.36 -2.42
N VAL A 351 42.81 -20.61 -2.19
CA VAL A 351 42.10 -21.47 -1.25
C VAL A 351 43.01 -21.64 -0.05
N GLY A 352 42.61 -21.12 1.10
CA GLY A 352 43.52 -21.18 2.24
C GLY A 352 42.97 -20.72 3.56
N TYR A 353 43.82 -20.09 4.37
CA TYR A 353 43.40 -19.65 5.71
C TYR A 353 42.45 -18.46 5.61
N PRO A 354 41.53 -18.34 6.58
CA PRO A 354 40.58 -17.22 6.63
C PRO A 354 41.25 -15.83 6.62
N ASP A 355 42.42 -15.71 7.23
CA ASP A 355 43.12 -14.42 7.27
C ASP A 355 44.37 -14.40 6.39
N GLN A 356 44.52 -15.40 5.52
CA GLN A 356 45.62 -15.43 4.57
C GLN A 356 45.45 -14.34 3.50
N ASP A 357 46.56 -13.70 3.12
CA ASP A 357 46.58 -12.64 2.11
C ASP A 357 45.87 -13.02 0.82
N GLY A 358 44.91 -12.22 0.42
CA GLY A 358 44.21 -12.48 -0.83
C GLY A 358 43.35 -13.73 -0.84
N VAL A 359 43.03 -14.30 0.33
CA VAL A 359 42.23 -15.53 0.35
C VAL A 359 40.82 -15.31 -0.26
N ASN A 360 40.40 -16.25 -1.11
CA ASN A 360 39.05 -16.21 -1.71
C ASN A 360 38.12 -17.27 -1.17
N MET A 361 38.69 -18.42 -0.81
CA MET A 361 37.88 -19.59 -0.44
C MET A 361 38.48 -20.28 0.78
N GLY A 362 37.62 -20.60 1.73
CA GLY A 362 37.98 -21.46 2.84
C GLY A 362 37.54 -22.88 2.53
N PRO A 363 37.53 -23.75 3.55
CA PRO A 363 37.13 -25.15 3.43
C PRO A 363 35.63 -25.31 3.39
N LEU A 364 35.17 -26.54 3.23
CA LEU A 364 33.76 -26.86 3.44
C LEU A 364 33.47 -26.84 4.94
N ILE A 365 32.21 -26.90 5.31
CA ILE A 365 31.82 -26.77 6.72
C ILE A 365 32.32 -27.92 7.59
N SER A 366 32.48 -29.11 7.02
CA SER A 366 32.80 -30.30 7.82
C SER A 366 33.29 -31.43 6.97
N HIS A 367 33.97 -32.40 7.58
CA HIS A 367 34.42 -33.59 6.86
C HIS A 367 33.24 -34.36 6.31
N GLY A 368 32.17 -34.45 7.10
CA GLY A 368 30.94 -35.08 6.65
C GLY A 368 30.41 -34.42 5.40
N HIS A 369 30.39 -33.09 5.37
CA HIS A 369 29.91 -32.44 4.15
C HIS A 369 30.89 -32.63 2.99
N ARG A 370 32.19 -32.64 3.29
CA ARG A 370 33.16 -32.90 2.22
C ARG A 370 32.94 -34.28 1.58
N ASP A 371 32.70 -35.29 2.40
CA ASP A 371 32.38 -36.62 1.88
C ASP A 371 31.21 -36.59 0.90
N LYS A 372 30.17 -35.82 1.19
CA LYS A 372 29.06 -35.71 0.24
C LYS A 372 29.52 -35.05 -1.06
N VAL A 373 30.20 -33.93 -0.93
CA VAL A 373 30.66 -33.21 -2.10
C VAL A 373 31.62 -34.04 -2.95
N LEU A 374 32.54 -34.76 -2.32
CA LEU A 374 33.49 -35.55 -3.13
C LEU A 374 32.82 -36.72 -3.84
N SER A 375 31.76 -37.26 -3.25
CA SER A 375 31.09 -38.37 -3.93
C SER A 375 30.34 -37.85 -5.16
N TYR A 376 29.99 -36.56 -5.16
CA TYR A 376 29.43 -35.97 -6.36
C TYR A 376 30.54 -35.68 -7.38
N TYR A 377 31.72 -35.28 -6.89
CA TYR A 377 32.85 -35.08 -7.80
C TYR A 377 33.08 -36.40 -8.54
N ARG A 378 32.96 -37.50 -7.81
CA ARG A 378 33.14 -38.82 -8.36
C ARG A 378 32.02 -39.14 -9.34
N LEU A 379 30.79 -38.92 -8.89
CA LEU A 379 29.61 -39.18 -9.69
C LEU A 379 29.66 -38.47 -11.04
N ALA A 380 30.14 -37.22 -11.04
CA ALA A 380 30.24 -36.45 -12.29
C ALA A 380 31.16 -37.11 -13.33
N VAL A 381 32.32 -37.58 -12.91
CA VAL A 381 33.21 -38.30 -13.81
C VAL A 381 32.49 -39.52 -14.37
N ASP A 382 31.87 -40.28 -13.47
CA ASP A 382 31.13 -41.49 -13.87
C ASP A 382 29.99 -41.20 -14.84
N GLU A 383 29.34 -40.05 -14.66
CA GLU A 383 28.24 -39.63 -15.54
C GLU A 383 28.72 -39.09 -16.87
N GLY A 384 30.03 -39.04 -17.06
CA GLY A 384 30.59 -38.61 -18.33
C GLY A 384 31.12 -37.19 -18.43
N ALA A 385 31.35 -36.53 -17.30
CA ALA A 385 31.82 -35.14 -17.32
C ALA A 385 33.26 -34.96 -17.81
N THR A 386 33.51 -33.84 -18.46
CA THR A 386 34.86 -33.33 -18.62
C THR A 386 35.13 -32.44 -17.40
N VAL A 387 36.24 -32.68 -16.70
CA VAL A 387 36.64 -31.82 -15.59
C VAL A 387 37.51 -30.67 -16.11
N VAL A 388 36.92 -29.50 -16.26
CA VAL A 388 37.65 -28.38 -16.81
C VAL A 388 38.71 -27.89 -15.82
N THR A 389 38.38 -27.92 -14.53
CA THR A 389 39.34 -27.62 -13.48
C THR A 389 38.86 -28.22 -12.16
N GLY A 390 39.79 -28.36 -11.21
CA GLY A 390 39.46 -28.91 -9.91
C GLY A 390 39.11 -30.38 -9.95
N GLY A 391 38.06 -30.76 -9.24
CA GLY A 391 37.61 -32.14 -9.23
C GLY A 391 38.14 -32.99 -8.07
N GLY A 392 38.95 -32.37 -7.21
CA GLY A 392 39.55 -33.06 -6.08
C GLY A 392 39.74 -32.22 -4.82
N VAL A 393 40.73 -32.55 -4.01
CA VAL A 393 41.06 -31.74 -2.84
C VAL A 393 42.47 -31.18 -2.93
N PRO A 394 42.65 -29.91 -2.56
CA PRO A 394 43.99 -29.32 -2.66
C PRO A 394 44.90 -30.01 -1.66
N LYS A 395 46.20 -30.06 -1.96
CA LYS A 395 47.17 -30.63 -1.03
C LYS A 395 47.99 -29.48 -0.46
N PHE A 396 47.85 -29.23 0.83
CA PHE A 396 48.52 -28.10 1.46
C PHE A 396 49.88 -28.46 2.04
N ASN A 397 50.02 -29.70 2.48
CA ASN A 397 51.20 -30.15 3.17
C ASN A 397 51.44 -29.34 4.45
N ASP A 398 50.34 -29.12 5.18
CA ASP A 398 50.38 -28.56 6.53
C ASP A 398 49.06 -28.94 7.20
N GLU A 399 48.74 -28.30 8.32
CA GLU A 399 47.60 -28.72 9.15
C GLU A 399 46.26 -28.67 8.41
N ARG A 400 46.19 -27.88 7.36
CA ARG A 400 44.94 -27.76 6.59
C ARG A 400 44.58 -29.05 5.90
N ASP A 401 45.55 -29.94 5.76
CA ASP A 401 45.24 -31.26 5.20
C ASP A 401 44.36 -32.08 6.14
N GLN A 402 44.30 -31.69 7.41
CA GLN A 402 43.38 -32.29 8.40
C GLN A 402 42.01 -31.58 8.43
N GLY A 403 41.88 -30.50 7.66
CA GLY A 403 40.62 -29.78 7.56
C GLY A 403 39.69 -30.38 6.52
N ALA A 404 38.78 -29.56 6.00
CA ALA A 404 37.77 -30.08 5.06
C ALA A 404 37.69 -29.31 3.74
N TYR A 405 38.84 -29.03 3.15
CA TYR A 405 38.92 -28.29 1.88
C TYR A 405 38.60 -29.16 0.67
N VAL A 406 38.05 -28.52 -0.37
CA VAL A 406 37.99 -29.12 -1.71
C VAL A 406 38.35 -28.04 -2.72
N GLN A 407 38.62 -28.46 -3.97
CA GLN A 407 38.92 -27.53 -5.05
C GLN A 407 37.68 -26.97 -5.73
N PRO A 408 37.75 -25.70 -6.14
CA PRO A 408 36.68 -25.15 -6.97
C PRO A 408 36.69 -25.92 -8.28
N THR A 409 35.51 -26.33 -8.74
CA THR A 409 35.41 -27.31 -9.80
C THR A 409 34.43 -26.88 -10.88
N ILE A 410 34.86 -27.04 -12.14
CA ILE A 410 34.01 -26.77 -13.28
C ILE A 410 33.88 -28.03 -14.13
N TRP A 411 32.64 -28.36 -14.53
CA TRP A 411 32.38 -29.45 -15.47
C TRP A 411 31.73 -28.96 -16.77
N THR A 412 31.97 -29.68 -17.85
CA THR A 412 31.17 -29.58 -19.09
C THR A 412 30.80 -31.00 -19.54
N GLY A 413 29.93 -31.11 -20.54
CA GLY A 413 29.63 -32.39 -21.16
C GLY A 413 28.49 -33.25 -20.62
N LEU A 414 27.85 -32.83 -19.54
CA LEU A 414 26.78 -33.63 -18.94
C LEU A 414 25.45 -33.31 -19.60
N SER A 415 24.55 -34.30 -19.67
CA SER A 415 23.19 -34.07 -20.14
C SER A 415 22.38 -33.33 -19.07
N ASP A 416 21.31 -32.66 -19.48
CA ASP A 416 20.42 -31.96 -18.54
C ASP A 416 19.80 -32.92 -17.54
N LYS A 417 19.84 -34.21 -17.84
CA LYS A 417 19.27 -35.23 -16.97
C LYS A 417 20.27 -35.82 -15.99
N ALA A 418 21.55 -35.53 -16.16
CA ALA A 418 22.56 -36.04 -15.24
C ALA A 418 22.26 -35.67 -13.79
N ARG A 419 22.51 -36.59 -12.87
CA ARG A 419 22.26 -36.32 -11.46
C ARG A 419 23.04 -35.09 -10.98
N CYS A 420 24.22 -34.89 -11.54
CA CYS A 420 25.10 -33.82 -11.06
C CYS A 420 24.64 -32.45 -11.55
N VAL A 421 23.71 -32.46 -12.49
CA VAL A 421 23.15 -31.24 -13.04
C VAL A 421 21.77 -31.00 -12.41
N THR A 422 21.24 -32.00 -11.71
CA THR A 422 19.90 -31.88 -11.19
C THR A 422 19.82 -31.80 -9.67
N GLU A 423 20.78 -32.41 -8.97
CA GLU A 423 20.73 -32.45 -7.51
C GLU A 423 21.63 -31.37 -6.91
N GLU A 424 21.18 -30.78 -5.82
CA GLU A 424 21.97 -29.78 -5.13
C GLU A 424 23.20 -30.42 -4.50
N ILE A 425 24.37 -29.90 -4.85
CA ILE A 425 25.62 -30.43 -4.31
C ILE A 425 26.05 -29.60 -3.10
N PHE A 426 25.84 -28.28 -3.20
CA PHE A 426 26.21 -27.37 -2.12
C PHE A 426 27.73 -27.37 -1.89
N GLY A 427 28.47 -27.38 -2.99
CA GLY A 427 29.92 -27.18 -2.95
C GLY A 427 30.36 -26.19 -4.01
N PRO A 428 31.69 -25.96 -4.13
CA PRO A 428 32.18 -24.95 -5.08
C PRO A 428 32.30 -25.52 -6.48
N VAL A 429 31.15 -25.66 -7.13
CA VAL A 429 31.12 -26.33 -8.41
C VAL A 429 30.05 -25.76 -9.34
N CYS A 430 30.32 -25.79 -10.64
CA CYS A 430 29.29 -25.52 -11.62
C CYS A 430 29.52 -26.32 -12.90
N HIS A 431 28.43 -26.79 -13.47
CA HIS A 431 28.47 -27.38 -14.79
C HIS A 431 28.05 -26.31 -15.77
N ILE A 432 28.72 -26.28 -16.92
CA ILE A 432 28.47 -25.27 -17.94
C ILE A 432 28.06 -25.93 -19.25
N SER A 433 27.00 -25.43 -19.85
CA SER A 433 26.39 -26.06 -21.01
C SER A 433 26.04 -24.97 -22.03
N PRO A 434 26.18 -25.27 -23.34
CA PRO A 434 25.82 -24.23 -24.32
C PRO A 434 24.31 -24.21 -24.58
N PHE A 435 23.80 -23.08 -25.08
CA PHE A 435 22.45 -23.05 -25.63
C PHE A 435 22.43 -22.19 -26.90
N ASP A 436 21.36 -22.26 -27.67
CA ASP A 436 21.26 -21.50 -28.92
C ASP A 436 20.14 -20.47 -28.86
N ASP A 437 19.05 -20.83 -28.19
CA ASP A 437 17.81 -20.07 -28.30
C ASP A 437 17.29 -19.62 -26.94
N GLU A 438 16.69 -18.44 -26.89
CA GLU A 438 16.16 -17.86 -25.66
C GLU A 438 15.05 -18.70 -25.01
N ASP A 439 14.04 -19.08 -25.79
CA ASP A 439 12.97 -19.91 -25.22
C ASP A 439 13.52 -21.27 -24.79
N GLU A 440 14.46 -21.82 -25.57
CA GLU A 440 15.12 -23.08 -25.22
C GLU A 440 15.77 -22.99 -23.84
N VAL A 441 16.53 -21.92 -23.60
CA VAL A 441 17.28 -21.84 -22.35
C VAL A 441 16.37 -21.55 -21.18
N ILE A 442 15.34 -20.75 -21.41
CA ILE A 442 14.34 -20.51 -20.39
C ILE A 442 13.72 -21.83 -19.93
N ASN A 443 13.35 -22.66 -20.90
CA ASN A 443 12.75 -23.96 -20.60
C ASN A 443 13.67 -24.89 -19.84
N ARG A 444 14.96 -24.88 -20.21
CA ARG A 444 15.97 -25.68 -19.50
C ARG A 444 16.24 -25.16 -18.09
N VAL A 445 16.19 -23.84 -17.92
CA VAL A 445 16.35 -23.29 -16.57
C VAL A 445 15.20 -23.75 -15.67
N ASN A 446 13.99 -23.71 -16.22
CA ASN A 446 12.79 -24.02 -15.46
C ASN A 446 12.56 -25.50 -15.23
N ASP A 447 13.32 -26.34 -15.93
CA ASP A 447 13.13 -27.79 -15.90
C ASP A 447 13.83 -28.36 -14.67
N SER A 448 13.21 -28.16 -13.51
CA SER A 448 13.83 -28.46 -12.24
C SER A 448 12.74 -28.56 -11.20
N ASN A 449 12.93 -29.43 -10.22
CA ASN A 449 11.99 -29.50 -9.11
C ASN A 449 12.24 -28.37 -8.12
N TYR A 450 13.32 -27.62 -8.34
CA TYR A 450 13.69 -26.49 -7.49
C TYR A 450 13.32 -25.18 -8.18
N GLY A 451 13.32 -24.09 -7.42
CA GLY A 451 12.99 -22.79 -7.97
C GLY A 451 13.35 -21.64 -7.05
N LEU A 452 14.61 -21.55 -6.65
CA LEU A 452 15.04 -20.52 -5.72
C LEU A 452 15.46 -19.21 -6.40
N ALA A 453 16.60 -19.23 -7.10
CA ALA A 453 17.18 -18.04 -7.70
C ALA A 453 17.73 -18.30 -9.09
N CYS A 454 17.97 -17.22 -9.83
CA CYS A 454 18.60 -17.31 -11.14
C CYS A 454 19.32 -15.98 -11.40
N ALA A 455 20.50 -16.06 -12.01
CA ALA A 455 21.21 -14.85 -12.41
C ALA A 455 21.30 -14.83 -13.94
N ILE A 456 21.00 -13.69 -14.54
CA ILE A 456 20.96 -13.56 -15.99
C ILE A 456 21.92 -12.44 -16.37
N TRP A 457 22.73 -12.66 -17.40
CA TRP A 457 23.68 -11.69 -17.91
C TRP A 457 23.33 -11.29 -19.34
N THR A 458 23.00 -10.01 -19.54
CA THR A 458 22.67 -9.47 -20.88
C THR A 458 22.74 -7.94 -20.81
N THR A 459 23.12 -7.29 -21.90
CA THR A 459 23.15 -5.83 -21.92
C THR A 459 21.90 -5.29 -22.62
N ASN A 460 21.02 -6.20 -23.03
CA ASN A 460 19.86 -5.81 -23.80
C ASN A 460 18.63 -5.53 -22.93
N LEU A 461 18.07 -4.34 -23.09
CA LEU A 461 16.97 -3.87 -22.25
C LEU A 461 15.75 -4.80 -22.26
N SER A 462 15.23 -5.09 -23.45
CA SER A 462 14.04 -5.95 -23.57
C SER A 462 14.31 -7.36 -23.04
N ARG A 463 15.48 -7.89 -23.38
CA ARG A 463 15.85 -9.26 -23.04
C ARG A 463 15.89 -9.38 -21.51
N ALA A 464 16.41 -8.36 -20.82
CA ALA A 464 16.49 -8.43 -19.36
C ALA A 464 15.10 -8.61 -18.74
N HIS A 465 14.16 -7.77 -19.14
CA HIS A 465 12.81 -7.85 -18.56
C HIS A 465 11.97 -9.00 -19.07
N ARG A 466 12.05 -9.28 -20.37
CA ARG A 466 11.30 -10.38 -21.01
C ARG A 466 11.71 -11.73 -20.44
N VAL A 467 13.00 -11.96 -20.32
CA VAL A 467 13.51 -13.24 -19.85
C VAL A 467 13.29 -13.43 -18.36
N SER A 468 13.58 -12.40 -17.58
CA SER A 468 13.48 -12.52 -16.12
C SER A 468 12.10 -12.93 -15.63
N ARG A 469 11.06 -12.39 -16.24
CA ARG A 469 9.71 -12.62 -15.77
C ARG A 469 9.27 -14.05 -16.09
N GLN A 470 10.00 -14.71 -16.99
CA GLN A 470 9.65 -16.07 -17.37
C GLN A 470 10.41 -17.14 -16.59
N ILE A 471 11.32 -16.72 -15.71
CA ILE A 471 12.07 -17.68 -14.89
C ILE A 471 11.26 -18.05 -13.67
N HIS A 472 11.06 -19.35 -13.46
CA HIS A 472 10.17 -19.81 -12.40
C HIS A 472 10.95 -19.97 -11.10
N VAL A 473 11.30 -18.82 -10.50
CA VAL A 473 12.10 -18.78 -9.29
C VAL A 473 11.61 -17.59 -8.49
N GLY A 474 11.99 -17.53 -7.21
CA GLY A 474 11.57 -16.41 -6.38
C GLY A 474 12.39 -15.15 -6.63
N LEU A 475 13.64 -15.32 -7.07
CA LEU A 475 14.58 -14.21 -7.16
C LEU A 475 15.42 -14.30 -8.42
N VAL A 476 15.36 -13.26 -9.24
CA VAL A 476 16.21 -13.16 -10.41
C VAL A 476 17.09 -11.94 -10.25
N TRP A 477 18.38 -12.08 -10.60
CA TRP A 477 19.29 -10.93 -10.71
C TRP A 477 19.70 -10.77 -12.14
N VAL A 478 19.81 -9.52 -12.59
CA VAL A 478 20.33 -9.25 -13.93
C VAL A 478 21.65 -8.49 -13.80
N ASN A 479 22.73 -9.08 -14.34
CA ASN A 479 24.07 -8.47 -14.32
C ASN A 479 24.59 -8.26 -12.92
N THR A 480 24.25 -9.19 -12.04
CA THR A 480 24.81 -9.21 -10.69
C THR A 480 24.37 -10.54 -10.07
N TRP A 481 24.71 -10.73 -8.80
CA TRP A 481 24.26 -11.88 -8.06
C TRP A 481 24.29 -11.59 -6.57
N TYR A 482 23.29 -12.09 -5.85
CA TYR A 482 23.17 -11.87 -4.40
C TYR A 482 23.28 -10.39 -3.96
N LEU A 483 22.66 -9.51 -4.73
CA LEU A 483 22.45 -8.12 -4.33
C LEU A 483 21.12 -8.06 -3.56
N ARG A 484 21.15 -7.68 -2.28
CA ARG A 484 19.95 -7.77 -1.44
C ARG A 484 19.34 -6.44 -1.02
N ASP A 485 18.06 -6.25 -1.30
CA ASP A 485 17.30 -5.20 -0.65
C ASP A 485 16.37 -5.87 0.36
N LEU A 486 16.59 -5.59 1.63
CA LEU A 486 15.89 -6.29 2.71
C LEU A 486 14.36 -6.04 2.76
N ARG A 487 13.89 -5.05 2.00
CA ARG A 487 12.45 -4.80 1.87
C ARG A 487 11.75 -5.71 0.85
N THR A 488 12.53 -6.36 -0.01
CA THR A 488 11.94 -7.18 -1.06
C THR A 488 11.42 -8.51 -0.52
N PRO A 489 10.45 -9.12 -1.22
CA PRO A 489 10.04 -10.49 -0.90
C PRO A 489 11.12 -11.46 -1.29
N PHE A 490 11.38 -12.44 -0.43
CA PHE A 490 12.45 -13.38 -0.66
C PHE A 490 11.92 -14.79 -0.36
N GLY A 491 12.13 -15.70 -1.30
CA GLY A 491 11.67 -17.07 -1.12
C GLY A 491 11.80 -17.81 -2.42
N GLY A 492 11.36 -19.08 -2.45
CA GLY A 492 11.47 -19.88 -3.65
C GLY A 492 10.15 -20.52 -4.02
N VAL A 493 10.11 -21.13 -5.21
CA VAL A 493 8.92 -21.86 -5.66
C VAL A 493 9.25 -23.34 -5.72
N LYS A 494 8.22 -24.17 -5.89
CA LYS A 494 8.40 -25.61 -5.97
C LYS A 494 9.06 -26.18 -4.71
N LEU A 495 10.10 -27.00 -4.88
CA LEU A 495 10.78 -27.59 -3.73
C LEU A 495 11.66 -26.59 -2.95
N SER A 496 11.82 -25.38 -3.46
CA SER A 496 12.74 -24.42 -2.85
C SER A 496 12.11 -23.59 -1.72
N GLY A 497 10.80 -23.74 -1.53
CA GLY A 497 10.19 -22.97 -0.48
C GLY A 497 8.68 -22.96 -0.41
N LEU A 498 8.23 -22.36 0.68
CA LEU A 498 6.84 -22.13 0.95
C LEU A 498 6.83 -20.76 1.58
N GLY A 499 6.00 -19.86 1.06
CA GLY A 499 5.86 -18.55 1.66
C GLY A 499 6.93 -17.57 1.24
N ARG A 500 6.76 -16.32 1.64
CA ARG A 500 7.75 -15.28 1.39
C ARG A 500 8.12 -14.58 2.71
N GLU A 501 9.38 -14.19 2.84
CA GLU A 501 9.81 -13.31 3.92
C GLU A 501 10.52 -12.09 3.33
N GLY A 502 10.78 -11.09 4.16
CA GLY A 502 11.35 -9.84 3.70
C GLY A 502 10.26 -8.79 3.73
N GLY A 503 10.62 -7.56 4.11
CA GLY A 503 9.69 -6.44 4.09
C GLY A 503 8.34 -6.71 4.73
N ARG A 504 7.28 -6.35 4.01
CA ARG A 504 5.94 -6.52 4.55
C ARG A 504 5.57 -7.99 4.68
N PHE A 505 6.24 -8.84 3.90
CA PHE A 505 6.00 -10.28 3.95
C PHE A 505 6.41 -10.88 5.29
N SER A 506 7.51 -10.40 5.86
CA SER A 506 7.88 -10.81 7.20
C SER A 506 6.91 -10.22 8.22
N MET A 507 6.53 -8.95 8.03
CA MET A 507 5.62 -8.29 8.97
C MET A 507 4.29 -9.04 9.04
N ASP A 508 3.86 -9.61 7.90
CA ASP A 508 2.64 -10.44 7.88
C ASP A 508 2.87 -11.83 8.46
N PHE A 509 3.97 -12.50 8.10
CA PHE A 509 4.16 -13.87 8.57
C PHE A 509 4.36 -13.95 10.09
N TYR A 510 5.11 -13.00 10.65
CA TYR A 510 5.39 -13.06 12.09
C TYR A 510 4.31 -12.37 12.92
N SER A 511 3.21 -11.99 12.28
CA SER A 511 2.08 -11.39 12.99
C SER A 511 0.81 -12.19 12.84
N ASP A 512 -0.01 -12.12 13.87
CA ASP A 512 -1.42 -12.44 13.75
C ASP A 512 -2.09 -11.27 13.05
N ILE A 513 -2.59 -11.47 11.83
CA ILE A 513 -3.45 -10.46 11.21
C ILE A 513 -4.89 -10.72 11.61
N ALA A 514 -5.47 -9.78 12.34
CA ALA A 514 -6.84 -9.95 12.79
C ALA A 514 -7.73 -8.85 12.22
N ASN A 515 -8.94 -9.25 11.80
CA ASN A 515 -9.95 -8.31 11.29
C ASN A 515 -11.04 -8.00 12.33
N ILE A 516 -11.24 -6.73 12.61
CA ILE A 516 -12.27 -6.31 13.54
C ILE A 516 -13.36 -5.52 12.81
N CYS A 517 -14.56 -6.06 12.84
CA CYS A 517 -15.69 -5.48 12.15
C CYS A 517 -16.71 -4.86 13.10
N ILE A 518 -16.91 -3.55 12.95
CA ILE A 518 -17.82 -2.82 13.81
C ILE A 518 -19.05 -2.29 13.05
N LYS A 519 -20.22 -2.79 13.43
CA LYS A 519 -21.49 -2.32 12.88
C LYS A 519 -21.80 -0.97 13.50
N ILE A 520 -22.06 0.02 12.65
CA ILE A 520 -22.29 1.38 13.15
C ILE A 520 -23.77 1.66 13.30
N SER B 38 22.49 38.92 23.08
CA SER B 38 22.38 37.76 22.21
C SER B 38 22.07 38.17 20.78
N GLN B 39 22.51 37.37 19.82
CA GLN B 39 22.35 37.71 18.40
C GLN B 39 22.03 36.49 17.55
N LEU B 40 21.07 36.66 16.64
CA LEU B 40 20.65 35.58 15.74
C LEU B 40 20.95 35.91 14.29
N LEU B 41 21.84 35.14 13.69
CA LEU B 41 22.27 35.37 12.31
C LEU B 41 21.54 34.46 11.33
N ASN B 42 21.53 34.87 10.08
CA ASN B 42 21.09 33.98 9.01
C ASN B 42 22.15 32.91 8.79
N TYR B 43 21.76 31.79 8.19
CA TYR B 43 22.70 30.73 7.86
C TYR B 43 22.60 30.42 6.37
N ILE B 44 23.61 30.80 5.60
CA ILE B 44 23.56 30.72 4.14
C ILE B 44 24.84 30.12 3.57
N ASP B 45 24.68 29.11 2.71
CA ASP B 45 25.83 28.47 2.07
C ASP B 45 26.89 28.03 3.08
N GLY B 46 26.43 27.56 4.23
CA GLY B 46 27.33 26.99 5.22
C GLY B 46 27.91 28.01 6.15
N ASN B 47 27.50 29.26 5.99
CA ASN B 47 28.01 30.33 6.84
C ASN B 47 26.92 31.15 7.53
N PHE B 48 27.13 31.42 8.82
CA PHE B 48 26.32 32.41 9.53
C PHE B 48 26.70 33.80 9.05
N VAL B 49 25.70 34.61 8.74
CA VAL B 49 25.95 35.95 8.21
C VAL B 49 24.99 36.93 8.86
N THR B 50 25.44 38.18 8.96
CA THR B 50 24.60 39.26 9.48
C THR B 50 23.92 39.96 8.31
N SER B 51 23.25 41.08 8.61
CA SER B 51 22.52 41.83 7.60
C SER B 51 22.58 43.33 7.84
N ALA B 52 22.17 44.09 6.81
CA ALA B 52 22.00 45.53 6.92
C ALA B 52 20.97 45.90 7.99
N SER B 53 19.87 45.16 8.02
CA SER B 53 18.76 45.45 8.93
C SER B 53 18.71 44.45 10.08
N SER B 54 18.36 44.94 11.26
CA SER B 54 18.16 44.06 12.40
C SER B 54 16.88 44.44 13.16
N PHE B 55 16.24 43.44 13.77
CA PHE B 55 15.07 43.71 14.59
C PHE B 55 15.15 43.00 15.94
N ALA B 56 14.20 43.32 16.80
CA ALA B 56 14.27 42.86 18.18
C ALA B 56 13.44 41.61 18.43
N ASN B 57 14.01 40.72 19.23
CA ASN B 57 13.36 39.54 19.78
C ASN B 57 12.95 39.87 21.22
N ILE B 58 11.64 39.88 21.52
CA ILE B 58 11.15 40.38 22.81
C ILE B 58 10.47 39.34 23.70
N ASN B 59 10.99 39.11 24.90
CA ASN B 59 10.37 38.19 25.83
C ASN B 59 8.96 38.62 26.27
N PRO B 60 7.93 37.83 25.93
CA PRO B 60 6.53 38.16 26.28
C PRO B 60 6.23 38.07 27.77
N VAL B 61 7.11 37.46 28.54
CA VAL B 61 6.88 37.34 29.97
C VAL B 61 7.05 38.69 30.67
N ASN B 62 8.06 39.46 30.25
CA ASN B 62 8.37 40.72 30.91
C ASN B 62 8.70 41.90 29.98
N GLY B 63 8.55 41.70 28.66
CA GLY B 63 8.84 42.76 27.70
C GLY B 63 10.31 43.09 27.49
N LYS B 64 11.20 42.33 28.10
CA LYS B 64 12.63 42.57 27.95
C LYS B 64 13.18 42.05 26.62
N LEU B 65 14.19 42.72 26.11
CA LEU B 65 14.89 42.32 24.91
C LEU B 65 15.60 40.98 25.11
N ILE B 66 15.39 40.02 24.21
CA ILE B 66 16.10 38.75 24.27
C ILE B 66 17.35 38.77 23.38
N SER B 67 17.22 39.33 22.18
CA SER B 67 18.31 39.34 21.22
C SER B 67 18.03 40.24 20.03
N ASP B 68 19.05 40.47 19.22
CA ASP B 68 18.84 41.13 17.94
C ASP B 68 18.86 40.08 16.83
N VAL B 69 18.00 40.28 15.83
CA VAL B 69 17.86 39.35 14.73
C VAL B 69 18.10 40.07 13.42
N PHE B 70 19.03 39.56 12.63
CA PHE B 70 19.34 40.17 11.35
C PHE B 70 18.31 39.79 10.31
N GLU B 71 17.74 40.82 9.68
CA GLU B 71 16.75 40.64 8.63
C GLU B 71 17.44 40.47 7.28
N ALA B 72 17.27 39.29 6.68
CA ALA B 72 17.84 39.04 5.36
C ALA B 72 17.11 39.86 4.29
N ASP B 73 17.87 40.46 3.37
CA ASP B 73 17.28 41.21 2.27
C ASP B 73 17.12 40.34 1.03
N ALA B 74 16.63 40.95 -0.05
CA ALA B 74 16.38 40.20 -1.28
C ALA B 74 17.66 39.57 -1.82
N LYS B 75 18.76 40.31 -1.72
CA LYS B 75 20.04 39.83 -2.20
C LYS B 75 20.42 38.53 -1.50
N GLN B 76 20.20 38.51 -0.20
CA GLN B 76 20.57 37.36 0.61
C GLN B 76 19.63 36.17 0.39
N VAL B 77 18.33 36.46 0.25
CA VAL B 77 17.37 35.41 -0.09
C VAL B 77 17.77 34.76 -1.42
N ASN B 78 18.09 35.59 -2.40
CA ASN B 78 18.60 35.07 -3.66
C ASN B 78 19.84 34.22 -3.42
N GLU B 79 20.73 34.72 -2.58
CA GLU B 79 21.95 33.98 -2.29
C GLU B 79 21.61 32.60 -1.67
N ALA B 80 20.60 32.56 -0.83
CA ALA B 80 20.20 31.30 -0.18
C ALA B 80 19.66 30.28 -1.19
N VAL B 81 18.72 30.73 -2.03
CA VAL B 81 18.15 29.87 -3.07
C VAL B 81 19.18 29.31 -4.06
N VAL B 82 20.10 30.15 -4.53
CA VAL B 82 21.15 29.71 -5.45
C VAL B 82 22.04 28.66 -4.79
N ALA B 83 22.40 28.94 -3.54
CA ALA B 83 23.19 28.01 -2.75
C ALA B 83 22.47 26.67 -2.64
N ALA B 84 21.16 26.72 -2.39
CA ALA B 84 20.36 25.53 -2.26
C ALA B 84 20.29 24.76 -3.58
N GLN B 85 20.11 25.49 -4.67
CA GLN B 85 20.08 24.87 -5.99
C GLN B 85 21.38 24.16 -6.27
N ASN B 86 22.49 24.85 -6.05
CA ASN B 86 23.82 24.30 -6.28
C ASN B 86 24.11 23.07 -5.43
N ALA B 87 23.65 23.11 -4.18
CA ALA B 87 23.88 22.01 -3.23
C ALA B 87 23.24 20.70 -3.69
N LEU B 88 22.18 20.81 -4.47
CA LEU B 88 21.58 19.64 -5.09
C LEU B 88 22.58 18.90 -5.98
N LYS B 89 23.58 19.62 -6.49
CA LYS B 89 24.57 19.05 -7.40
C LYS B 89 25.88 18.72 -6.71
N GLY B 90 25.94 18.99 -5.40
CA GLY B 90 27.13 18.69 -4.63
C GLY B 90 27.03 17.32 -3.98
N PRO B 91 27.84 17.09 -2.93
CA PRO B 91 27.86 15.89 -2.09
C PRO B 91 26.47 15.46 -1.58
N TRP B 92 25.61 16.43 -1.24
CA TRP B 92 24.27 16.10 -0.76
C TRP B 92 23.56 15.20 -1.75
N GLY B 93 23.57 15.64 -3.01
CA GLY B 93 22.87 14.95 -4.08
C GLY B 93 23.40 13.57 -4.42
N LYS B 94 24.53 13.20 -3.82
CA LYS B 94 25.18 11.93 -4.11
C LYS B 94 24.99 10.89 -3.02
N LEU B 95 24.45 11.32 -1.87
CA LEU B 95 24.23 10.41 -0.76
C LEU B 95 23.18 9.38 -1.11
N SER B 96 23.37 8.15 -0.65
CA SER B 96 22.33 7.14 -0.78
C SER B 96 21.23 7.53 0.19
N VAL B 97 20.04 6.99 -0.03
CA VAL B 97 18.94 7.25 0.88
C VAL B 97 19.37 6.83 2.27
N GLN B 98 20.04 5.68 2.38
CA GLN B 98 20.53 5.20 3.68
C GLN B 98 21.45 6.20 4.39
N ASP B 99 22.42 6.73 3.66
CA ASP B 99 23.38 7.65 4.26
C ASP B 99 22.72 9.00 4.56
N ARG B 100 21.81 9.40 3.70
CA ARG B 100 21.07 10.62 3.95
C ARG B 100 20.28 10.48 5.25
N ALA B 101 19.67 9.32 5.44
CA ALA B 101 18.88 9.04 6.62
C ALA B 101 19.72 9.01 7.89
N ALA B 102 20.92 8.46 7.80
CA ALA B 102 21.82 8.42 8.96
C ALA B 102 22.20 9.84 9.39
N LEU B 103 22.52 10.68 8.42
CA LEU B 103 22.79 12.09 8.67
C LEU B 103 21.62 12.79 9.39
N ILE B 104 20.40 12.57 8.89
CA ILE B 104 19.23 13.17 9.53
C ILE B 104 19.06 12.70 10.98
N HIS B 105 19.32 11.42 11.23
CA HIS B 105 19.36 10.92 12.61
C HIS B 105 20.45 11.63 13.45
N LYS B 106 21.55 11.98 12.81
CA LYS B 106 22.60 12.72 13.52
C LYS B 106 22.12 14.13 13.87
N ILE B 107 21.33 14.73 12.98
CA ILE B 107 20.71 16.02 13.28
C ILE B 107 19.85 15.91 14.53
N ALA B 108 19.02 14.87 14.58
CA ALA B 108 18.20 14.63 15.74
C ALA B 108 19.04 14.41 16.99
N ASP B 109 20.15 13.69 16.84
CA ASP B 109 21.12 13.50 17.93
C ASP B 109 21.63 14.82 18.45
N GLY B 110 21.98 15.71 17.52
CA GLY B 110 22.47 17.03 17.86
C GLY B 110 21.50 17.89 18.65
N ILE B 111 20.20 17.68 18.45
CA ILE B 111 19.19 18.44 19.19
C ILE B 111 19.04 17.81 20.57
N GLN B 112 19.06 16.48 20.60
CA GLN B 112 19.01 15.77 21.85
C GLN B 112 20.19 16.17 22.74
N ALA B 113 21.38 16.28 22.15
CA ALA B 113 22.59 16.62 22.91
C ALA B 113 22.55 18.03 23.48
N ARG B 114 21.71 18.89 22.90
CA ARG B 114 21.56 20.26 23.36
C ARG B 114 20.14 20.51 23.82
N PHE B 115 19.51 19.46 24.34
CA PHE B 115 18.09 19.48 24.64
C PHE B 115 17.68 20.71 25.45
N GLU B 116 18.37 20.96 26.55
CA GLU B 116 17.97 22.00 27.47
C GLU B 116 18.15 23.40 26.89
N GLU B 117 19.19 23.57 26.06
CA GLU B 117 19.44 24.83 25.36
C GLU B 117 18.28 25.10 24.43
N PHE B 118 17.78 24.05 23.81
CA PHE B 118 16.65 24.18 22.91
C PHE B 118 15.37 24.52 23.68
N VAL B 119 15.17 23.85 24.81
CA VAL B 119 14.05 24.19 25.68
C VAL B 119 14.14 25.68 26.06
N ALA B 120 15.32 26.11 26.51
CA ALA B 120 15.51 27.49 26.94
C ALA B 120 15.15 28.49 25.85
N ALA B 121 15.61 28.23 24.62
CA ALA B 121 15.32 29.08 23.47
C ALA B 121 13.83 29.20 23.14
N GLU B 122 13.13 28.06 23.05
CA GLU B 122 11.70 28.07 22.74
C GLU B 122 10.92 28.84 23.79
N VAL B 123 11.28 28.60 25.05
CA VAL B 123 10.63 29.23 26.20
C VAL B 123 10.84 30.75 26.18
N ALA B 124 12.09 31.15 26.00
CA ALA B 124 12.45 32.57 25.98
C ALA B 124 11.65 33.36 24.94
N ASP B 125 11.65 32.87 23.70
CA ASP B 125 10.89 33.49 22.62
C ASP B 125 9.40 33.60 22.94
N THR B 126 8.82 32.60 23.58
CA THR B 126 7.35 32.53 23.55
C THR B 126 6.68 32.57 24.90
N GLY B 127 7.44 32.37 25.98
CA GLY B 127 6.84 32.29 27.30
C GLY B 127 6.10 31.00 27.61
N ARG B 128 6.23 29.99 26.75
CA ARG B 128 5.52 28.72 26.97
C ARG B 128 6.01 28.07 28.26
N PRO B 129 5.15 27.31 28.93
CA PRO B 129 5.60 26.63 30.14
C PRO B 129 6.80 25.73 29.83
N VAL B 130 7.78 25.70 30.72
CA VAL B 130 8.97 24.89 30.51
C VAL B 130 8.60 23.43 30.34
N HIS B 131 7.62 22.99 31.12
CA HIS B 131 7.15 21.61 31.07
C HIS B 131 6.63 21.23 29.68
N GLN B 132 5.98 22.17 29.02
CA GLN B 132 5.38 21.91 27.71
C GLN B 132 6.49 21.83 26.67
N ALA B 133 7.48 22.69 26.81
CA ALA B 133 8.64 22.68 25.92
C ALA B 133 9.44 21.40 26.06
N ARG B 134 9.49 20.86 27.28
CA ARG B 134 10.25 19.63 27.54
C ARG B 134 9.53 18.36 27.13
N THR B 135 8.19 18.39 27.09
CA THR B 135 7.44 17.19 26.79
C THR B 135 6.76 17.21 25.43
N LEU B 136 6.53 18.40 24.89
CA LEU B 136 5.87 18.51 23.60
C LEU B 136 6.79 19.08 22.53
N ASP B 137 7.15 20.34 22.68
CA ASP B 137 7.86 21.07 21.64
C ASP B 137 9.18 20.43 21.23
N ILE B 138 10.14 20.33 22.15
CA ILE B 138 11.44 19.82 21.75
C ILE B 138 11.45 18.32 21.39
N PRO B 139 10.78 17.47 22.20
CA PRO B 139 10.76 16.06 21.82
C PRO B 139 10.12 15.82 20.45
N ARG B 140 9.04 16.53 20.12
CA ARG B 140 8.40 16.36 18.80
C ARG B 140 9.31 16.80 17.66
N ALA B 141 10.13 17.81 17.88
CA ALA B 141 11.08 18.25 16.85
C ALA B 141 12.08 17.14 16.55
N ILE B 142 12.57 16.49 17.59
CA ILE B 142 13.54 15.40 17.43
C ILE B 142 12.85 14.24 16.73
N ALA B 143 11.62 13.94 17.15
CA ALA B 143 10.82 12.87 16.56
C ALA B 143 10.50 13.14 15.09
N ASN B 144 10.33 14.42 14.74
CA ASN B 144 10.05 14.78 13.36
C ASN B 144 11.15 14.28 12.45
N PHE B 145 12.39 14.61 12.81
CA PHE B 145 13.54 14.23 12.01
C PHE B 145 13.67 12.70 11.96
N ARG B 146 13.56 12.06 13.12
CA ARG B 146 13.71 10.61 13.20
C ARG B 146 12.65 9.86 12.40
N THR B 147 11.42 10.34 12.47
CA THR B 147 10.32 9.64 11.82
C THR B 147 10.43 9.70 10.32
N PHE B 148 10.79 10.86 9.79
CA PHE B 148 10.88 11.01 8.35
C PHE B 148 12.14 10.38 7.78
N ALA B 149 13.21 10.35 8.58
CA ALA B 149 14.40 9.57 8.23
C ALA B 149 14.02 8.09 8.08
N ASP B 150 13.27 7.57 9.05
CA ASP B 150 12.83 6.18 8.98
C ASP B 150 11.87 5.92 7.81
N LEU B 151 11.01 6.90 7.53
CA LEU B 151 10.06 6.75 6.44
C LEU B 151 10.83 6.66 5.13
N ALA B 152 11.83 7.51 4.98
CA ALA B 152 12.67 7.52 3.80
C ALA B 152 13.33 6.17 3.60
N LYS B 153 13.80 5.59 4.69
CA LYS B 153 14.49 4.31 4.61
C LYS B 153 13.58 3.17 4.22
N THR B 154 12.32 3.20 4.65
CA THR B 154 11.43 2.08 4.42
C THR B 154 10.51 2.27 3.21
N SER B 155 10.34 3.51 2.74
CA SER B 155 9.37 3.76 1.68
C SER B 155 9.76 3.17 0.33
N HIS B 156 8.78 2.72 -0.42
CA HIS B 156 9.02 2.29 -1.80
C HIS B 156 7.92 2.83 -2.69
N THR B 157 8.04 2.53 -3.98
CA THR B 157 7.10 3.03 -4.96
C THR B 157 6.48 1.85 -5.70
N ASP B 158 5.94 2.10 -6.90
CA ASP B 158 5.01 1.15 -7.50
C ASP B 158 5.46 0.58 -8.83
N LEU B 159 4.94 -0.60 -9.13
CA LEU B 159 5.25 -1.34 -10.34
C LEU B 159 3.91 -1.75 -10.92
N PHE B 160 3.68 -1.37 -12.17
CA PHE B 160 2.45 -1.68 -12.90
C PHE B 160 2.84 -2.41 -14.15
N GLU B 161 2.32 -3.62 -14.35
CA GLU B 161 2.55 -4.32 -15.61
C GLU B 161 1.35 -4.09 -16.51
N MET B 162 1.56 -4.13 -17.81
CA MET B 162 0.44 -4.02 -18.74
C MET B 162 0.68 -4.79 -20.03
N SER B 163 -0.41 -5.20 -20.67
CA SER B 163 -0.34 -5.83 -21.99
C SER B 163 -0.33 -4.80 -23.11
N THR B 164 0.24 -5.18 -24.25
CA THR B 164 0.30 -4.32 -25.43
C THR B 164 -0.12 -5.10 -26.68
N SER B 165 -0.45 -4.37 -27.76
CA SER B 165 -0.88 -4.97 -29.03
C SER B 165 0.00 -6.11 -29.50
N ASP B 166 1.30 -5.88 -29.55
CA ASP B 166 2.21 -6.89 -30.08
C ASP B 166 2.39 -8.10 -29.16
N GLY B 167 1.88 -8.00 -27.95
CA GLY B 167 1.94 -9.11 -27.01
C GLY B 167 3.24 -9.24 -26.21
N SER B 168 4.08 -8.21 -26.26
CA SER B 168 5.34 -8.26 -25.53
C SER B 168 5.24 -7.58 -24.17
N GLY B 169 4.27 -6.68 -24.02
CA GLY B 169 4.01 -6.05 -22.73
C GLY B 169 4.83 -4.80 -22.47
N ALA B 170 4.56 -4.19 -21.32
CA ALA B 170 5.28 -3.00 -20.91
C ALA B 170 5.31 -2.93 -19.39
N LEU B 171 6.32 -2.24 -18.86
CA LEU B 171 6.44 -2.03 -17.41
C LEU B 171 6.36 -0.55 -17.10
N ASN B 172 5.48 -0.18 -16.19
CA ASN B 172 5.52 1.16 -15.66
C ASN B 172 6.01 1.12 -14.24
N TYR B 173 7.06 1.87 -13.94
CA TYR B 173 7.47 1.99 -12.55
C TYR B 173 7.64 3.45 -12.14
N THR B 174 7.36 3.73 -10.88
CA THR B 174 7.47 5.09 -10.39
C THR B 174 8.69 5.20 -9.52
N VAL B 175 9.23 6.41 -9.47
CA VAL B 175 10.32 6.70 -8.55
C VAL B 175 10.05 8.03 -7.84
N ARG B 176 10.59 8.15 -6.63
CA ARG B 176 10.59 9.39 -5.88
C ARG B 176 11.95 10.04 -6.04
N LYS B 177 11.97 11.29 -6.50
CA LYS B 177 13.21 12.04 -6.60
C LYS B 177 13.00 13.31 -5.80
N PRO B 178 14.10 14.01 -5.44
CA PRO B 178 13.92 15.30 -4.77
C PRO B 178 13.11 16.22 -5.66
N LEU B 179 12.23 17.00 -5.06
CA LEU B 179 11.48 18.00 -5.78
C LEU B 179 12.42 19.14 -6.23
N GLY B 180 13.38 19.49 -5.37
CA GLY B 180 14.29 20.59 -5.63
C GLY B 180 14.54 21.44 -4.39
N VAL B 181 14.39 22.75 -4.53
CA VAL B 181 14.54 23.64 -3.38
C VAL B 181 13.19 23.89 -2.72
N ILE B 182 13.06 23.55 -1.45
CA ILE B 182 11.81 23.78 -0.75
C ILE B 182 11.91 25.06 0.04
N GLY B 183 10.97 25.97 -0.19
CA GLY B 183 10.86 27.14 0.66
C GLY B 183 9.93 26.81 1.81
N VAL B 184 10.36 27.09 3.02
CA VAL B 184 9.61 26.79 4.22
C VAL B 184 9.33 28.07 4.99
N ILE B 185 8.07 28.30 5.32
CA ILE B 185 7.71 29.48 6.10
C ILE B 185 6.80 29.06 7.22
N SER B 186 7.18 29.39 8.45
CA SER B 186 6.54 28.81 9.64
C SER B 186 6.07 29.85 10.66
N PRO B 187 5.09 29.49 11.51
CA PRO B 187 4.51 30.46 12.43
C PRO B 187 5.14 30.35 13.83
N TRP B 188 4.55 31.02 14.82
CA TRP B 188 5.18 31.12 16.14
C TRP B 188 4.45 30.35 17.23
N ASP B 189 3.35 29.69 16.91
CA ASP B 189 2.60 29.02 17.98
C ASP B 189 3.34 27.77 18.50
N LEU B 190 3.85 26.94 17.59
CA LEU B 190 4.73 25.81 17.95
C LEU B 190 5.99 25.90 17.11
N PRO B 191 6.89 26.81 17.47
CA PRO B 191 8.03 27.21 16.62
C PRO B 191 8.89 26.06 16.08
N LEU B 192 9.62 25.34 16.93
CA LEU B 192 10.52 24.30 16.43
C LEU B 192 9.76 23.08 15.90
N LEU B 193 8.62 22.78 16.50
CA LEU B 193 7.82 21.63 16.09
C LEU B 193 7.33 21.78 14.64
N LEU B 194 6.78 22.96 14.31
CA LEU B 194 6.21 23.19 13.00
C LEU B 194 7.29 23.46 11.96
N PHE B 195 8.36 24.10 12.40
CA PHE B 195 9.52 24.36 11.55
C PHE B 195 10.13 23.04 11.11
N THR B 196 10.35 22.15 12.07
CA THR B 196 10.96 20.86 11.74
C THR B 196 9.96 19.90 11.10
N TRP B 197 8.66 20.13 11.33
CA TRP B 197 7.61 19.37 10.67
C TRP B 197 7.71 19.50 9.14
N LYS B 198 8.23 20.63 8.66
CA LYS B 198 8.41 20.83 7.21
C LYS B 198 9.85 20.52 6.79
N VAL B 199 10.82 20.93 7.60
CA VAL B 199 12.23 20.73 7.28
C VAL B 199 12.65 19.25 7.23
N ALA B 200 12.18 18.47 8.20
CA ALA B 200 12.54 17.05 8.24
C ALA B 200 12.15 16.25 6.96
N PRO B 201 10.87 16.33 6.54
CA PRO B 201 10.53 15.56 5.33
C PRO B 201 11.20 16.09 4.08
N ALA B 202 11.42 17.40 4.03
CA ALA B 202 12.11 18.01 2.89
C ALA B 202 13.50 17.41 2.73
N LEU B 203 14.26 17.40 3.82
CA LEU B 203 15.62 16.82 3.80
C LEU B 203 15.61 15.31 3.61
N ALA B 204 14.64 14.62 4.22
CA ALA B 204 14.51 13.18 4.08
C ALA B 204 14.22 12.78 2.63
N CYS B 205 13.54 13.65 1.90
CA CYS B 205 13.28 13.38 0.47
C CYS B 205 14.39 13.89 -0.45
N GLY B 206 15.50 14.34 0.14
CA GLY B 206 16.66 14.70 -0.64
C GLY B 206 16.66 16.11 -1.21
N ASN B 207 15.68 16.91 -0.82
CA ASN B 207 15.62 18.31 -1.20
C ASN B 207 16.65 19.13 -0.42
N THR B 208 16.80 20.39 -0.84
CA THR B 208 17.56 21.38 -0.09
C THR B 208 16.58 22.46 0.35
N VAL B 209 16.95 23.27 1.34
CA VAL B 209 15.94 24.08 2.05
C VAL B 209 16.36 25.55 2.25
N VAL B 210 15.41 26.45 2.00
CA VAL B 210 15.52 27.84 2.45
C VAL B 210 14.33 28.08 3.35
N ALA B 211 14.60 28.32 4.64
CA ALA B 211 13.57 28.30 5.67
C ALA B 211 13.51 29.61 6.44
N LYS B 212 12.31 30.13 6.60
CA LYS B 212 12.09 31.45 7.21
C LYS B 212 11.13 31.29 8.40
N PRO B 213 11.69 31.26 9.61
CA PRO B 213 10.86 31.09 10.81
C PRO B 213 10.19 32.40 11.17
N SER B 214 9.15 32.35 12.00
CA SER B 214 8.43 33.56 12.37
C SER B 214 9.35 34.55 13.06
N GLU B 215 9.11 35.84 12.80
CA GLU B 215 9.85 36.93 13.44
C GLU B 215 9.65 36.90 14.95
N GLU B 216 8.54 36.33 15.38
CA GLU B 216 8.25 36.25 16.81
C GLU B 216 9.04 35.13 17.46
N SER B 217 9.59 34.18 16.70
CA SER B 217 10.16 33.02 17.38
C SER B 217 11.36 32.45 16.66
N PRO B 218 12.44 33.24 16.56
CA PRO B 218 13.55 32.91 15.68
C PRO B 218 14.67 32.09 16.34
N SER B 219 14.57 31.85 17.64
CA SER B 219 15.70 31.28 18.37
C SER B 219 16.00 29.82 18.04
N SER B 220 15.01 28.96 18.23
CA SER B 220 15.24 27.52 18.14
C SER B 220 15.66 27.14 16.73
N ALA B 221 15.09 27.85 15.76
CA ALA B 221 15.47 27.60 14.37
C ALA B 221 16.95 27.93 14.17
N THR B 222 17.43 28.98 14.82
CA THR B 222 18.83 29.39 14.71
C THR B 222 19.77 28.37 15.36
N LEU B 223 19.37 27.88 16.53
CA LEU B 223 20.08 26.79 17.17
C LEU B 223 20.08 25.54 16.27
N LEU B 224 18.96 25.30 15.58
CA LEU B 224 18.90 24.20 14.62
C LEU B 224 19.99 24.35 13.54
N ALA B 225 20.22 25.58 13.08
CA ALA B 225 21.26 25.81 12.09
C ALA B 225 22.64 25.41 12.63
N GLU B 226 22.87 25.67 13.92
CA GLU B 226 24.13 25.25 14.56
C GLU B 226 24.27 23.75 14.59
N VAL B 227 23.19 23.06 14.87
CA VAL B 227 23.20 21.61 14.91
C VAL B 227 23.55 21.06 13.53
N MET B 228 22.96 21.64 12.49
CA MET B 228 23.19 21.15 11.14
C MET B 228 24.65 21.33 10.77
N HIS B 229 25.20 22.49 11.14
CA HIS B 229 26.58 22.83 10.81
C HIS B 229 27.52 21.86 11.49
N ASP B 230 27.24 21.57 12.75
CA ASP B 230 28.12 20.73 13.55
C ASP B 230 28.00 19.27 13.13
N ALA B 231 26.84 18.90 12.58
CA ALA B 231 26.63 17.53 12.13
C ALA B 231 27.22 17.34 10.75
N GLY B 232 27.66 18.44 10.15
CA GLY B 232 28.38 18.37 8.89
C GLY B 232 27.46 18.33 7.69
N VAL B 233 26.22 18.78 7.84
CA VAL B 233 25.33 18.96 6.70
C VAL B 233 25.98 19.89 5.67
N PRO B 234 26.16 19.39 4.43
CA PRO B 234 26.88 20.15 3.41
C PRO B 234 26.30 21.53 3.22
N PRO B 235 27.17 22.52 2.94
CA PRO B 235 26.78 23.92 2.76
C PRO B 235 25.75 24.07 1.65
N GLY B 236 24.72 24.86 1.90
CA GLY B 236 23.67 25.10 0.91
C GLY B 236 22.49 24.18 1.06
N VAL B 237 22.68 23.04 1.73
CA VAL B 237 21.57 22.10 1.92
C VAL B 237 20.46 22.69 2.78
N PHE B 238 20.83 23.32 3.88
CA PHE B 238 19.87 23.98 4.75
C PHE B 238 20.26 25.45 4.93
N ASN B 239 19.36 26.35 4.54
CA ASN B 239 19.61 27.77 4.73
C ASN B 239 18.52 28.40 5.59
N LEU B 240 18.94 29.26 6.50
CA LEU B 240 18.02 29.94 7.42
C LEU B 240 18.05 31.43 7.10
N ILE B 241 16.89 31.98 6.76
CA ILE B 241 16.75 33.41 6.56
C ILE B 241 15.75 33.99 7.57
N HIS B 242 16.10 35.10 8.20
CA HIS B 242 15.21 35.75 9.17
C HIS B 242 14.52 36.97 8.59
N GLY B 243 13.35 37.29 9.12
CA GLY B 243 12.65 38.50 8.71
C GLY B 243 11.16 38.40 8.91
N PHE B 244 10.43 39.22 8.15
CA PHE B 244 8.99 39.30 8.25
C PHE B 244 8.36 38.78 6.95
N GLY B 245 7.12 39.19 6.69
CA GLY B 245 6.40 38.79 5.49
C GLY B 245 6.52 39.76 4.33
N LYS B 246 5.52 40.62 4.15
CA LYS B 246 5.51 41.62 3.08
C LYS B 246 6.75 42.48 3.12
N ASP B 247 7.30 42.76 1.93
CA ASP B 247 8.51 43.59 1.79
C ASP B 247 9.69 43.06 2.59
N SER B 248 9.66 41.76 2.89
CA SER B 248 10.72 41.16 3.65
C SER B 248 11.02 39.73 3.18
N ALA B 249 11.88 39.06 3.93
CA ALA B 249 12.41 37.75 3.57
C ALA B 249 11.34 36.75 3.15
N GLY B 250 10.22 36.75 3.87
CA GLY B 250 9.13 35.82 3.61
C GLY B 250 8.58 36.03 2.22
N GLU B 251 8.27 37.27 1.89
CA GLU B 251 7.75 37.59 0.57
C GLU B 251 8.78 37.27 -0.49
N PHE B 252 10.02 37.69 -0.27
CA PHE B 252 11.09 37.49 -1.24
C PHE B 252 11.24 36.02 -1.57
N LEU B 253 11.13 35.16 -0.55
CA LEU B 253 11.23 33.72 -0.73
C LEU B 253 10.14 33.20 -1.66
N THR B 254 8.91 33.66 -1.45
CA THR B 254 7.80 33.13 -2.24
C THR B 254 7.81 33.61 -3.67
N GLN B 255 8.60 34.65 -3.95
CA GLN B 255 8.65 35.28 -5.26
C GLN B 255 9.80 34.73 -6.10
N HIS B 256 10.73 34.03 -5.45
CA HIS B 256 11.94 33.60 -6.12
C HIS B 256 11.65 32.43 -7.04
N PRO B 257 12.00 32.57 -8.32
CA PRO B 257 11.72 31.55 -9.34
C PRO B 257 12.59 30.29 -9.18
N GLY B 258 13.53 30.34 -8.23
CA GLY B 258 14.47 29.26 -8.03
C GLY B 258 13.97 28.15 -7.11
N ILE B 259 12.89 28.41 -6.39
CA ILE B 259 12.34 27.37 -5.51
C ILE B 259 11.47 26.44 -6.33
N SER B 260 11.27 25.22 -5.85
CA SER B 260 10.39 24.29 -6.54
C SER B 260 9.05 24.13 -5.82
N ALA B 261 9.01 24.49 -4.54
CA ALA B 261 7.80 24.32 -3.74
C ALA B 261 7.76 25.31 -2.58
N LEU B 262 6.56 25.59 -2.08
CA LEU B 262 6.41 26.47 -0.93
C LEU B 262 5.46 25.79 0.06
N THR B 263 6.02 25.29 1.15
CA THR B 263 5.19 24.73 2.21
C THR B 263 5.02 25.79 3.30
N PHE B 264 3.78 25.96 3.76
CA PHE B 264 3.47 27.10 4.60
C PHE B 264 2.45 26.76 5.68
N THR B 265 2.65 27.35 6.85
CA THR B 265 1.73 27.21 7.95
C THR B 265 1.53 28.56 8.62
N GLY B 266 0.27 28.98 8.78
CA GLY B 266 -0.04 30.32 9.23
C GLY B 266 -1.47 30.74 8.99
N GLU B 267 -1.69 32.06 8.92
CA GLU B 267 -3.03 32.61 8.73
C GLU B 267 -3.60 32.31 7.33
N SER B 268 -4.93 32.18 7.25
CA SER B 268 -5.58 31.85 5.99
C SER B 268 -5.33 32.89 4.91
N LYS B 269 -5.48 34.16 5.25
CA LYS B 269 -5.24 35.24 4.30
C LYS B 269 -3.83 35.18 3.73
N THR B 270 -2.86 34.81 4.57
CA THR B 270 -1.48 34.77 4.15
C THR B 270 -1.26 33.63 3.15
N GLY B 271 -1.94 32.50 3.40
CA GLY B 271 -1.93 31.39 2.46
C GLY B 271 -2.42 31.81 1.08
N SER B 272 -3.50 32.57 1.04
CA SER B 272 -4.03 33.09 -0.22
C SER B 272 -3.02 33.97 -0.94
N THR B 273 -2.34 34.81 -0.16
CA THR B 273 -1.36 35.72 -0.73
C THR B 273 -0.18 34.96 -1.34
N ILE B 274 0.36 34.03 -0.57
CA ILE B 274 1.45 33.17 -1.03
C ILE B 274 1.03 32.36 -2.27
N MET B 275 -0.20 31.87 -2.29
CA MET B 275 -0.70 31.10 -3.42
C MET B 275 -0.71 31.94 -4.71
N LYS B 276 -1.07 33.22 -4.58
CA LYS B 276 -0.98 34.15 -5.72
C LYS B 276 0.47 34.43 -6.08
N ALA B 277 1.30 34.56 -5.06
CA ALA B 277 2.70 34.92 -5.27
C ALA B 277 3.44 33.86 -6.09
N VAL B 278 3.14 32.58 -5.87
CA VAL B 278 3.85 31.49 -6.56
C VAL B 278 3.17 31.02 -7.85
N ALA B 279 1.99 31.59 -8.14
CA ALA B 279 1.16 31.10 -9.24
C ALA B 279 1.85 31.20 -10.61
N ASP B 280 2.65 32.24 -10.81
CA ASP B 280 3.33 32.42 -12.10
C ASP B 280 4.36 31.33 -12.32
N GLY B 281 4.87 30.75 -11.25
CA GLY B 281 5.82 29.67 -11.39
C GLY B 281 5.19 28.30 -11.37
N VAL B 282 3.87 28.25 -11.14
CA VAL B 282 3.15 26.98 -10.88
C VAL B 282 3.89 26.13 -9.83
N LYS B 283 4.33 26.77 -8.75
CA LYS B 283 5.08 26.07 -7.71
C LYS B 283 4.14 25.15 -6.91
N GLU B 284 4.66 24.00 -6.50
CA GLU B 284 3.87 23.10 -5.68
C GLU B 284 3.64 23.81 -4.33
N VAL B 285 2.46 23.61 -3.76
CA VAL B 285 2.13 24.28 -2.51
C VAL B 285 1.47 23.34 -1.53
N SER B 286 1.78 23.54 -0.26
CA SER B 286 1.13 22.83 0.82
C SER B 286 0.80 23.81 1.96
N PHE B 287 -0.49 23.96 2.26
CA PHE B 287 -0.93 24.94 3.25
C PHE B 287 -1.67 24.33 4.42
N GLU B 288 -1.25 24.74 5.60
CA GLU B 288 -1.97 24.40 6.82
C GLU B 288 -2.33 25.75 7.41
N LEU B 289 -3.62 26.09 7.36
CA LEU B 289 -4.05 27.46 7.63
C LEU B 289 -4.88 27.61 8.90
N GLY B 290 -5.71 28.64 8.95
CA GLY B 290 -6.46 28.93 10.16
C GLY B 290 -7.44 27.85 10.62
N GLY B 291 -8.16 28.17 11.69
CA GLY B 291 -9.32 27.37 12.05
C GLY B 291 -10.18 28.05 13.10
N LYS B 292 -11.41 27.59 13.23
CA LYS B 292 -12.28 27.96 14.33
C LYS B 292 -12.88 26.67 14.83
N ASN B 293 -12.08 25.91 15.56
CA ASN B 293 -12.43 24.54 15.89
C ASN B 293 -13.47 24.38 17.00
N ALA B 294 -14.29 23.34 16.86
CA ALA B 294 -15.31 23.04 17.82
C ALA B 294 -14.94 21.82 18.67
N ALA B 295 -15.42 21.81 19.91
CA ALA B 295 -15.45 20.60 20.69
C ALA B 295 -16.92 20.32 20.89
N VAL B 296 -17.31 19.05 20.90
CA VAL B 296 -18.71 18.65 21.10
C VAL B 296 -18.77 17.70 22.28
N VAL B 297 -19.59 18.02 23.28
CA VAL B 297 -19.80 17.11 24.41
C VAL B 297 -21.19 16.55 24.40
N PHE B 298 -21.32 15.25 24.13
CA PHE B 298 -22.61 14.60 24.11
C PHE B 298 -23.05 14.19 25.51
N ALA B 299 -24.33 13.86 25.66
CA ALA B 299 -24.90 13.64 26.99
C ALA B 299 -24.28 12.41 27.64
N ASP B 300 -23.94 11.42 26.82
CA ASP B 300 -23.31 10.20 27.34
C ASP B 300 -21.80 10.31 27.50
N ALA B 301 -21.26 11.53 27.54
CA ALA B 301 -19.80 11.66 27.72
C ALA B 301 -19.41 11.43 29.18
N ASP B 302 -18.18 10.96 29.38
CA ASP B 302 -17.55 11.02 30.69
C ASP B 302 -17.36 12.50 31.02
N LEU B 303 -18.25 13.03 31.85
CA LEU B 303 -18.32 14.48 32.06
C LEU B 303 -17.03 15.10 32.61
N ASP B 304 -16.44 14.48 33.64
CA ASP B 304 -15.20 15.00 34.22
C ASP B 304 -14.06 15.01 33.20
N ALA B 305 -13.93 13.91 32.46
CA ALA B 305 -12.92 13.80 31.40
C ALA B 305 -13.17 14.84 30.29
N ALA B 306 -14.43 15.07 29.95
CA ALA B 306 -14.77 16.07 28.95
C ALA B 306 -14.40 17.48 29.44
N ILE B 307 -14.74 17.78 30.70
CA ILE B 307 -14.39 19.07 31.28
C ILE B 307 -12.88 19.29 31.25
N GLU B 308 -12.14 18.28 31.70
CA GLU B 308 -10.70 18.34 31.66
C GLU B 308 -10.18 18.42 30.22
N GLY B 309 -10.79 17.66 29.31
CA GLY B 309 -10.37 17.62 27.91
C GLY B 309 -10.59 18.96 27.23
N VAL B 310 -11.76 19.55 27.43
CA VAL B 310 -12.06 20.85 26.84
C VAL B 310 -11.16 21.96 27.40
N LEU B 311 -10.83 21.84 28.68
CA LEU B 311 -9.91 22.79 29.31
C LEU B 311 -8.56 22.76 28.61
N ARG B 312 -8.07 21.55 28.34
CA ARG B 312 -6.83 21.38 27.62
C ARG B 312 -6.92 21.97 26.23
N SER B 313 -8.01 21.68 25.55
CA SER B 313 -8.12 22.05 24.13
C SER B 313 -8.39 23.54 23.97
N SER B 314 -8.81 24.23 25.03
CA SER B 314 -9.10 25.65 24.89
C SER B 314 -7.92 26.50 25.36
N PHE B 315 -7.14 26.00 26.31
CA PHE B 315 -6.21 26.88 27.03
C PHE B 315 -4.73 26.49 26.92
N THR B 316 -4.46 25.30 26.39
CA THR B 316 -3.07 24.88 26.14
C THR B 316 -2.32 25.91 25.31
N ASN B 317 -1.06 26.17 25.66
CA ASN B 317 -0.28 27.24 25.05
C ASN B 317 -1.03 28.59 25.06
N SER B 318 -1.81 28.81 26.11
CA SER B 318 -2.70 29.97 26.25
C SER B 318 -3.61 30.15 25.03
N GLY B 319 -4.18 29.04 24.56
CA GLY B 319 -5.14 29.04 23.46
C GLY B 319 -4.52 29.39 22.13
N GLN B 320 -3.19 29.43 22.10
CA GLN B 320 -2.45 29.80 20.90
C GLN B 320 -1.99 28.55 20.16
N VAL B 321 -2.93 27.71 19.76
CA VAL B 321 -2.64 26.60 18.87
C VAL B 321 -3.75 26.51 17.82
N CYS B 322 -3.35 26.29 16.57
CA CYS B 322 -4.30 26.21 15.47
C CYS B 322 -5.36 25.16 15.77
N LEU B 323 -4.97 24.12 16.49
CA LEU B 323 -5.88 23.04 16.85
C LEU B 323 -6.81 23.31 18.06
N CYS B 324 -6.68 24.48 18.71
CA CYS B 324 -7.49 24.75 19.90
C CYS B 324 -8.97 24.88 19.59
N SER B 325 -9.81 24.58 20.58
CA SER B 325 -11.24 24.73 20.41
C SER B 325 -11.66 26.10 20.94
N GLU B 326 -12.28 26.91 20.08
CA GLU B 326 -12.78 28.20 20.51
C GLU B 326 -14.30 28.20 20.48
N ARG B 327 -14.89 27.14 19.94
CA ARG B 327 -16.33 26.92 19.96
C ARG B 327 -16.56 25.61 20.68
N VAL B 328 -17.54 25.57 21.56
CA VAL B 328 -17.85 24.34 22.26
C VAL B 328 -19.36 24.14 22.28
N TYR B 329 -19.82 22.94 21.94
CA TYR B 329 -21.24 22.62 21.98
C TYR B 329 -21.45 21.51 23.00
N VAL B 330 -22.45 21.69 23.86
CA VAL B 330 -22.73 20.75 24.96
C VAL B 330 -24.20 20.44 24.99
N HIS B 331 -24.55 19.18 25.17
CA HIS B 331 -25.95 18.82 25.13
C HIS B 331 -26.70 19.55 26.24
N ARG B 332 -27.94 19.91 25.94
CA ARG B 332 -28.75 20.69 26.88
C ARG B 332 -28.83 20.06 28.26
N SER B 333 -29.05 18.76 28.33
CA SER B 333 -29.21 18.06 29.61
C SER B 333 -28.03 18.20 30.57
N ILE B 334 -26.81 18.41 30.04
CA ILE B 334 -25.63 18.57 30.89
C ILE B 334 -24.98 19.94 30.75
N PHE B 335 -25.65 20.85 30.05
CA PHE B 335 -25.05 22.15 29.77
C PHE B 335 -24.62 22.92 31.02
N ASP B 336 -25.56 23.12 31.95
CA ASP B 336 -25.28 23.90 33.15
C ASP B 336 -24.20 23.24 34.00
N GLU B 337 -24.33 21.93 34.16
CA GLU B 337 -23.32 21.17 34.88
C GLU B 337 -21.96 21.28 34.22
N PHE B 338 -21.91 21.26 32.88
CA PHE B 338 -20.63 21.36 32.20
C PHE B 338 -19.97 22.73 32.39
N VAL B 339 -20.76 23.78 32.22
CA VAL B 339 -20.23 25.14 32.29
C VAL B 339 -19.68 25.47 33.69
N SER B 340 -20.39 25.00 34.72
CA SER B 340 -19.95 25.21 36.10
C SER B 340 -18.59 24.56 36.36
N GLY B 341 -18.49 23.29 35.97
CA GLY B 341 -17.27 22.53 36.14
C GLY B 341 -16.10 23.16 35.41
N LEU B 342 -16.33 23.60 34.18
CA LEU B 342 -15.24 24.22 33.40
C LEU B 342 -14.83 25.52 34.04
N LYS B 343 -15.82 26.30 34.50
CA LYS B 343 -15.52 27.58 35.14
C LYS B 343 -14.56 27.39 36.32
N VAL B 344 -14.87 26.42 37.16
CA VAL B 344 -14.03 26.15 38.33
C VAL B 344 -12.63 25.68 37.93
N GLU B 345 -12.56 24.72 37.01
CA GLU B 345 -11.28 24.20 36.54
C GLU B 345 -10.45 25.30 35.88
N ALA B 346 -11.13 26.22 35.21
CA ALA B 346 -10.43 27.31 34.54
C ALA B 346 -9.88 28.31 35.53
N GLU B 347 -10.61 28.51 36.62
CA GLU B 347 -10.17 29.43 37.65
C GLU B 347 -9.01 28.90 38.51
N ARG B 348 -8.84 27.57 38.49
CA ARG B 348 -7.70 26.94 39.16
C ARG B 348 -6.42 26.97 38.33
N LEU B 349 -6.50 27.45 37.10
CA LEU B 349 -5.34 27.46 36.22
C LEU B 349 -4.33 28.49 36.71
N VAL B 350 -3.06 28.10 36.73
CA VAL B 350 -2.01 29.01 37.14
C VAL B 350 -1.46 29.74 35.92
N VAL B 351 -1.52 31.06 35.96
CA VAL B 351 -1.01 31.90 34.89
C VAL B 351 0.24 32.62 35.42
N GLY B 352 1.40 32.37 34.81
CA GLY B 352 2.63 32.94 35.34
C GLY B 352 3.92 32.65 34.60
N TYR B 353 4.99 32.44 35.37
CA TYR B 353 6.33 32.24 34.80
C TYR B 353 6.41 30.85 34.17
N PRO B 354 7.17 30.71 33.07
CA PRO B 354 7.34 29.43 32.37
C PRO B 354 7.85 28.29 33.26
N ASP B 355 8.65 28.60 34.28
CA ASP B 355 9.14 27.57 35.19
C ASP B 355 8.50 27.61 36.58
N GLN B 356 7.47 28.42 36.73
CA GLN B 356 6.76 28.57 38.01
C GLN B 356 6.12 27.26 38.40
N ASP B 357 5.93 27.07 39.71
CA ASP B 357 5.43 25.80 40.24
C ASP B 357 3.99 25.56 39.83
N GLY B 358 3.78 24.54 39.01
CA GLY B 358 2.44 24.18 38.57
C GLY B 358 1.80 25.17 37.61
N VAL B 359 2.62 25.84 36.80
CA VAL B 359 2.10 26.81 35.85
C VAL B 359 1.38 26.10 34.70
N ASN B 360 0.23 26.65 34.30
CA ASN B 360 -0.55 26.12 33.20
C ASN B 360 -0.45 26.97 31.92
N MET B 361 -0.26 28.28 32.10
CA MET B 361 -0.29 29.25 30.99
C MET B 361 0.76 30.33 31.15
N GLY B 362 1.54 30.53 30.10
CA GLY B 362 2.37 31.72 30.00
C GLY B 362 1.54 32.85 29.40
N PRO B 363 2.21 33.92 28.95
CA PRO B 363 1.55 35.07 28.32
C PRO B 363 1.23 34.75 26.86
N LEU B 364 0.65 35.72 26.15
CA LEU B 364 0.51 35.60 24.71
C LEU B 364 1.88 35.91 24.10
N ILE B 365 2.02 35.70 22.80
CA ILE B 365 3.32 35.79 22.13
C ILE B 365 3.91 37.20 22.14
N SER B 366 3.05 38.21 22.28
CA SER B 366 3.44 39.62 22.06
C SER B 366 2.30 40.57 22.45
N HIS B 367 2.67 41.80 22.80
CA HIS B 367 1.67 42.82 23.15
C HIS B 367 0.75 43.09 21.98
N GLY B 368 1.33 43.08 20.78
CA GLY B 368 0.56 43.24 19.56
C GLY B 368 -0.50 42.16 19.46
N HIS B 369 -0.12 40.90 19.69
CA HIS B 369 -1.13 39.84 19.69
C HIS B 369 -2.12 40.05 20.83
N ARG B 370 -1.63 40.45 22.00
CA ARG B 370 -2.56 40.69 23.11
C ARG B 370 -3.57 41.78 22.78
N ASP B 371 -3.11 42.84 22.12
CA ASP B 371 -4.03 43.89 21.67
C ASP B 371 -5.17 43.29 20.86
N LYS B 372 -4.84 42.48 19.87
CA LYS B 372 -5.85 41.80 19.07
C LYS B 372 -6.82 40.98 19.91
N VAL B 373 -6.28 40.22 20.86
CA VAL B 373 -7.11 39.37 21.71
C VAL B 373 -8.06 40.15 22.63
N LEU B 374 -7.54 41.22 23.23
CA LEU B 374 -8.38 42.03 24.12
C LEU B 374 -9.46 42.75 23.33
N SER B 375 -9.12 43.13 22.10
CA SER B 375 -10.08 43.68 21.17
C SER B 375 -11.22 42.70 20.99
N TYR B 376 -10.90 41.42 20.87
CA TYR B 376 -11.94 40.40 20.80
C TYR B 376 -12.66 40.25 22.14
N TYR B 377 -11.94 40.42 23.24
CA TYR B 377 -12.59 40.35 24.55
C TYR B 377 -13.70 41.39 24.70
N ARG B 378 -13.44 42.62 24.27
CA ARG B 378 -14.46 43.67 24.28
C ARG B 378 -15.60 43.33 23.35
N LEU B 379 -15.26 43.03 22.10
CA LEU B 379 -16.27 42.70 21.09
C LEU B 379 -17.30 41.68 21.61
N ALA B 380 -16.82 40.66 22.30
CA ALA B 380 -17.73 39.64 22.82
C ALA B 380 -18.76 40.23 23.79
N VAL B 381 -18.31 41.12 24.67
CA VAL B 381 -19.24 41.84 25.54
C VAL B 381 -20.24 42.65 24.73
N ASP B 382 -19.74 43.41 23.75
CA ASP B 382 -20.60 44.20 22.86
C ASP B 382 -21.56 43.33 22.08
N GLU B 383 -21.12 42.13 21.71
CA GLU B 383 -22.02 41.21 21.03
C GLU B 383 -23.03 40.57 22.00
N GLY B 384 -22.89 40.89 23.29
CA GLY B 384 -23.87 40.45 24.27
C GLY B 384 -23.53 39.13 24.95
N ALA B 385 -22.25 38.83 25.05
CA ALA B 385 -21.84 37.60 25.73
C ALA B 385 -21.93 37.73 27.26
N THR B 386 -22.29 36.63 27.91
CA THR B 386 -22.05 36.48 29.33
C THR B 386 -20.61 36.00 29.58
N VAL B 387 -19.80 36.82 30.26
CA VAL B 387 -18.46 36.40 30.66
C VAL B 387 -18.50 35.49 31.89
N VAL B 388 -18.47 34.18 31.66
CA VAL B 388 -18.47 33.21 32.74
C VAL B 388 -17.21 33.32 33.59
N THR B 389 -16.05 33.45 32.95
CA THR B 389 -14.81 33.69 33.68
C THR B 389 -13.81 34.43 32.82
N GLY B 390 -12.83 35.05 33.46
CA GLY B 390 -11.79 35.79 32.77
C GLY B 390 -12.35 37.05 32.14
N GLY B 391 -11.86 37.38 30.95
CA GLY B 391 -12.36 38.52 30.21
C GLY B 391 -11.47 39.74 30.35
N GLY B 392 -10.35 39.58 31.05
CA GLY B 392 -9.45 40.69 31.24
C GLY B 392 -8.00 40.24 31.33
N VAL B 393 -7.15 41.06 31.94
CA VAL B 393 -5.76 40.65 32.14
C VAL B 393 -5.43 40.53 33.63
N PRO B 394 -4.66 39.49 34.00
CA PRO B 394 -4.36 39.33 35.43
C PRO B 394 -3.49 40.47 35.95
N LYS B 395 -3.56 40.69 37.25
CA LYS B 395 -2.77 41.71 37.93
C LYS B 395 -1.71 40.98 38.75
N PHE B 396 -0.44 41.18 38.42
CA PHE B 396 0.65 40.42 39.04
C PHE B 396 1.41 41.17 40.12
N ASN B 397 1.45 42.49 39.98
CA ASN B 397 2.27 43.34 40.83
C ASN B 397 3.75 42.98 40.80
N ASP B 398 4.20 42.46 39.65
CA ASP B 398 5.62 42.31 39.41
C ASP B 398 5.93 42.51 37.94
N GLU B 399 7.11 42.08 37.50
CA GLU B 399 7.56 42.30 36.14
C GLU B 399 6.66 41.65 35.09
N ARG B 400 5.84 40.69 35.49
CA ARG B 400 4.91 40.09 34.55
C ARG B 400 3.87 41.11 34.05
N ASP B 401 3.72 42.20 34.78
CA ASP B 401 2.78 43.25 34.38
C ASP B 401 3.26 43.98 33.13
N GLN B 402 4.55 43.87 32.83
CA GLN B 402 5.09 44.46 31.61
C GLN B 402 5.07 43.44 30.47
N GLY B 403 4.61 42.24 30.78
CA GLY B 403 4.50 41.18 29.78
C GLY B 403 3.18 41.24 29.04
N ALA B 404 2.85 40.17 28.33
CA ALA B 404 1.67 40.15 27.47
C ALA B 404 0.64 39.11 27.89
N TYR B 405 0.30 39.09 29.18
CA TYR B 405 -0.64 38.12 29.74
C TYR B 405 -2.12 38.50 29.60
N VAL B 406 -2.96 37.49 29.44
CA VAL B 406 -4.41 37.64 29.54
C VAL B 406 -4.96 36.44 30.31
N GLN B 407 -6.21 36.55 30.72
CA GLN B 407 -6.86 35.50 31.50
C GLN B 407 -7.54 34.50 30.58
N PRO B 408 -7.52 33.22 30.98
CA PRO B 408 -8.37 32.24 30.28
C PRO B 408 -9.82 32.69 30.40
N THR B 409 -10.55 32.65 29.29
CA THR B 409 -11.89 33.23 29.26
C THR B 409 -12.94 32.28 28.70
N ILE B 410 -14.12 32.30 29.31
CA ILE B 410 -15.24 31.50 28.85
C ILE B 410 -16.47 32.38 28.65
N TRP B 411 -17.10 32.25 27.47
CA TRP B 411 -18.32 32.98 27.14
C TRP B 411 -19.50 32.07 26.90
N THR B 412 -20.70 32.60 27.15
CA THR B 412 -21.94 31.95 26.74
C THR B 412 -22.94 33.00 26.25
N GLY B 413 -24.03 32.56 25.62
CA GLY B 413 -25.08 33.49 25.20
C GLY B 413 -24.98 34.09 23.79
N LEU B 414 -23.88 33.86 23.07
CA LEU B 414 -23.72 34.36 21.70
C LEU B 414 -24.40 33.45 20.70
N SER B 415 -24.87 34.02 19.59
CA SER B 415 -25.48 33.22 18.53
C SER B 415 -24.40 32.63 17.64
N ASP B 416 -24.77 31.57 16.92
CA ASP B 416 -23.85 30.93 15.98
C ASP B 416 -23.20 31.91 14.99
N LYS B 417 -23.85 33.04 14.74
CA LYS B 417 -23.37 34.01 13.75
C LYS B 417 -22.52 35.16 14.30
N ALA B 418 -22.36 35.22 15.61
CA ALA B 418 -21.54 36.28 16.19
C ALA B 418 -20.10 36.16 15.68
N ARG B 419 -19.45 37.31 15.50
CA ARG B 419 -18.05 37.35 15.10
C ARG B 419 -17.16 36.53 16.03
N CYS B 420 -17.44 36.57 17.34
CA CYS B 420 -16.57 35.91 18.31
C CYS B 420 -16.70 34.38 18.26
N VAL B 421 -17.80 33.92 17.68
CA VAL B 421 -18.07 32.51 17.51
C VAL B 421 -17.56 32.03 16.11
N THR B 422 -17.26 32.98 15.21
CA THR B 422 -16.93 32.63 13.83
C THR B 422 -15.50 32.97 13.38
N GLU B 423 -14.90 33.99 13.98
CA GLU B 423 -13.55 34.41 13.60
C GLU B 423 -12.52 33.82 14.59
N GLU B 424 -11.35 33.45 14.08
CA GLU B 424 -10.30 32.87 14.90
C GLU B 424 -9.67 33.94 15.79
N ILE B 425 -9.70 33.72 17.10
CA ILE B 425 -9.17 34.72 18.02
C ILE B 425 -7.72 34.43 18.34
N PHE B 426 -7.39 33.14 18.47
CA PHE B 426 -6.04 32.68 18.78
C PHE B 426 -5.56 33.14 20.17
N GLY B 427 -6.49 33.09 21.12
CA GLY B 427 -6.18 33.33 22.52
C GLY B 427 -6.77 32.23 23.38
N PRO B 428 -6.67 32.38 24.72
CA PRO B 428 -7.18 31.36 25.65
C PRO B 428 -8.66 31.57 25.91
N VAL B 429 -9.49 31.14 24.96
CA VAL B 429 -10.90 31.43 25.05
C VAL B 429 -11.77 30.39 24.37
N CYS B 430 -12.97 30.23 24.91
CA CYS B 430 -13.99 29.41 24.27
C CYS B 430 -15.38 29.89 24.60
N HIS B 431 -16.27 29.80 23.61
CA HIS B 431 -17.70 30.04 23.84
C HIS B 431 -18.39 28.69 23.97
N ILE B 432 -19.37 28.58 24.85
CA ILE B 432 -20.08 27.32 25.01
C ILE B 432 -21.56 27.51 24.75
N SER B 433 -22.13 26.61 23.96
CA SER B 433 -23.51 26.71 23.54
C SER B 433 -24.19 25.35 23.67
N PRO B 434 -25.49 25.34 23.99
CA PRO B 434 -26.21 24.06 24.08
C PRO B 434 -26.69 23.55 22.74
N PHE B 435 -26.92 22.25 22.63
CA PHE B 435 -27.59 21.68 21.46
C PHE B 435 -28.54 20.59 21.94
N ASP B 436 -29.48 20.18 21.09
CA ASP B 436 -30.43 19.16 21.46
C ASP B 436 -30.29 17.88 20.64
N ASP B 437 -29.98 18.02 19.36
CA ASP B 437 -30.02 16.89 18.43
C ASP B 437 -28.64 16.63 17.79
N GLU B 438 -28.37 15.37 17.47
CA GLU B 438 -27.08 14.99 16.87
C GLU B 438 -26.90 15.61 15.49
N ASP B 439 -27.93 15.49 14.64
CA ASP B 439 -27.84 16.02 13.29
C ASP B 439 -27.71 17.55 13.33
N GLU B 440 -28.40 18.16 14.28
CA GLU B 440 -28.30 19.60 14.52
C GLU B 440 -26.88 20.03 14.85
N VAL B 441 -26.24 19.32 15.79
CA VAL B 441 -24.92 19.78 16.21
C VAL B 441 -23.87 19.56 15.10
N ILE B 442 -24.03 18.47 14.34
CA ILE B 442 -23.15 18.22 13.20
C ILE B 442 -23.25 19.39 12.23
N ASN B 443 -24.47 19.81 11.91
CA ASN B 443 -24.67 20.94 11.01
C ASN B 443 -24.02 22.22 11.54
N ARG B 444 -24.17 22.45 12.84
CA ARG B 444 -23.63 23.65 13.48
C ARG B 444 -22.10 23.66 13.50
N VAL B 445 -21.49 22.52 13.80
CA VAL B 445 -20.03 22.42 13.74
C VAL B 445 -19.52 22.72 12.32
N ASN B 446 -20.15 22.12 11.32
CA ASN B 446 -19.76 22.30 9.93
C ASN B 446 -20.10 23.66 9.34
N ASP B 447 -20.87 24.46 10.07
CA ASP B 447 -21.32 25.73 9.52
C ASP B 447 -20.26 26.78 9.74
N SER B 448 -19.21 26.69 8.94
CA SER B 448 -17.99 27.45 9.14
C SER B 448 -17.21 27.46 7.85
N ASN B 449 -16.41 28.49 7.63
CA ASN B 449 -15.54 28.52 6.45
C ASN B 449 -14.20 27.84 6.73
N TYR B 450 -13.97 27.50 8.00
CA TYR B 450 -12.78 26.74 8.39
C TYR B 450 -13.12 25.27 8.52
N GLY B 451 -12.11 24.43 8.63
CA GLY B 451 -12.35 23.00 8.73
C GLY B 451 -11.06 22.28 9.03
N LEU B 452 -10.44 22.65 10.14
CA LEU B 452 -9.18 22.08 10.57
C LEU B 452 -9.44 20.84 11.43
N ALA B 453 -9.95 21.06 12.65
CA ALA B 453 -10.12 19.96 13.59
C ALA B 453 -11.37 20.03 14.44
N CYS B 454 -11.66 18.91 15.09
CA CYS B 454 -12.81 18.81 15.97
C CYS B 454 -12.55 17.71 17.02
N ALA B 455 -12.89 17.99 18.27
CA ALA B 455 -12.85 17.01 19.36
C ALA B 455 -14.27 16.69 19.81
N ILE B 456 -14.56 15.40 19.95
CA ILE B 456 -15.89 14.94 20.29
C ILE B 456 -15.78 14.06 21.54
N TRP B 457 -16.77 14.17 22.44
CA TRP B 457 -16.79 13.46 23.73
C TRP B 457 -18.05 12.64 23.90
N THR B 458 -17.90 11.32 23.85
CA THR B 458 -19.02 10.41 23.95
C THR B 458 -18.50 9.02 24.32
N THR B 459 -19.31 8.25 25.04
CA THR B 459 -18.90 6.91 25.45
C THR B 459 -19.56 5.88 24.57
N ASN B 460 -20.33 6.36 23.61
CA ASN B 460 -21.09 5.46 22.77
C ASN B 460 -20.32 5.02 21.51
N LEU B 461 -20.21 3.71 21.31
CA LEU B 461 -19.47 3.12 20.19
C LEU B 461 -19.94 3.61 18.83
N SER B 462 -21.22 3.40 18.52
CA SER B 462 -21.81 3.85 17.26
C SER B 462 -21.64 5.34 17.06
N ARG B 463 -21.95 6.11 18.10
CA ARG B 463 -21.94 7.56 17.95
C ARG B 463 -20.54 8.09 17.60
N ALA B 464 -19.51 7.50 18.20
CA ALA B 464 -18.15 7.95 17.96
C ALA B 464 -17.83 7.86 16.47
N HIS B 465 -18.17 6.73 15.85
CA HIS B 465 -17.83 6.50 14.45
C HIS B 465 -18.80 7.16 13.46
N ARG B 466 -20.09 7.18 13.79
CA ARG B 466 -21.11 7.80 12.96
C ARG B 466 -20.94 9.31 12.90
N VAL B 467 -20.73 9.93 14.06
CA VAL B 467 -20.60 11.38 14.08
C VAL B 467 -19.27 11.87 13.48
N SER B 468 -18.18 11.20 13.84
CA SER B 468 -16.85 11.62 13.38
C SER B 468 -16.73 11.76 11.86
N ARG B 469 -17.30 10.80 11.15
CA ARG B 469 -17.19 10.75 9.70
C ARG B 469 -17.98 11.87 9.05
N GLN B 470 -18.89 12.48 9.81
CA GLN B 470 -19.74 13.54 9.25
C GLN B 470 -19.17 14.94 9.49
N ILE B 471 -18.12 15.04 10.27
CA ILE B 471 -17.52 16.34 10.57
C ILE B 471 -16.54 16.75 9.47
N HIS B 472 -16.80 17.90 8.85
CA HIS B 472 -16.08 18.35 7.67
C HIS B 472 -14.77 19.05 8.08
N VAL B 473 -13.83 18.28 8.59
CA VAL B 473 -12.52 18.79 9.01
C VAL B 473 -11.44 17.77 8.64
N GLY B 474 -10.17 18.16 8.73
CA GLY B 474 -9.08 17.24 8.49
C GLY B 474 -8.84 16.23 9.61
N LEU B 475 -9.04 16.65 10.85
CA LEU B 475 -8.72 15.81 12.00
C LEU B 475 -9.82 15.81 13.05
N VAL B 476 -10.30 14.63 13.41
CA VAL B 476 -11.23 14.49 14.54
C VAL B 476 -10.60 13.66 15.66
N TRP B 477 -10.74 14.14 16.90
CA TRP B 477 -10.40 13.34 18.08
C TRP B 477 -11.66 12.93 18.85
N VAL B 478 -11.73 11.66 19.23
CA VAL B 478 -12.77 11.19 20.12
C VAL B 478 -12.17 10.92 21.52
N ASN B 479 -12.73 11.59 22.52
CA ASN B 479 -12.31 11.47 23.92
C ASN B 479 -10.85 11.78 24.17
N THR B 480 -10.31 12.69 23.37
CA THR B 480 -8.98 13.23 23.61
C THR B 480 -8.84 14.47 22.72
N TRP B 481 -7.64 15.03 22.67
CA TRP B 481 -7.32 16.20 21.85
C TRP B 481 -5.82 16.28 21.60
N TYR B 482 -5.43 16.75 20.42
CA TYR B 482 -4.03 16.82 20.00
C TYR B 482 -3.20 15.57 20.29
N LEU B 483 -3.79 14.41 20.05
CA LEU B 483 -3.06 13.15 20.11
C LEU B 483 -2.48 12.92 18.73
N ARG B 484 -1.16 12.88 18.61
CA ARG B 484 -0.58 12.77 17.27
C ARG B 484 0.26 11.54 16.96
N ASP B 485 -0.05 10.95 15.80
CA ASP B 485 0.75 9.88 15.22
C ASP B 485 1.25 10.44 13.90
N LEU B 486 2.58 10.57 13.79
CA LEU B 486 3.20 11.29 12.69
C LEU B 486 3.06 10.62 11.32
N ARG B 487 2.53 9.39 11.31
CA ARG B 487 2.30 8.67 10.07
C ARG B 487 0.98 9.09 9.42
N THR B 488 0.12 9.77 10.18
CA THR B 488 -1.22 10.04 9.66
C THR B 488 -1.26 11.27 8.74
N PRO B 489 -2.27 11.33 7.87
CA PRO B 489 -2.43 12.55 7.08
C PRO B 489 -2.91 13.68 7.99
N PHE B 490 -2.33 14.85 7.77
CA PHE B 490 -2.63 16.01 8.57
C PHE B 490 -2.88 17.18 7.61
N GLY B 491 -3.93 17.94 7.87
CA GLY B 491 -4.26 19.10 7.07
C GLY B 491 -5.71 19.50 7.32
N GLY B 492 -6.20 20.52 6.64
CA GLY B 492 -7.57 20.97 6.82
C GLY B 492 -8.35 21.15 5.53
N VAL B 493 -9.65 21.39 5.66
CA VAL B 493 -10.47 21.62 4.49
C VAL B 493 -10.92 23.07 4.46
N LYS B 494 -11.59 23.45 3.38
CA LYS B 494 -12.08 24.81 3.19
C LYS B 494 -10.93 25.79 3.40
N LEU B 495 -11.16 26.87 4.15
CA LEU B 495 -10.11 27.86 4.33
C LEU B 495 -8.95 27.38 5.21
N SER B 496 -9.08 26.19 5.80
CA SER B 496 -8.06 25.71 6.75
C SER B 496 -6.83 25.06 6.10
N GLY B 497 -6.90 24.88 4.79
CA GLY B 497 -5.72 24.41 4.10
C GLY B 497 -5.88 23.87 2.70
N LEU B 498 -4.81 23.27 2.23
CA LEU B 498 -4.71 22.74 0.89
C LEU B 498 -3.72 21.58 0.99
N GLY B 499 -4.16 20.39 0.57
CA GLY B 499 -3.30 19.21 0.62
C GLY B 499 -3.17 18.60 2.01
N ARG B 500 -2.40 17.53 2.11
CA ARG B 500 -2.12 16.86 3.38
C ARG B 500 -0.63 16.65 3.57
N GLU B 501 -0.19 16.58 4.82
CA GLU B 501 1.17 16.18 5.11
C GLU B 501 1.15 15.05 6.15
N GLY B 502 2.32 14.53 6.50
CA GLY B 502 2.42 13.39 7.39
C GLY B 502 2.55 12.10 6.61
N GLY B 503 3.34 11.17 7.12
CA GLY B 503 3.46 9.86 6.52
C GLY B 503 3.71 9.89 5.02
N ARG B 504 3.03 9.02 4.27
CA ARG B 504 3.20 8.92 2.82
C ARG B 504 2.87 10.24 2.11
N PHE B 505 2.03 11.05 2.74
CA PHE B 505 1.59 12.30 2.14
C PHE B 505 2.72 13.32 2.08
N SER B 506 3.56 13.36 3.12
CA SER B 506 4.81 14.12 3.06
C SER B 506 5.79 13.51 2.06
N MET B 507 5.95 12.19 2.10
CA MET B 507 6.86 11.55 1.16
C MET B 507 6.49 11.88 -0.31
N ASP B 508 5.18 12.02 -0.56
CA ASP B 508 4.66 12.46 -1.86
C ASP B 508 4.84 13.96 -2.10
N PHE B 509 4.45 14.80 -1.15
CA PHE B 509 4.59 16.23 -1.41
C PHE B 509 6.03 16.69 -1.63
N TYR B 510 6.96 16.19 -0.82
CA TYR B 510 8.36 16.65 -0.92
C TYR B 510 9.18 15.90 -1.98
N SER B 511 8.51 15.10 -2.82
CA SER B 511 9.22 14.40 -3.90
C SER B 511 8.64 14.71 -5.26
N ASP B 512 9.49 14.62 -6.29
CA ASP B 512 9.05 14.42 -7.66
C ASP B 512 8.62 12.97 -7.83
N ILE B 513 7.34 12.74 -8.12
CA ILE B 513 6.92 11.40 -8.48
C ILE B 513 7.03 11.26 -10.00
N ALA B 514 7.94 10.43 -10.48
CA ALA B 514 8.12 10.22 -11.92
C ALA B 514 7.70 8.82 -12.34
N ASN B 515 7.01 8.73 -13.48
CA ASN B 515 6.62 7.44 -14.04
C ASN B 515 7.53 7.10 -15.20
N ILE B 516 8.04 5.88 -15.20
CA ILE B 516 8.92 5.43 -16.26
C ILE B 516 8.29 4.23 -16.90
N CYS B 517 8.01 4.32 -18.20
CA CYS B 517 7.36 3.25 -18.92
C CYS B 517 8.32 2.60 -19.90
N ILE B 518 8.63 1.32 -19.68
CA ILE B 518 9.50 0.56 -20.58
C ILE B 518 8.69 -0.38 -21.48
N LYS B 519 8.70 -0.12 -22.80
CA LYS B 519 8.12 -1.07 -23.75
C LYS B 519 9.08 -2.25 -23.84
N ILE B 520 8.57 -3.46 -23.63
CA ILE B 520 9.42 -4.64 -23.63
C ILE B 520 9.40 -5.33 -25.00
N SER C 38 -27.41 20.71 -34.18
CA SER C 38 -27.15 22.04 -34.69
C SER C 38 -27.18 23.07 -33.56
N GLN C 39 -27.71 22.67 -32.41
CA GLN C 39 -27.64 23.52 -31.22
C GLN C 39 -27.09 22.76 -30.03
N LEU C 40 -26.12 23.36 -29.35
CA LEU C 40 -25.52 22.73 -28.17
C LEU C 40 -25.88 23.47 -26.89
N LEU C 41 -26.65 22.79 -26.04
CA LEU C 41 -27.17 23.40 -24.83
C LEU C 41 -26.38 23.00 -23.58
N ASN C 42 -26.49 23.83 -22.55
CA ASN C 42 -25.96 23.50 -21.24
C ASN C 42 -26.82 22.46 -20.55
N TYR C 43 -26.26 21.80 -19.56
CA TYR C 43 -27.01 20.81 -18.81
C TYR C 43 -26.86 21.14 -17.34
N ILE C 44 -27.93 21.70 -16.78
CA ILE C 44 -27.89 22.22 -15.43
C ILE C 44 -29.03 21.63 -14.62
N ASP C 45 -28.68 21.04 -13.49
CA ASP C 45 -29.63 20.46 -12.55
C ASP C 45 -30.65 19.54 -13.23
N GLY C 46 -30.18 18.70 -14.13
CA GLY C 46 -31.04 17.71 -14.74
C GLY C 46 -31.79 18.18 -15.97
N ASN C 47 -31.60 19.45 -16.32
CA ASN C 47 -32.28 20.04 -17.48
C ASN C 47 -31.30 20.57 -18.53
N PHE C 48 -31.56 20.23 -19.78
CA PHE C 48 -30.86 20.89 -20.88
C PHE C 48 -31.46 22.29 -21.02
N VAL C 49 -30.63 23.31 -20.90
CA VAL C 49 -31.10 24.69 -21.01
C VAL C 49 -30.27 25.52 -21.98
N THR C 50 -30.93 26.48 -22.62
CA THR C 50 -30.28 27.39 -23.57
C THR C 50 -29.70 28.55 -22.80
N SER C 51 -29.13 29.51 -23.52
CA SER C 51 -28.59 30.68 -22.85
C SER C 51 -28.88 31.96 -23.60
N ALA C 52 -28.51 33.09 -23.01
CA ALA C 52 -28.69 34.39 -23.63
C ALA C 52 -27.91 34.46 -24.94
N SER C 53 -26.61 34.19 -24.85
CA SER C 53 -25.73 34.26 -26.02
C SER C 53 -25.39 32.88 -26.58
N SER C 54 -25.03 32.86 -27.85
CA SER C 54 -24.56 31.65 -28.51
C SER C 54 -23.28 31.97 -29.26
N PHE C 55 -22.48 30.94 -29.53
CA PHE C 55 -21.29 31.11 -30.38
C PHE C 55 -21.17 29.97 -31.38
N ALA C 56 -20.37 30.19 -32.42
CA ALA C 56 -20.27 29.23 -33.51
C ALA C 56 -19.23 28.14 -33.24
N ASN C 57 -19.67 26.90 -33.45
CA ASN C 57 -18.84 25.72 -33.49
C ASN C 57 -18.49 25.47 -34.96
N ILE C 58 -17.21 25.57 -35.34
CA ILE C 58 -16.79 25.54 -36.73
C ILE C 58 -15.92 24.34 -37.16
N ASN C 59 -16.36 23.60 -38.18
CA ASN C 59 -15.61 22.45 -38.69
C ASN C 59 -14.28 22.84 -39.33
N PRO C 60 -13.16 22.41 -38.73
CA PRO C 60 -11.86 22.86 -39.23
C PRO C 60 -11.44 22.15 -40.54
N VAL C 61 -12.18 21.15 -40.95
CA VAL C 61 -11.94 20.52 -42.24
C VAL C 61 -12.31 21.45 -43.40
N ASN C 62 -13.38 22.23 -43.23
CA ASN C 62 -13.88 23.06 -44.32
C ASN C 62 -14.34 24.46 -43.92
N GLY C 63 -14.19 24.78 -42.64
CA GLY C 63 -14.59 26.09 -42.14
C GLY C 63 -16.09 26.31 -42.04
N LYS C 64 -16.87 25.27 -42.24
CA LYS C 64 -18.34 25.40 -42.18
C LYS C 64 -18.90 25.32 -40.76
N LEU C 65 -19.92 26.12 -40.48
CA LEU C 65 -20.57 26.11 -39.18
C LEU C 65 -21.25 24.76 -38.99
N ILE C 66 -20.99 24.11 -37.85
CA ILE C 66 -21.63 22.82 -37.58
C ILE C 66 -22.72 22.92 -36.50
N SER C 67 -22.58 23.87 -35.59
CA SER C 67 -23.60 24.10 -34.58
C SER C 67 -23.43 25.44 -33.87
N ASP C 68 -24.50 25.89 -33.24
CA ASP C 68 -24.46 27.07 -32.38
C ASP C 68 -24.42 26.59 -30.92
N VAL C 69 -23.55 27.20 -30.13
CA VAL C 69 -23.35 26.74 -28.77
C VAL C 69 -23.76 27.83 -27.78
N PHE C 70 -24.70 27.49 -26.89
CA PHE C 70 -25.16 28.45 -25.89
C PHE C 70 -24.17 28.71 -24.77
N GLU C 71 -23.70 29.94 -24.66
CA GLU C 71 -22.73 30.31 -23.65
C GLU C 71 -23.37 30.61 -22.29
N ALA C 72 -22.93 29.89 -21.26
CA ALA C 72 -23.39 30.11 -19.90
C ALA C 72 -22.88 31.43 -19.35
N ASP C 73 -23.76 32.22 -18.74
CA ASP C 73 -23.33 33.44 -18.09
C ASP C 73 -23.10 33.16 -16.62
N ALA C 74 -22.66 34.18 -15.88
CA ALA C 74 -22.34 34.02 -14.48
C ALA C 74 -23.51 33.48 -13.65
N LYS C 75 -24.73 33.86 -14.03
CA LYS C 75 -25.94 33.44 -13.32
C LYS C 75 -26.18 31.94 -13.49
N GLN C 76 -25.99 31.45 -14.70
CA GLN C 76 -26.16 30.03 -14.96
C GLN C 76 -25.03 29.22 -14.34
N VAL C 77 -23.85 29.83 -14.27
CA VAL C 77 -22.72 29.18 -13.65
C VAL C 77 -23.01 29.01 -12.16
N ASN C 78 -23.51 30.08 -11.54
CA ASN C 78 -23.90 30.02 -10.14
C ASN C 78 -24.96 28.94 -9.93
N GLU C 79 -25.95 28.92 -10.81
CA GLU C 79 -27.01 27.95 -10.72
C GLU C 79 -26.46 26.53 -10.78
N ALA C 80 -25.41 26.36 -11.58
CA ALA C 80 -24.80 25.04 -11.73
C ALA C 80 -24.05 24.63 -10.47
N VAL C 81 -23.22 25.51 -9.93
CA VAL C 81 -22.56 25.22 -8.66
C VAL C 81 -23.57 24.92 -7.52
N VAL C 82 -24.57 25.79 -7.34
CA VAL C 82 -25.60 25.57 -6.32
C VAL C 82 -26.31 24.22 -6.49
N ALA C 83 -26.62 23.87 -7.74
CA ALA C 83 -27.25 22.59 -8.00
C ALA C 83 -26.33 21.42 -7.64
N ALA C 84 -25.03 21.63 -7.85
CA ALA C 84 -24.06 20.59 -7.54
C ALA C 84 -23.90 20.46 -6.02
N GLN C 85 -23.89 21.60 -5.34
CA GLN C 85 -23.90 21.62 -3.88
C GLN C 85 -25.13 20.89 -3.35
N ASN C 86 -26.29 21.14 -3.97
CA ASN C 86 -27.53 20.53 -3.48
C ASN C 86 -27.61 19.04 -3.73
N ALA C 87 -27.00 18.60 -4.83
CA ALA C 87 -27.07 17.18 -5.18
C ALA C 87 -26.27 16.34 -4.18
N LEU C 88 -25.28 16.96 -3.54
CA LEU C 88 -24.47 16.27 -2.53
C LEU C 88 -25.35 15.82 -1.36
N LYS C 89 -26.45 16.56 -1.12
CA LYS C 89 -27.33 16.30 0.01
C LYS C 89 -28.48 15.42 -0.39
N GLY C 90 -28.47 14.98 -1.65
CA GLY C 90 -29.57 14.22 -2.21
C GLY C 90 -29.26 12.73 -2.33
N PRO C 91 -30.02 12.04 -3.20
CA PRO C 91 -29.88 10.58 -3.39
C PRO C 91 -28.46 10.19 -3.77
N TRP C 92 -27.74 11.10 -4.43
CA TRP C 92 -26.38 10.82 -4.87
C TRP C 92 -25.48 10.66 -3.66
N GLY C 93 -25.65 11.55 -2.69
CA GLY C 93 -24.90 11.50 -1.45
C GLY C 93 -25.16 10.23 -0.66
N LYS C 94 -26.31 9.60 -0.91
CA LYS C 94 -26.71 8.44 -0.14
C LYS C 94 -26.28 7.12 -0.76
N LEU C 95 -25.89 7.14 -2.04
CA LEU C 95 -25.48 5.91 -2.71
C LEU C 95 -24.29 5.25 -2.00
N SER C 96 -24.28 3.92 -1.96
CA SER C 96 -23.13 3.20 -1.44
C SER C 96 -22.07 3.24 -2.54
N VAL C 97 -20.80 3.07 -2.17
CA VAL C 97 -19.73 3.07 -3.16
C VAL C 97 -20.00 2.04 -4.25
N GLN C 98 -20.50 0.86 -3.87
CA GLN C 98 -20.85 -0.17 -4.85
C GLN C 98 -21.90 0.34 -5.84
N ASP C 99 -22.96 0.96 -5.33
CA ASP C 99 -24.04 1.45 -6.16
C ASP C 99 -23.57 2.56 -7.09
N ARG C 100 -22.74 3.44 -6.56
CA ARG C 100 -22.20 4.55 -7.32
C ARG C 100 -21.35 4.03 -8.48
N ALA C 101 -20.52 3.04 -8.17
CA ALA C 101 -19.66 2.43 -9.17
C ALA C 101 -20.50 1.74 -10.25
N ALA C 102 -21.61 1.15 -9.82
CA ALA C 102 -22.52 0.46 -10.74
C ALA C 102 -23.12 1.46 -11.73
N LEU C 103 -23.46 2.63 -11.22
CA LEU C 103 -24.03 3.67 -12.05
C LEU C 103 -22.99 4.23 -13.01
N ILE C 104 -21.74 4.33 -12.55
CA ILE C 104 -20.69 4.86 -13.41
C ILE C 104 -20.45 3.89 -14.56
N HIS C 105 -20.52 2.59 -14.29
CA HIS C 105 -20.43 1.62 -15.36
C HIS C 105 -21.59 1.79 -16.36
N LYS C 106 -22.77 2.11 -15.84
CA LYS C 106 -23.89 2.40 -16.73
C LYS C 106 -23.62 3.59 -17.64
N ILE C 107 -22.98 4.65 -17.11
CA ILE C 107 -22.57 5.77 -17.96
C ILE C 107 -21.65 5.24 -19.07
N ALA C 108 -20.67 4.43 -18.69
CA ALA C 108 -19.77 3.84 -19.67
C ALA C 108 -20.54 3.02 -20.71
N ASP C 109 -21.49 2.20 -20.24
CA ASP C 109 -22.34 1.42 -21.13
C ASP C 109 -23.08 2.30 -22.12
N GLY C 110 -23.58 3.42 -21.63
CA GLY C 110 -24.35 4.36 -22.43
C GLY C 110 -23.53 5.03 -23.51
N ILE C 111 -22.24 5.25 -23.24
CA ILE C 111 -21.33 5.78 -24.28
C ILE C 111 -21.13 4.68 -25.33
N GLN C 112 -20.85 3.46 -24.86
CA GLN C 112 -20.67 2.31 -25.73
C GLN C 112 -21.85 2.09 -26.68
N ALA C 113 -23.08 2.19 -26.17
CA ALA C 113 -24.28 1.97 -26.98
C ALA C 113 -24.45 3.05 -28.07
N ARG C 114 -23.89 4.23 -27.85
CA ARG C 114 -23.95 5.32 -28.83
C ARG C 114 -22.57 5.61 -29.41
N PHE C 115 -21.74 4.58 -29.47
CA PHE C 115 -20.33 4.73 -29.82
C PHE C 115 -20.12 5.58 -31.08
N GLU C 116 -20.72 5.17 -32.20
CA GLU C 116 -20.52 5.90 -33.47
C GLU C 116 -20.95 7.38 -33.44
N GLU C 117 -21.99 7.73 -32.67
CA GLU C 117 -22.35 9.14 -32.54
C GLU C 117 -21.28 9.96 -31.82
N PHE C 118 -20.61 9.36 -30.84
CA PHE C 118 -19.55 10.08 -30.15
C PHE C 118 -18.39 10.27 -31.09
N VAL C 119 -18.08 9.23 -31.86
CA VAL C 119 -17.07 9.32 -32.90
C VAL C 119 -17.36 10.48 -33.84
N ALA C 120 -18.60 10.52 -34.33
CA ALA C 120 -19.02 11.56 -35.27
C ALA C 120 -18.87 12.91 -34.63
N ALA C 121 -19.26 13.01 -33.36
CA ALA C 121 -19.16 14.26 -32.61
C ALA C 121 -17.73 14.74 -32.47
N GLU C 122 -16.84 13.85 -32.02
CA GLU C 122 -15.42 14.22 -31.88
C GLU C 122 -14.82 14.64 -33.22
N VAL C 123 -15.15 13.90 -34.26
CA VAL C 123 -14.57 14.15 -35.57
C VAL C 123 -15.05 15.50 -36.10
N ALA C 124 -16.36 15.74 -36.00
CA ALA C 124 -16.96 16.95 -36.54
C ALA C 124 -16.28 18.20 -35.98
N ASP C 125 -16.13 18.22 -34.66
CA ASP C 125 -15.50 19.36 -33.97
C ASP C 125 -14.02 19.50 -34.29
N THR C 126 -13.31 18.39 -34.45
CA THR C 126 -11.84 18.50 -34.43
C THR C 126 -11.18 18.22 -35.77
N GLY C 127 -11.85 17.51 -36.65
CA GLY C 127 -11.24 17.08 -37.89
C GLY C 127 -10.31 15.89 -37.73
N ARG C 128 -10.26 15.32 -36.53
CA ARG C 128 -9.40 14.15 -36.31
C ARG C 128 -9.86 12.97 -37.19
N PRO C 129 -8.89 12.17 -37.67
CA PRO C 129 -9.22 10.95 -38.44
C PRO C 129 -10.22 10.08 -37.70
N VAL C 130 -11.19 9.54 -38.43
CA VAL C 130 -12.19 8.67 -37.85
C VAL C 130 -11.54 7.48 -37.15
N HIS C 131 -10.47 6.98 -37.75
CA HIS C 131 -9.76 5.84 -37.18
C HIS C 131 -9.22 6.16 -35.78
N GLN C 132 -8.68 7.37 -35.61
CA GLN C 132 -8.15 7.79 -34.33
C GLN C 132 -9.26 7.87 -33.28
N ALA C 133 -10.41 8.42 -33.68
CA ALA C 133 -11.55 8.59 -32.80
C ALA C 133 -12.11 7.24 -32.35
N ARG C 134 -12.07 6.27 -33.25
CA ARG C 134 -12.57 4.93 -32.97
C ARG C 134 -11.65 4.10 -32.09
N THR C 135 -10.35 4.37 -32.14
CA THR C 135 -9.39 3.50 -31.48
C THR C 135 -8.79 4.18 -30.26
N LEU C 136 -8.65 5.49 -30.31
CA LEU C 136 -8.05 6.24 -29.22
C LEU C 136 -9.09 7.02 -28.41
N ASP C 137 -9.71 8.01 -29.04
CA ASP C 137 -10.54 8.98 -28.29
C ASP C 137 -11.72 8.39 -27.53
N ILE C 138 -12.62 7.71 -28.24
CA ILE C 138 -13.83 7.21 -27.60
C ILE C 138 -13.59 6.02 -26.65
N PRO C 139 -12.79 5.03 -27.07
CA PRO C 139 -12.57 3.93 -26.12
C PRO C 139 -11.92 4.37 -24.80
N ARG C 140 -11.09 5.43 -24.83
CA ARG C 140 -10.40 5.89 -23.63
C ARG C 140 -11.35 6.61 -22.68
N ALA C 141 -12.32 7.32 -23.25
CA ALA C 141 -13.34 7.96 -22.47
C ALA C 141 -14.13 6.92 -21.71
N ILE C 142 -14.43 5.80 -22.39
CA ILE C 142 -15.18 4.72 -21.76
C ILE C 142 -14.34 4.04 -20.68
N ALA C 143 -13.07 3.80 -21.00
CA ALA C 143 -12.14 3.18 -20.08
C ALA C 143 -11.93 4.06 -18.85
N ASN C 144 -11.95 5.38 -19.05
CA ASN C 144 -11.82 6.31 -17.94
C ASN C 144 -12.87 6.04 -16.87
N PHE C 145 -14.14 5.93 -17.30
CA PHE C 145 -15.25 5.69 -16.39
C PHE C 145 -15.15 4.32 -15.74
N ARG C 146 -14.86 3.28 -16.53
CA ARG C 146 -14.75 1.94 -15.97
C ARG C 146 -13.59 1.81 -14.98
N THR C 147 -12.45 2.44 -15.28
CA THR C 147 -11.27 2.24 -14.45
C THR C 147 -11.43 2.87 -13.08
N PHE C 148 -11.95 4.09 -13.04
CA PHE C 148 -12.13 4.79 -11.78
C PHE C 148 -13.30 4.25 -10.98
N ALA C 149 -14.29 3.70 -11.67
CA ALA C 149 -15.36 2.99 -10.96
C ALA C 149 -14.75 1.76 -10.25
N ASP C 150 -13.89 1.02 -10.95
CA ASP C 150 -13.22 -0.13 -10.35
C ASP C 150 -12.30 0.27 -9.18
N LEU C 151 -11.54 1.35 -9.34
CA LEU C 151 -10.67 1.83 -8.28
C LEU C 151 -11.48 2.24 -7.06
N ALA C 152 -12.60 2.92 -7.27
CA ALA C 152 -13.45 3.32 -6.15
C ALA C 152 -13.96 2.10 -5.41
N LYS C 153 -14.25 1.05 -6.15
CA LYS C 153 -14.80 -0.17 -5.59
C LYS C 153 -13.76 -0.92 -4.78
N THR C 154 -12.50 -0.82 -5.17
CA THR C 154 -11.47 -1.62 -4.52
C THR C 154 -10.57 -0.84 -3.56
N SER C 155 -10.67 0.48 -3.55
CA SER C 155 -9.78 1.28 -2.71
C SER C 155 -10.13 1.17 -1.23
N HIS C 156 -9.13 1.24 -0.37
CA HIS C 156 -9.36 1.32 1.06
C HIS C 156 -8.38 2.30 1.65
N THR C 157 -8.43 2.47 2.97
CA THR C 157 -7.61 3.47 3.62
C THR C 157 -6.84 2.83 4.78
N ASP C 158 -6.42 3.63 5.75
CA ASP C 158 -5.37 3.19 6.66
C ASP C 158 -5.78 3.09 8.14
N LEU C 159 -5.16 2.16 8.84
CA LEU C 159 -5.32 2.01 10.29
C LEU C 159 -3.94 2.11 10.92
N PHE C 160 -3.83 3.02 11.88
CA PHE C 160 -2.61 3.21 12.66
C PHE C 160 -2.95 3.01 14.11
N GLU C 161 -2.20 2.14 14.76
CA GLU C 161 -2.31 1.94 16.20
C GLU C 161 -1.18 2.69 16.89
N MET C 162 -1.46 3.20 18.08
CA MET C 162 -0.42 3.90 18.83
C MET C 162 -0.61 3.70 20.32
N SER C 163 0.49 3.86 21.06
CA SER C 163 0.45 3.76 22.52
C SER C 163 0.23 5.12 23.15
N THR C 164 -0.35 5.13 24.34
CA THR C 164 -0.66 6.36 25.05
C THR C 164 -0.07 6.32 26.47
N SER C 165 0.11 7.49 27.07
CA SER C 165 0.62 7.58 28.45
C SER C 165 -0.12 6.66 29.41
N ASP C 166 -1.44 6.64 29.32
CA ASP C 166 -2.27 5.89 30.27
C ASP C 166 -2.21 4.38 30.04
N GLY C 167 -1.47 3.97 29.01
CA GLY C 167 -1.33 2.56 28.68
C GLY C 167 -2.52 1.89 28.04
N SER C 168 -3.54 2.68 27.68
CA SER C 168 -4.73 2.13 26.98
C SER C 168 -4.64 2.22 25.46
N GLY C 169 -3.81 3.12 24.95
CA GLY C 169 -3.63 3.22 23.51
C GLY C 169 -4.72 4.01 22.79
N ALA C 170 -4.53 4.16 21.49
CA ALA C 170 -5.51 4.87 20.66
C ALA C 170 -5.47 4.27 19.28
N LEU C 171 -6.50 4.54 18.50
CA LEU C 171 -6.59 4.14 17.10
C LEU C 171 -6.73 5.35 16.21
N ASN C 172 -5.89 5.43 15.18
CA ASN C 172 -6.09 6.40 14.12
C ASN C 172 -6.53 5.70 12.85
N TYR C 173 -7.62 6.15 12.25
CA TYR C 173 -7.97 5.67 10.94
C TYR C 173 -8.36 6.78 9.98
N THR C 174 -8.14 6.55 8.70
CA THR C 174 -8.46 7.56 7.71
C THR C 174 -9.63 7.11 6.89
N VAL C 175 -10.41 8.05 6.38
CA VAL C 175 -11.46 7.74 5.44
C VAL C 175 -11.35 8.65 4.23
N ARG C 176 -11.91 8.22 3.12
CA ARG C 176 -12.02 9.06 1.94
C ARG C 176 -13.45 9.53 1.84
N LYS C 177 -13.63 10.84 1.80
CA LYS C 177 -14.96 11.36 1.60
C LYS C 177 -14.97 12.21 0.36
N PRO C 178 -16.15 12.43 -0.23
CA PRO C 178 -16.19 13.34 -1.38
C PRO C 178 -15.60 14.67 -0.97
N LEU C 179 -14.86 15.30 -1.87
CA LEU C 179 -14.28 16.61 -1.62
C LEU C 179 -15.36 17.68 -1.64
N GLY C 180 -16.37 17.48 -2.48
CA GLY C 180 -17.43 18.45 -2.64
C GLY C 180 -17.79 18.63 -4.11
N VAL C 181 -17.81 19.88 -4.56
CA VAL C 181 -18.11 20.21 -5.95
C VAL C 181 -16.81 20.39 -6.71
N ILE C 182 -16.63 19.65 -7.80
CA ILE C 182 -15.39 19.79 -8.57
C ILE C 182 -15.64 20.64 -9.80
N GLY C 183 -14.87 21.70 -9.95
CA GLY C 183 -14.92 22.45 -11.18
C GLY C 183 -13.91 21.87 -12.16
N VAL C 184 -14.41 21.41 -13.31
CA VAL C 184 -13.57 20.82 -14.35
C VAL C 184 -13.47 21.72 -15.58
N ILE C 185 -12.24 22.02 -15.99
CA ILE C 185 -12.03 22.80 -17.20
C ILE C 185 -11.04 22.09 -18.13
N SER C 186 -11.47 21.80 -19.37
CA SER C 186 -10.70 20.93 -20.26
C SER C 186 -10.39 21.56 -21.63
N PRO C 187 -9.32 21.09 -22.30
CA PRO C 187 -8.89 21.67 -23.57
C PRO C 187 -9.41 20.91 -24.80
N TRP C 188 -8.97 21.32 -25.98
CA TRP C 188 -9.54 20.80 -27.21
C TRP C 188 -8.70 19.73 -27.92
N ASP C 189 -7.52 19.40 -27.40
CA ASP C 189 -6.69 18.43 -28.12
C ASP C 189 -7.24 16.99 -28.11
N LEU C 190 -7.62 16.50 -26.94
CA LEU C 190 -8.30 15.21 -26.83
C LEU C 190 -9.58 15.45 -26.02
N PRO C 191 -10.59 16.03 -26.68
CA PRO C 191 -11.76 16.60 -25.97
C PRO C 191 -12.44 15.64 -25.01
N LEU C 192 -12.97 14.51 -25.49
CA LEU C 192 -13.73 13.65 -24.59
C LEU C 192 -12.82 12.87 -23.62
N LEU C 193 -11.62 12.54 -24.10
CA LEU C 193 -10.68 11.77 -23.29
C LEU C 193 -10.27 12.58 -22.06
N LEU C 194 -9.91 13.85 -22.27
CA LEU C 194 -9.44 14.66 -21.15
C LEU C 194 -10.58 15.10 -20.23
N PHE C 195 -11.74 15.34 -20.82
CA PHE C 195 -12.94 15.72 -20.09
C PHE C 195 -13.32 14.58 -19.14
N THR C 196 -13.44 13.37 -19.67
CA THR C 196 -13.74 12.21 -18.83
C THR C 196 -12.57 11.80 -17.91
N TRP C 197 -11.36 12.19 -18.28
CA TRP C 197 -10.19 11.93 -17.47
C TRP C 197 -10.35 12.61 -16.11
N LYS C 198 -11.07 13.73 -16.09
CA LYS C 198 -11.36 14.46 -14.86
C LYS C 198 -12.72 14.10 -14.27
N VAL C 199 -13.74 14.00 -15.11
CA VAL C 199 -15.10 13.76 -14.63
C VAL C 199 -15.26 12.37 -14.02
N ALA C 200 -14.64 11.35 -14.63
CA ALA C 200 -14.78 10.00 -14.08
C ALA C 200 -14.30 9.86 -12.63
N PRO C 201 -13.05 10.27 -12.32
CA PRO C 201 -12.65 10.12 -10.91
C PRO C 201 -13.43 11.05 -9.97
N ALA C 202 -13.82 12.22 -10.47
CA ALA C 202 -14.62 13.15 -9.68
C ALA C 202 -15.89 12.44 -9.24
N LEU C 203 -16.55 11.77 -10.18
CA LEU C 203 -17.82 11.12 -9.84
C LEU C 203 -17.58 9.83 -9.06
N ALA C 204 -16.47 9.16 -9.35
CA ALA C 204 -16.12 7.91 -8.67
C ALA C 204 -15.92 8.13 -7.16
N CYS C 205 -15.43 9.30 -6.80
CA CYS C 205 -15.17 9.64 -5.41
C CYS C 205 -16.38 10.30 -4.76
N GLY C 206 -17.49 10.30 -5.47
CA GLY C 206 -18.75 10.76 -4.93
C GLY C 206 -18.93 12.26 -4.98
N ASN C 207 -18.07 12.96 -5.70
CA ASN C 207 -18.30 14.38 -5.88
C ASN C 207 -19.46 14.67 -6.82
N THR C 208 -19.82 15.95 -6.89
CA THR C 208 -20.67 16.46 -7.95
C THR C 208 -19.80 17.39 -8.80
N VAL C 209 -20.23 17.67 -10.03
CA VAL C 209 -19.36 18.26 -11.03
C VAL C 209 -20.00 19.39 -11.82
N VAL C 210 -19.25 20.47 -11.97
CA VAL C 210 -19.59 21.54 -12.88
C VAL C 210 -18.44 21.55 -13.89
N ALA C 211 -18.72 21.14 -15.13
CA ALA C 211 -17.66 20.95 -16.13
C ALA C 211 -17.79 21.86 -17.35
N LYS C 212 -16.69 22.48 -17.73
CA LYS C 212 -16.67 23.43 -18.85
C LYS C 212 -15.70 23.02 -19.98
N PRO C 213 -16.21 22.37 -21.03
CA PRO C 213 -15.35 21.91 -22.11
C PRO C 213 -14.84 23.07 -22.96
N SER C 214 -13.84 22.82 -23.78
CA SER C 214 -13.29 23.86 -24.65
C SER C 214 -14.35 24.38 -25.62
N GLU C 215 -14.37 25.69 -25.81
CA GLU C 215 -15.23 26.29 -26.83
C GLU C 215 -15.02 25.64 -28.20
N GLU C 216 -13.81 25.18 -28.47
CA GLU C 216 -13.49 24.56 -29.76
C GLU C 216 -14.10 23.17 -29.89
N SER C 217 -14.43 22.52 -28.79
CA SER C 217 -14.90 21.15 -28.94
C SER C 217 -15.98 20.78 -27.94
N PRO C 218 -17.18 21.35 -28.10
CA PRO C 218 -18.28 21.19 -27.13
C PRO C 218 -19.15 19.96 -27.38
N SER C 219 -19.03 19.34 -28.54
CA SER C 219 -20.03 18.35 -28.95
C SER C 219 -20.06 17.06 -28.13
N SER C 220 -18.91 16.43 -27.95
CA SER C 220 -18.91 15.14 -27.28
C SER C 220 -19.30 15.31 -25.81
N ALA C 221 -18.88 16.40 -25.19
CA ALA C 221 -19.30 16.68 -23.82
C ALA C 221 -20.84 16.79 -23.72
N THR C 222 -21.45 17.32 -24.78
CA THR C 222 -22.90 17.49 -24.77
C THR C 222 -23.59 16.14 -24.89
N LEU C 223 -23.15 15.32 -25.82
CA LEU C 223 -23.64 13.95 -25.89
C LEU C 223 -23.44 13.20 -24.56
N LEU C 224 -22.39 13.56 -23.82
CA LEU C 224 -22.12 12.89 -22.54
C LEU C 224 -23.17 13.23 -21.50
N ALA C 225 -23.53 14.50 -21.41
CA ALA C 225 -24.70 14.93 -20.64
C ALA C 225 -25.94 14.09 -20.94
N GLU C 226 -26.23 13.88 -22.22
CA GLU C 226 -27.38 13.07 -22.62
C GLU C 226 -27.29 11.68 -22.05
N VAL C 227 -26.10 11.10 -22.08
CA VAL C 227 -25.87 9.75 -21.58
C VAL C 227 -26.07 9.72 -20.06
N MET C 228 -25.67 10.79 -19.39
CA MET C 228 -25.80 10.89 -17.93
C MET C 228 -27.28 10.88 -17.61
N HIS C 229 -28.00 11.75 -18.32
CA HIS C 229 -29.44 11.88 -18.18
C HIS C 229 -30.12 10.53 -18.33
N ASP C 230 -29.87 9.87 -19.47
CA ASP C 230 -30.51 8.59 -19.75
C ASP C 230 -30.14 7.50 -18.76
N ALA C 231 -28.96 7.62 -18.16
CA ALA C 231 -28.51 6.63 -17.18
C ALA C 231 -29.16 6.85 -15.82
N GLY C 232 -29.81 8.01 -15.66
CA GLY C 232 -30.48 8.34 -14.42
C GLY C 232 -29.56 8.86 -13.33
N VAL C 233 -28.48 9.52 -13.74
CA VAL C 233 -27.64 10.23 -12.79
C VAL C 233 -28.51 11.34 -12.23
N PRO C 234 -28.64 11.43 -10.90
CA PRO C 234 -29.52 12.42 -10.27
C PRO C 234 -29.19 13.83 -10.72
N PRO C 235 -30.21 14.71 -10.74
CA PRO C 235 -30.04 16.10 -11.20
C PRO C 235 -29.06 16.86 -10.32
N GLY C 236 -28.19 17.65 -10.94
CA GLY C 236 -27.23 18.44 -10.20
C GLY C 236 -25.90 17.75 -9.98
N VAL C 237 -25.86 16.43 -10.11
CA VAL C 237 -24.62 15.68 -9.93
C VAL C 237 -23.59 16.03 -11.00
N PHE C 238 -24.04 16.04 -12.25
CA PHE C 238 -23.19 16.42 -13.37
C PHE C 238 -23.81 17.61 -14.09
N ASN C 239 -23.06 18.69 -14.16
CA ASN C 239 -23.46 19.91 -14.82
C ASN C 239 -22.46 20.34 -15.89
N LEU C 240 -22.97 20.64 -17.07
CA LEU C 240 -22.17 21.03 -18.22
C LEU C 240 -22.45 22.48 -18.61
N ILE C 241 -21.46 23.33 -18.48
CA ILE C 241 -21.58 24.72 -18.93
C ILE C 241 -20.65 25.00 -20.13
N HIS C 242 -21.19 25.67 -21.16
CA HIS C 242 -20.40 26.06 -22.33
C HIS C 242 -19.95 27.49 -22.24
N GLY C 243 -18.89 27.81 -22.99
CA GLY C 243 -18.35 29.16 -22.96
C GLY C 243 -16.86 29.23 -23.22
N PHE C 244 -16.33 30.44 -23.09
CA PHE C 244 -14.92 30.70 -23.28
C PHE C 244 -14.21 30.74 -21.93
N GLY C 245 -13.07 31.41 -21.87
CA GLY C 245 -12.29 31.40 -20.65
C GLY C 245 -12.48 32.69 -19.89
N LYS C 246 -11.54 33.60 -20.07
CA LYS C 246 -11.64 34.96 -19.54
C LYS C 246 -13.01 35.57 -19.86
N ASP C 247 -13.58 36.25 -18.86
CA ASP C 247 -14.85 36.95 -19.00
C ASP C 247 -16.00 36.09 -19.48
N SER C 248 -15.92 34.80 -19.16
CA SER C 248 -16.92 33.85 -19.64
C SER C 248 -17.04 32.68 -18.67
N ALA C 249 -17.79 31.66 -19.06
CA ALA C 249 -18.06 30.48 -18.23
C ALA C 249 -16.84 29.93 -17.49
N GLY C 250 -15.69 29.90 -18.17
CA GLY C 250 -14.47 29.40 -17.56
C GLY C 250 -14.01 30.25 -16.39
N GLU C 251 -13.89 31.55 -16.62
CA GLU C 251 -13.54 32.48 -15.55
C GLU C 251 -14.49 32.37 -14.34
N PHE C 252 -15.79 32.34 -14.62
CA PHE C 252 -16.81 32.40 -13.56
C PHE C 252 -16.71 31.19 -12.64
N LEU C 253 -16.47 30.03 -13.24
CA LEU C 253 -16.37 28.81 -12.46
C LEU C 253 -15.18 28.89 -11.49
N THR C 254 -14.06 29.41 -11.98
CA THR C 254 -12.84 29.44 -11.18
C THR C 254 -12.96 30.40 -10.02
N GLN C 255 -13.88 31.35 -10.12
CA GLN C 255 -14.00 32.37 -9.08
C GLN C 255 -15.20 32.13 -8.16
N HIS C 256 -15.97 31.08 -8.43
CA HIS C 256 -17.11 30.77 -7.59
C HIS C 256 -16.68 30.10 -6.27
N PRO C 257 -17.13 30.66 -5.13
CA PRO C 257 -16.68 30.19 -3.80
C PRO C 257 -17.34 28.87 -3.45
N GLY C 258 -18.30 28.46 -4.25
CA GLY C 258 -19.05 27.26 -3.99
C GLY C 258 -18.36 25.97 -4.40
N ILE C 259 -17.26 26.07 -5.16
CA ILE C 259 -16.56 24.87 -5.59
C ILE C 259 -15.53 24.48 -4.55
N SER C 260 -15.22 23.20 -4.46
CA SER C 260 -14.19 22.77 -3.49
C SER C 260 -12.82 22.57 -4.15
N ALA C 261 -12.78 22.53 -5.49
CA ALA C 261 -11.54 22.21 -6.20
C ALA C 261 -11.66 22.55 -7.68
N LEU C 262 -10.52 22.88 -8.28
CA LEU C 262 -10.49 23.18 -9.71
C LEU C 262 -9.42 22.32 -10.35
N THR C 263 -9.84 21.35 -11.17
CA THR C 263 -8.87 20.59 -11.94
C THR C 263 -8.87 21.07 -13.39
N PHE C 264 -7.68 21.29 -13.92
CA PHE C 264 -7.54 22.02 -15.16
C PHE C 264 -6.45 21.42 -16.02
N THR C 265 -6.71 21.39 -17.31
CA THR C 265 -5.72 20.97 -18.28
C THR C 265 -5.70 21.97 -19.42
N GLY C 266 -4.52 22.50 -19.74
CA GLY C 266 -4.45 23.51 -20.76
C GLY C 266 -3.12 24.24 -20.76
N GLU C 267 -3.13 25.50 -21.18
CA GLU C 267 -1.89 26.25 -21.29
C GLU C 267 -1.36 26.65 -19.91
N SER C 268 -0.03 26.73 -19.81
CA SER C 268 0.59 27.05 -18.52
C SER C 268 0.17 28.41 -17.99
N LYS C 269 0.22 29.44 -18.84
CA LYS C 269 -0.23 30.77 -18.42
C LYS C 269 -1.67 30.76 -17.86
N THR C 270 -2.55 29.97 -18.46
CA THR C 270 -3.92 29.85 -17.99
C THR C 270 -3.97 29.18 -16.61
N GLY C 271 -3.09 28.20 -16.40
CA GLY C 271 -2.96 27.57 -15.10
C GLY C 271 -2.59 28.59 -14.03
N SER C 272 -1.65 29.47 -14.36
CA SER C 272 -1.24 30.53 -13.45
C SER C 272 -2.43 31.43 -13.10
N THR C 273 -3.18 31.81 -14.13
CA THR C 273 -4.33 32.69 -13.98
C THR C 273 -5.34 32.05 -13.03
N ILE C 274 -5.68 30.80 -13.32
CA ILE C 274 -6.61 30.05 -12.50
C ILE C 274 -6.13 29.90 -11.04
N MET C 275 -4.84 29.63 -10.84
CA MET C 275 -4.29 29.48 -9.50
C MET C 275 -4.50 30.73 -8.65
N LYS C 276 -4.33 31.90 -9.26
CA LYS C 276 -4.65 33.18 -8.60
C LYS C 276 -6.14 33.35 -8.30
N ALA C 277 -6.98 32.88 -9.22
CA ALA C 277 -8.41 33.07 -9.08
C ALA C 277 -9.01 32.28 -7.92
N VAL C 278 -8.47 31.10 -7.66
CA VAL C 278 -8.99 30.27 -6.56
C VAL C 278 -8.27 30.51 -5.24
N ALA C 279 -7.29 31.41 -5.25
CA ALA C 279 -6.42 31.62 -4.10
C ALA C 279 -7.18 32.06 -2.84
N ASP C 280 -8.03 33.07 -3.00
CA ASP C 280 -8.83 33.58 -1.90
C ASP C 280 -9.67 32.49 -1.23
N GLY C 281 -10.04 31.46 -1.98
CA GLY C 281 -10.79 30.34 -1.43
C GLY C 281 -9.93 29.18 -0.95
N VAL C 282 -8.62 29.25 -1.23
CA VAL C 282 -7.69 28.13 -1.00
C VAL C 282 -8.29 26.83 -1.56
N LYS C 283 -8.77 26.87 -2.80
CA LYS C 283 -9.35 25.69 -3.39
C LYS C 283 -8.24 24.69 -3.71
N GLU C 284 -8.55 23.40 -3.58
CA GLU C 284 -7.62 22.38 -4.04
C GLU C 284 -7.47 22.54 -5.54
N VAL C 285 -6.25 22.41 -6.05
CA VAL C 285 -5.99 22.52 -7.47
C VAL C 285 -5.18 21.34 -8.02
N SER C 286 -5.39 21.04 -9.30
CA SER C 286 -4.64 19.99 -10.00
C SER C 286 -4.45 20.45 -11.45
N PHE C 287 -3.21 20.69 -11.85
CA PHE C 287 -2.92 21.25 -13.19
C PHE C 287 -2.03 20.37 -14.06
N GLU C 288 -2.50 20.11 -15.29
CA GLU C 288 -1.69 19.48 -16.34
C GLU C 288 -1.53 20.53 -17.45
N LEU C 289 -0.32 21.05 -17.61
CA LEU C 289 -0.11 22.26 -18.40
C LEU C 289 0.71 22.03 -19.67
N GLY C 290 1.38 23.04 -20.19
CA GLY C 290 2.06 22.84 -21.46
C GLY C 290 3.29 21.95 -21.40
N GLY C 291 3.94 21.75 -22.55
CA GLY C 291 5.30 21.23 -22.53
C GLY C 291 6.07 21.50 -23.82
N LYS C 292 7.38 21.32 -23.78
CA LYS C 292 8.19 21.28 -24.97
C LYS C 292 8.97 19.97 -24.90
N ASN C 293 8.28 18.87 -25.19
CA ASN C 293 8.82 17.53 -24.96
C ASN C 293 9.87 17.09 -25.97
N ALA C 294 10.91 16.43 -25.46
CA ALA C 294 11.98 15.91 -26.31
C ALA C 294 11.76 14.44 -26.59
N ALA C 295 12.29 13.98 -27.72
CA ALA C 295 12.58 12.58 -27.95
C ALA C 295 14.12 12.46 -28.08
N VAL C 296 14.69 11.38 -27.54
CA VAL C 296 16.13 11.14 -27.65
C VAL C 296 16.38 9.76 -28.25
N VAL C 297 17.16 9.71 -29.32
CA VAL C 297 17.47 8.47 -30.02
C VAL C 297 18.97 8.20 -29.92
N PHE C 298 19.35 7.16 -29.19
CA PHE C 298 20.75 6.85 -28.96
C PHE C 298 21.24 5.98 -30.11
N ALA C 299 22.55 5.89 -30.27
CA ALA C 299 23.13 5.17 -31.40
C ALA C 299 22.79 3.69 -31.39
N ASP C 300 22.42 3.18 -30.22
CA ASP C 300 22.07 1.76 -30.09
C ASP C 300 20.55 1.51 -30.15
N ALA C 301 19.79 2.51 -30.57
CA ALA C 301 18.35 2.31 -30.76
C ALA C 301 18.09 1.46 -32.00
N ASP C 302 16.96 0.76 -31.98
CA ASP C 302 16.38 0.14 -33.15
C ASP C 302 15.93 1.31 -34.03
N LEU C 303 16.77 1.64 -35.01
CA LEU C 303 16.62 2.85 -35.82
C LEU C 303 15.28 2.94 -36.56
N ASP C 304 14.82 1.82 -37.11
CA ASP C 304 13.54 1.79 -37.80
C ASP C 304 12.40 2.08 -36.82
N ALA C 305 12.42 1.41 -35.67
CA ALA C 305 11.43 1.64 -34.63
C ALA C 305 11.44 3.07 -34.10
N ALA C 306 12.64 3.65 -33.96
CA ALA C 306 12.74 5.05 -33.50
C ALA C 306 12.14 6.02 -34.52
N ILE C 307 12.41 5.79 -35.81
CA ILE C 307 11.84 6.62 -36.86
C ILE C 307 10.31 6.57 -36.83
N GLU C 308 9.77 5.37 -36.78
CA GLU C 308 8.33 5.23 -36.68
C GLU C 308 7.82 5.87 -35.37
N GLY C 309 8.54 5.65 -34.28
CA GLY C 309 8.17 6.20 -33.00
C GLY C 309 8.10 7.71 -32.97
N VAL C 310 9.13 8.36 -33.51
CA VAL C 310 9.17 9.82 -33.53
C VAL C 310 8.13 10.41 -34.49
N LEU C 311 7.88 9.69 -35.57
CA LEU C 311 6.82 10.02 -36.49
C LEU C 311 5.47 10.05 -35.75
N ARG C 312 5.16 9.01 -34.99
CA ARG C 312 3.95 9.04 -34.14
C ARG C 312 4.00 10.18 -33.13
N SER C 313 5.15 10.37 -32.49
CA SER C 313 5.21 11.29 -31.35
C SER C 313 5.17 12.74 -31.80
N SER C 314 5.45 12.97 -33.08
CA SER C 314 5.54 14.33 -33.58
C SER C 314 4.27 14.77 -34.31
N PHE C 315 3.60 13.83 -34.98
CA PHE C 315 2.51 14.17 -35.88
C PHE C 315 1.12 13.61 -35.53
N THR C 316 1.02 12.75 -34.53
CA THR C 316 -0.28 12.26 -34.05
C THR C 316 -1.20 13.45 -33.75
N ASN C 317 -2.46 13.34 -34.16
CA ASN C 317 -3.46 14.40 -33.96
C ASN C 317 -2.94 15.71 -34.53
N SER C 318 -2.19 15.60 -35.62
CA SER C 318 -1.52 16.73 -36.25
C SER C 318 -0.61 17.51 -35.29
N GLY C 319 0.08 16.77 -34.44
CA GLY C 319 1.00 17.38 -33.49
C GLY C 319 0.31 18.12 -32.36
N GLN C 320 -1.01 17.98 -32.27
CA GLN C 320 -1.81 18.68 -31.27
C GLN C 320 -2.10 17.77 -30.09
N VAL C 321 -1.03 17.37 -29.40
CA VAL C 321 -1.17 16.70 -28.11
C VAL C 321 -0.11 17.28 -27.21
N CYS C 322 -0.47 17.48 -25.96
CA CYS C 322 0.47 18.01 -24.98
C CYS C 322 1.73 17.15 -24.89
N LEU C 323 1.59 15.86 -25.15
CA LEU C 323 2.71 14.91 -25.04
C LEU C 323 3.61 14.84 -26.26
N CYS C 324 3.20 15.49 -27.35
CA CYS C 324 3.97 15.44 -28.59
C CYS C 324 5.43 15.89 -28.44
N SER C 325 6.31 15.34 -29.27
CA SER C 325 7.72 15.71 -29.27
C SER C 325 7.99 16.78 -30.31
N GLU C 326 8.38 17.97 -29.88
CA GLU C 326 8.68 19.04 -30.82
C GLU C 326 10.19 19.30 -30.89
N ARG C 327 10.93 18.68 -29.96
CA ARG C 327 12.40 18.69 -29.95
C ARG C 327 12.84 17.24 -30.04
N VAL C 328 13.86 16.98 -30.85
CA VAL C 328 14.33 15.61 -31.06
C VAL C 328 15.85 15.64 -31.09
N TYR C 329 16.48 14.79 -30.30
CA TYR C 329 17.94 14.69 -30.26
C TYR C 329 18.36 13.32 -30.72
N VAL C 330 19.26 13.28 -31.70
CA VAL C 330 19.67 12.05 -32.35
C VAL C 330 21.20 11.98 -32.34
N HIS C 331 21.73 10.83 -31.95
CA HIS C 331 23.18 10.70 -31.85
C HIS C 331 23.79 10.91 -33.24
N ARG C 332 24.94 11.58 -33.26
CA ARG C 332 25.66 11.98 -34.47
C ARG C 332 25.83 10.88 -35.51
N SER C 333 26.13 9.67 -35.03
CA SER C 333 26.43 8.53 -35.91
C SER C 333 25.22 8.04 -36.71
N ILE C 334 24.02 8.41 -36.29
CA ILE C 334 22.83 8.01 -37.05
C ILE C 334 21.95 9.19 -37.43
N PHE C 335 22.46 10.40 -37.18
CA PHE C 335 21.68 11.62 -37.46
C PHE C 335 21.15 11.67 -38.91
N ASP C 336 22.06 11.66 -39.89
CA ASP C 336 21.68 11.81 -41.30
C ASP C 336 20.71 10.74 -41.74
N GLU C 337 20.97 9.51 -41.30
CA GLU C 337 20.10 8.39 -41.62
C GLU C 337 18.72 8.55 -40.94
N PHE C 338 18.69 9.12 -39.74
CA PHE C 338 17.41 9.29 -39.04
C PHE C 338 16.55 10.32 -39.77
N VAL C 339 17.17 11.46 -40.06
CA VAL C 339 16.49 12.58 -40.69
C VAL C 339 15.97 12.19 -42.08
N SER C 340 16.78 11.44 -42.82
CA SER C 340 16.38 10.98 -44.16
C SER C 340 15.21 10.02 -44.05
N GLY C 341 15.26 9.13 -43.07
CA GLY C 341 14.19 8.16 -42.91
C GLY C 341 12.88 8.81 -42.46
N LEU C 342 12.98 9.80 -41.58
CA LEU C 342 11.79 10.48 -41.07
C LEU C 342 11.13 11.34 -42.14
N LYS C 343 11.97 12.00 -42.94
CA LYS C 343 11.49 12.80 -44.07
C LYS C 343 10.63 11.95 -45.02
N VAL C 344 11.13 10.76 -45.35
CA VAL C 344 10.38 9.86 -46.24
C VAL C 344 9.05 9.46 -45.63
N GLU C 345 9.07 9.13 -44.34
CA GLU C 345 7.84 8.71 -43.68
C GLU C 345 6.86 9.88 -43.53
N ALA C 346 7.39 11.06 -43.19
CA ALA C 346 6.55 12.24 -43.03
C ALA C 346 5.86 12.58 -44.36
N GLU C 347 6.59 12.42 -45.45
CA GLU C 347 6.07 12.77 -46.76
C GLU C 347 5.08 11.73 -47.30
N ARG C 348 5.12 10.54 -46.72
CA ARG C 348 4.11 9.53 -46.99
C ARG C 348 2.81 9.77 -46.20
N LEU C 349 2.81 10.75 -45.31
CA LEU C 349 1.59 10.96 -44.53
C LEU C 349 0.50 11.53 -45.42
N VAL C 350 -0.67 10.91 -45.37
CA VAL C 350 -1.86 11.42 -46.03
C VAL C 350 -2.57 12.47 -45.17
N VAL C 351 -2.59 13.70 -45.64
CA VAL C 351 -3.31 14.78 -44.98
C VAL C 351 -4.66 14.99 -45.68
N GLY C 352 -5.77 14.91 -44.95
CA GLY C 352 -7.07 15.08 -45.60
C GLY C 352 -8.34 14.96 -44.77
N TYR C 353 -9.35 14.34 -45.36
CA TYR C 353 -10.65 14.15 -44.74
C TYR C 353 -10.58 13.06 -43.69
N PRO C 354 -11.30 13.24 -42.57
CA PRO C 354 -11.27 12.26 -41.47
C PRO C 354 -11.67 10.84 -41.92
N ASP C 355 -12.55 10.75 -42.91
CA ASP C 355 -12.98 9.44 -43.42
C ASP C 355 -12.37 9.11 -44.78
N GLN C 356 -11.35 9.87 -45.18
CA GLN C 356 -10.59 9.58 -46.39
C GLN C 356 -9.76 8.31 -46.19
N ASP C 357 -9.81 7.40 -47.16
CA ASP C 357 -9.07 6.15 -47.02
C ASP C 357 -7.56 6.39 -46.85
N GLY C 358 -6.99 5.84 -45.80
CA GLY C 358 -5.57 5.95 -45.52
C GLY C 358 -5.15 7.30 -44.96
N VAL C 359 -6.09 8.06 -44.41
CA VAL C 359 -5.76 9.38 -43.89
C VAL C 359 -4.92 9.24 -42.61
N ASN C 360 -3.90 10.07 -42.46
CA ASN C 360 -3.06 10.04 -41.28
C ASN C 360 -3.22 11.28 -40.42
N MET C 361 -3.53 12.40 -41.08
CA MET C 361 -3.64 13.70 -40.40
C MET C 361 -4.86 14.45 -40.92
N GLY C 362 -5.62 15.02 -39.99
CA GLY C 362 -6.63 16.01 -40.33
C GLY C 362 -6.02 17.40 -40.19
N PRO C 363 -6.87 18.44 -40.10
CA PRO C 363 -6.41 19.82 -39.96
C PRO C 363 -6.04 20.16 -38.52
N LEU C 364 -5.59 21.40 -38.31
CA LEU C 364 -5.45 21.96 -36.98
C LEU C 364 -6.84 22.33 -36.48
N ILE C 365 -6.95 22.67 -35.20
CA ILE C 365 -8.25 22.79 -34.54
C ILE C 365 -9.09 23.94 -35.11
N SER C 366 -8.43 25.01 -35.56
CA SER C 366 -9.11 26.25 -35.91
C SER C 366 -8.21 27.13 -36.74
N HIS C 367 -8.77 28.09 -37.46
CA HIS C 367 -7.97 29.02 -38.28
C HIS C 367 -7.07 29.86 -37.40
N GLY C 368 -7.59 30.21 -36.22
CA GLY C 368 -6.84 31.01 -35.28
C GLY C 368 -5.63 30.22 -34.82
N HIS C 369 -5.81 28.92 -34.59
CA HIS C 369 -4.68 28.12 -34.17
C HIS C 369 -3.66 27.96 -35.29
N ARG C 370 -4.14 27.83 -36.53
CA ARG C 370 -3.23 27.72 -37.67
C ARG C 370 -2.37 28.96 -37.86
N ASP C 371 -2.97 30.13 -37.65
CA ASP C 371 -2.23 31.38 -37.76
C ASP C 371 -1.04 31.42 -36.79
N LYS C 372 -1.24 30.89 -35.58
CA LYS C 372 -0.13 30.83 -34.62
C LYS C 372 0.93 29.88 -35.14
N VAL C 373 0.50 28.70 -35.57
CA VAL C 373 1.44 27.70 -36.05
C VAL C 373 2.25 28.21 -37.23
N LEU C 374 1.58 28.86 -38.18
CA LEU C 374 2.27 29.46 -39.32
C LEU C 374 3.20 30.60 -38.91
N SER C 375 2.84 31.35 -37.89
CA SER C 375 3.73 32.40 -37.40
C SER C 375 5.01 31.73 -36.89
N TYR C 376 4.89 30.54 -36.32
CA TYR C 376 6.07 29.79 -35.91
C TYR C 376 6.84 29.19 -37.09
N TYR C 377 6.14 28.72 -38.13
CA TYR C 377 6.85 28.21 -39.30
C TYR C 377 7.70 29.32 -39.89
N ARG C 378 7.13 30.51 -39.93
CA ARG C 378 7.78 31.69 -40.48
C ARG C 378 8.97 32.05 -39.61
N LEU C 379 8.76 32.04 -38.29
CA LEU C 379 9.81 32.37 -37.35
C LEU C 379 11.01 31.42 -37.45
N ALA C 380 10.74 30.13 -37.63
CA ALA C 380 11.81 29.14 -37.74
C ALA C 380 12.78 29.52 -38.85
N VAL C 381 12.22 29.84 -40.01
CA VAL C 381 13.03 30.24 -41.16
C VAL C 381 13.84 31.48 -40.83
N ASP C 382 13.19 32.47 -40.22
CA ASP C 382 13.90 33.69 -39.82
C ASP C 382 15.03 33.36 -38.86
N GLU C 383 14.87 32.31 -38.06
CA GLU C 383 15.88 31.93 -37.08
C GLU C 383 17.00 31.09 -37.68
N GLY C 384 16.87 30.75 -38.97
CA GLY C 384 17.97 30.12 -39.70
C GLY C 384 17.77 28.64 -39.91
N ALA C 385 16.56 28.16 -39.65
CA ALA C 385 16.26 26.74 -39.83
C ALA C 385 16.35 26.30 -41.27
N THR C 386 16.88 25.10 -41.47
CA THR C 386 16.70 24.37 -42.70
C THR C 386 15.36 23.65 -42.62
N VAL C 387 14.51 23.85 -43.63
CA VAL C 387 13.23 23.17 -43.68
C VAL C 387 13.37 21.84 -44.40
N VAL C 388 13.40 20.76 -43.64
CA VAL C 388 13.60 19.42 -44.21
C VAL C 388 12.39 18.97 -45.01
N THR C 389 11.20 19.29 -44.50
CA THR C 389 9.98 19.00 -45.23
C THR C 389 8.84 19.82 -44.66
N GLY C 390 7.76 19.94 -45.44
CA GLY C 390 6.64 20.75 -45.06
C GLY C 390 7.03 22.22 -44.98
N GLY C 391 6.56 22.91 -43.96
CA GLY C 391 6.86 24.31 -43.80
C GLY C 391 5.77 25.25 -44.29
N GLY C 392 4.69 24.70 -44.84
CA GLY C 392 3.57 25.54 -45.26
C GLY C 392 2.21 24.87 -45.13
N VAL C 393 1.28 25.26 -46.00
CA VAL C 393 -0.03 24.61 -46.06
C VAL C 393 -0.20 23.88 -47.39
N PRO C 394 -0.86 22.71 -47.36
CA PRO C 394 -1.07 21.96 -48.59
C PRO C 394 -2.14 22.65 -49.43
N LYS C 395 -2.09 22.42 -50.74
CA LYS C 395 -3.12 22.91 -51.65
C LYS C 395 -3.98 21.72 -52.04
N PHE C 396 -5.26 21.73 -51.67
CA PHE C 396 -6.14 20.62 -51.97
C PHE C 396 -7.01 20.89 -53.21
N ASN C 397 -7.14 22.16 -53.57
CA ASN C 397 -8.10 22.59 -54.59
C ASN C 397 -9.53 22.10 -54.34
N ASP C 398 -9.97 22.09 -53.09
CA ASP C 398 -11.36 21.79 -52.77
C ASP C 398 -11.76 22.48 -51.45
N GLU C 399 -12.84 22.02 -50.80
CA GLU C 399 -13.33 22.72 -49.61
C GLU C 399 -12.31 22.76 -48.47
N ARG C 400 -11.42 21.77 -48.46
CA ARG C 400 -10.37 21.71 -47.45
C ARG C 400 -9.52 22.97 -47.42
N ASP C 401 -9.39 23.63 -48.56
CA ASP C 401 -8.63 24.88 -48.62
C ASP C 401 -9.29 25.98 -47.76
N GLN C 402 -10.58 25.79 -47.44
CA GLN C 402 -11.29 26.70 -46.54
C GLN C 402 -11.18 26.30 -45.05
N GLY C 403 -10.47 25.20 -44.81
CA GLY C 403 -10.27 24.68 -43.46
C GLY C 403 -8.94 25.12 -42.89
N ALA C 404 -8.39 24.33 -41.96
CA ALA C 404 -7.27 24.81 -41.17
C ALA C 404 -6.09 23.83 -41.17
N TYR C 405 -5.72 23.40 -42.36
CA TYR C 405 -4.61 22.47 -42.56
C TYR C 405 -3.27 23.15 -42.62
N VAL C 406 -2.25 22.42 -42.17
CA VAL C 406 -0.86 22.77 -42.38
C VAL C 406 -0.14 21.48 -42.73
N GLN C 407 1.11 21.59 -43.16
CA GLN C 407 1.88 20.41 -43.47
C GLN C 407 2.70 19.94 -42.26
N PRO C 408 2.90 18.62 -42.16
CA PRO C 408 3.87 18.07 -41.21
C PRO C 408 5.25 18.61 -41.59
N THR C 409 5.98 19.10 -40.59
CA THR C 409 7.13 19.92 -40.86
C THR C 409 8.30 19.43 -40.02
N ILE C 410 9.49 19.41 -40.60
CA ILE C 410 10.70 19.01 -39.89
C ILE C 410 11.77 20.07 -40.10
N TRP C 411 12.39 20.53 -39.01
CA TRP C 411 13.46 21.51 -39.09
C TRP C 411 14.76 20.91 -38.61
N THR C 412 15.88 21.45 -39.12
CA THR C 412 17.20 21.25 -38.51
C THR C 412 17.95 22.57 -38.53
N GLY C 413 19.06 22.63 -37.81
CA GLY C 413 19.97 23.77 -37.90
C GLY C 413 19.79 24.88 -36.88
N LEU C 414 18.84 24.72 -35.97
CA LEU C 414 18.60 25.73 -34.93
C LEU C 414 19.39 25.45 -33.65
N SER C 415 19.77 26.50 -32.93
CA SER C 415 20.42 26.30 -31.63
C SER C 415 19.38 26.01 -30.55
N ASP C 416 19.83 25.47 -29.42
CA ASP C 416 18.93 25.12 -28.32
C ASP C 416 18.20 26.33 -27.75
N LYS C 417 18.77 27.52 -27.96
CA LYS C 417 18.16 28.74 -27.46
C LYS C 417 17.16 29.40 -28.43
N ALA C 418 16.98 28.83 -29.62
CA ALA C 418 16.00 29.37 -30.57
C ALA C 418 14.57 29.26 -30.04
N ARG C 419 13.75 30.27 -30.33
CA ARG C 419 12.37 30.28 -29.86
C ARG C 419 11.55 29.10 -30.36
N CYS C 420 11.83 28.65 -31.58
CA CYS C 420 11.09 27.53 -32.16
C CYS C 420 11.49 26.20 -31.53
N VAL C 421 12.54 26.26 -30.73
CA VAL C 421 13.07 25.08 -30.04
C VAL C 421 12.70 25.13 -28.56
N THR C 422 12.23 26.29 -28.10
CA THR C 422 11.94 26.46 -26.68
C THR C 422 10.47 26.66 -26.36
N GLU C 423 9.74 27.33 -27.25
CA GLU C 423 8.32 27.61 -27.00
C GLU C 423 7.44 26.54 -27.63
N GLU C 424 6.42 26.12 -26.90
CA GLU C 424 5.48 25.13 -27.41
C GLU C 424 4.73 25.72 -28.62
N ILE C 425 4.79 25.01 -29.74
CA ILE C 425 4.08 25.41 -30.95
C ILE C 425 2.69 24.77 -31.03
N PHE C 426 2.61 23.48 -30.70
CA PHE C 426 1.38 22.70 -30.72
C PHE C 426 0.86 22.44 -32.15
N GLY C 427 1.80 22.27 -33.08
CA GLY C 427 1.47 21.87 -34.44
C GLY C 427 2.26 20.62 -34.84
N PRO C 428 2.06 20.15 -36.09
CA PRO C 428 2.70 18.90 -36.51
C PRO C 428 4.14 19.17 -36.92
N VAL C 429 4.99 19.43 -35.93
CA VAL C 429 6.34 19.88 -36.22
C VAL C 429 7.37 19.32 -35.25
N CYS C 430 8.61 19.15 -35.72
CA CYS C 430 9.70 18.87 -34.81
C CYS C 430 11.02 19.36 -35.35
N HIS C 431 11.87 19.83 -34.45
CA HIS C 431 13.25 20.11 -34.82
C HIS C 431 14.15 18.94 -34.41
N ILE C 432 15.10 18.61 -35.25
CA ILE C 432 16.03 17.53 -34.97
C ILE C 432 17.44 18.08 -34.83
N SER C 433 18.10 17.74 -33.74
CA SER C 433 19.45 18.22 -33.47
C SER C 433 20.35 17.03 -33.16
N PRO C 434 21.63 17.10 -33.58
CA PRO C 434 22.51 15.98 -33.22
C PRO C 434 23.03 16.10 -31.79
N PHE C 435 23.50 15.01 -31.20
CA PHE C 435 24.20 15.08 -29.92
C PHE C 435 25.28 14.02 -29.94
N ASP C 436 26.18 14.11 -28.96
CA ASP C 436 27.34 13.25 -28.91
C ASP C 436 27.38 12.41 -27.64
N ASP C 437 27.22 13.08 -26.49
CA ASP C 437 27.36 12.44 -25.18
C ASP C 437 26.03 12.29 -24.45
N GLU C 438 25.96 11.24 -23.62
CA GLU C 438 24.80 10.97 -22.80
C GLU C 438 24.54 12.08 -21.77
N ASP C 439 25.58 12.53 -21.07
CA ASP C 439 25.35 13.60 -20.10
C ASP C 439 24.94 14.88 -20.82
N GLU C 440 25.53 15.11 -21.98
CA GLU C 440 25.20 16.29 -22.78
C GLU C 440 23.72 16.31 -23.13
N VAL C 441 23.21 15.23 -23.69
CA VAL C 441 21.84 15.25 -24.15
C VAL C 441 20.83 15.32 -22.98
N ILE C 442 21.20 14.74 -21.84
CA ILE C 442 20.35 14.81 -20.65
C ILE C 442 20.21 16.27 -20.21
N ASN C 443 21.32 17.00 -20.24
CA ASN C 443 21.30 18.41 -19.89
C ASN C 443 20.47 19.26 -20.85
N ARG C 444 20.56 18.96 -22.14
CA ARG C 444 19.81 19.72 -23.15
C ARG C 444 18.30 19.43 -23.08
N VAL C 445 17.94 18.17 -22.82
CA VAL C 445 16.55 17.85 -22.54
C VAL C 445 16.01 18.63 -21.34
N ASN C 446 16.77 18.63 -20.25
CA ASN C 446 16.32 19.25 -19.00
C ASN C 446 16.38 20.78 -19.00
N ASP C 447 17.06 21.36 -20.00
CA ASP C 447 17.24 22.81 -20.08
C ASP C 447 16.01 23.45 -20.66
N SER C 448 14.95 23.46 -19.88
CA SER C 448 13.63 23.88 -20.34
C SER C 448 12.84 24.31 -19.12
N ASN C 449 11.92 25.25 -19.30
CA ASN C 449 11.03 25.66 -18.22
C ASN C 449 9.83 24.72 -18.11
N TYR C 450 9.71 23.82 -19.08
CA TYR C 450 8.66 22.81 -19.07
C TYR C 450 9.26 21.49 -18.64
N GLY C 451 8.39 20.53 -18.32
CA GLY C 451 8.84 19.21 -17.92
C GLY C 451 7.69 18.24 -17.86
N LEU C 452 7.05 18.02 -19.02
CA LEU C 452 5.90 17.12 -19.08
C LEU C 452 6.34 15.68 -19.36
N ALA C 453 6.89 15.44 -20.55
CA ALA C 453 7.25 14.08 -20.92
C ALA C 453 8.48 13.99 -21.83
N CYS C 454 8.99 12.76 -21.96
CA CYS C 454 10.16 12.52 -22.78
C CYS C 454 10.15 11.08 -23.28
N ALA C 455 10.52 10.89 -24.54
CA ALA C 455 10.68 9.53 -25.09
C ALA C 455 12.17 9.26 -25.39
N ILE C 456 12.63 8.09 -25.01
CA ILE C 456 14.02 7.76 -25.19
C ILE C 456 14.06 6.46 -25.95
N TRP C 457 14.96 6.37 -26.94
CA TRP C 457 15.10 5.18 -27.77
C TRP C 457 16.50 4.58 -27.58
N THR C 458 16.54 3.37 -27.04
CA THR C 458 17.84 2.71 -26.78
C THR C 458 17.58 1.23 -26.51
N THR C 459 18.51 0.37 -26.93
CA THR C 459 18.36 -1.06 -26.65
C THR C 459 19.21 -1.49 -25.47
N ASN C 460 19.92 -0.53 -24.88
CA ASN C 460 20.81 -0.82 -23.75
C ASN C 460 20.08 -0.77 -22.41
N LEU C 461 20.19 -1.84 -21.65
CA LEU C 461 19.53 -2.00 -20.37
C LEU C 461 19.94 -0.95 -19.32
N SER C 462 21.24 -0.81 -19.07
CA SER C 462 21.69 0.16 -18.06
C SER C 462 21.31 1.58 -18.49
N ARG C 463 21.57 1.89 -19.74
CA ARG C 463 21.31 3.23 -20.24
C ARG C 463 19.85 3.61 -20.07
N ALA C 464 18.96 2.68 -20.43
CA ALA C 464 17.52 2.92 -20.33
C ALA C 464 17.16 3.41 -18.93
N HIS C 465 17.64 2.68 -17.92
CA HIS C 465 17.26 2.97 -16.54
C HIS C 465 18.03 4.14 -15.98
N ARG C 466 19.31 4.22 -16.33
CA ARG C 466 20.19 5.29 -15.91
C ARG C 466 19.74 6.65 -16.45
N VAL C 467 19.43 6.72 -17.74
CA VAL C 467 19.02 7.99 -18.37
C VAL C 467 17.60 8.40 -17.96
N SER C 468 16.67 7.45 -18.01
CA SER C 468 15.28 7.74 -17.68
C SER C 468 15.14 8.46 -16.35
N ARG C 469 15.88 8.00 -15.34
CA ARG C 469 15.71 8.54 -13.99
C ARG C 469 16.25 9.96 -13.90
N GLN C 470 17.11 10.34 -14.86
CA GLN C 470 17.71 11.68 -14.84
C GLN C 470 16.93 12.74 -15.61
N ILE C 471 15.87 12.33 -16.29
CA ILE C 471 15.10 13.29 -17.06
C ILE C 471 14.09 13.94 -16.15
N HIS C 472 14.12 15.27 -16.09
CA HIS C 472 13.28 16.03 -15.17
C HIS C 472 11.90 16.28 -15.76
N VAL C 473 11.07 15.24 -15.79
CA VAL C 473 9.73 15.31 -16.35
C VAL C 473 8.85 14.39 -15.52
N GLY C 474 7.54 14.41 -15.75
CA GLY C 474 6.65 13.53 -15.01
C GLY C 474 6.56 12.13 -15.63
N LEU C 475 6.81 12.05 -16.94
CA LEU C 475 6.58 10.82 -17.70
C LEU C 475 7.71 10.55 -18.68
N VAL C 476 8.35 9.40 -18.56
CA VAL C 476 9.33 8.96 -19.53
C VAL C 476 8.85 7.68 -20.19
N TRP C 477 8.90 7.63 -21.52
CA TRP C 477 8.70 6.39 -22.26
C TRP C 477 10.03 5.94 -22.86
N VAL C 478 10.29 4.64 -22.82
CA VAL C 478 11.45 4.06 -23.45
C VAL C 478 10.99 3.13 -24.57
N ASN C 479 11.43 3.39 -25.80
CA ASN C 479 11.07 2.60 -26.98
C ASN C 479 9.58 2.56 -27.28
N THR C 480 8.88 3.63 -26.90
CA THR C 480 7.49 3.80 -27.29
C THR C 480 7.12 5.25 -27.00
N TRP C 481 5.83 5.56 -27.16
CA TRP C 481 5.33 6.87 -26.82
C TRP C 481 3.83 6.81 -26.57
N TYR C 482 3.36 7.59 -25.60
CA TYR C 482 1.96 7.63 -25.22
C TYR C 482 1.33 6.25 -25.00
N LEU C 483 2.02 5.41 -24.24
CA LEU C 483 1.43 4.18 -23.73
C LEU C 483 0.89 4.49 -22.35
N ARG C 484 -0.39 4.25 -22.14
CA ARG C 484 -1.01 4.67 -20.88
C ARG C 484 -1.56 3.54 -20.04
N ASP C 485 -1.07 3.45 -18.80
CA ASP C 485 -1.69 2.62 -17.81
C ASP C 485 -2.40 3.59 -16.88
N LEU C 486 -3.72 3.51 -16.80
CA LEU C 486 -4.49 4.52 -16.08
C LEU C 486 -4.25 4.53 -14.55
N ARG C 487 -3.50 3.55 -14.03
CA ARG C 487 -3.23 3.47 -12.59
C ARG C 487 -2.03 4.31 -12.20
N THR C 488 -1.26 4.71 -13.21
CA THR C 488 0.02 5.37 -12.94
C THR C 488 -0.15 6.88 -12.72
N PRO C 489 0.73 7.47 -11.89
CA PRO C 489 0.69 8.92 -11.70
C PRO C 489 0.99 9.64 -13.02
N PHE C 490 0.20 10.65 -13.31
CA PHE C 490 0.34 11.37 -14.56
C PHE C 490 0.38 12.86 -14.26
N GLY C 491 1.41 13.52 -14.77
CA GLY C 491 1.58 14.94 -14.52
C GLY C 491 2.96 15.43 -14.94
N GLY C 492 3.20 16.72 -14.71
CA GLY C 492 4.46 17.32 -15.10
C GLY C 492 5.14 18.06 -13.97
N VAL C 493 6.38 18.48 -14.20
CA VAL C 493 7.11 19.28 -13.23
C VAL C 493 7.27 20.68 -13.82
N LYS C 494 7.89 21.57 -13.04
CA LYS C 494 8.17 22.94 -13.47
C LYS C 494 6.90 23.64 -13.99
N LEU C 495 6.95 24.25 -15.18
CA LEU C 495 5.74 24.93 -15.67
C LEU C 495 4.69 23.98 -16.24
N SER C 496 5.00 22.69 -16.35
CA SER C 496 4.10 21.73 -16.99
C SER C 496 3.05 21.21 -16.05
N GLY C 497 3.07 21.63 -14.80
CA GLY C 497 2.04 21.13 -13.90
C GLY C 497 2.19 21.31 -12.41
N LEU C 498 1.16 20.82 -11.73
CA LEU C 498 1.05 20.90 -10.29
C LEU C 498 0.24 19.67 -9.90
N GLY C 499 0.76 18.87 -8.99
CA GLY C 499 0.05 17.67 -8.56
C GLY C 499 0.18 16.48 -9.51
N ARG C 500 -0.41 15.35 -9.14
CA ARG C 500 -0.48 14.18 -10.01
C ARG C 500 -1.87 13.59 -10.03
N GLU C 501 -2.26 13.05 -11.18
CA GLU C 501 -3.51 12.33 -11.28
C GLU C 501 -3.27 10.91 -11.78
N GLY C 502 -4.33 10.11 -11.80
CA GLY C 502 -4.25 8.72 -12.20
C GLY C 502 -4.14 7.81 -10.99
N GLY C 503 -4.77 6.65 -11.06
CA GLY C 503 -4.76 5.68 -9.99
C GLY C 503 -5.06 6.27 -8.62
N ARG C 504 -4.24 5.88 -7.66
CA ARG C 504 -4.32 6.30 -6.27
C ARG C 504 -4.24 7.82 -6.14
N PHE C 505 -3.56 8.46 -7.08
CA PHE C 505 -3.41 9.91 -7.04
C PHE C 505 -4.71 10.67 -7.32
N SER C 506 -5.54 10.12 -8.21
CA SER C 506 -6.85 10.68 -8.42
C SER C 506 -7.77 10.39 -7.24
N MET C 507 -7.69 9.18 -6.70
CA MET C 507 -8.55 8.82 -5.57
C MET C 507 -8.26 9.75 -4.40
N ASP C 508 -7.01 10.21 -4.29
CA ASP C 508 -6.63 11.13 -3.23
C ASP C 508 -7.05 12.57 -3.56
N PHE C 509 -6.79 13.01 -4.78
CA PHE C 509 -7.09 14.39 -5.13
C PHE C 509 -8.58 14.68 -5.08
N TYR C 510 -9.38 13.74 -5.56
CA TYR C 510 -10.82 13.95 -5.65
C TYR C 510 -11.53 13.55 -4.37
N SER C 511 -10.75 13.26 -3.33
CA SER C 511 -11.32 12.91 -2.04
C SER C 511 -10.89 13.84 -0.93
N ASP C 512 -11.78 14.02 0.03
CA ASP C 512 -11.40 14.56 1.32
C ASP C 512 -10.77 13.39 2.09
N ILE C 513 -9.52 13.55 2.52
CA ILE C 513 -8.90 12.54 3.36
C ILE C 513 -8.98 13.03 4.80
N ALA C 514 -9.73 12.31 5.62
CA ALA C 514 -9.89 12.74 7.01
C ALA C 514 -9.29 11.71 7.96
N ASN C 515 -8.62 12.19 9.00
CA ASN C 515 -8.10 11.32 10.05
C ASN C 515 -9.03 11.36 11.24
N ILE C 516 -9.42 10.19 11.71
CA ILE C 516 -10.24 10.07 12.90
C ILE C 516 -9.44 9.34 13.98
N CYS C 517 -9.25 9.98 15.12
CA CYS C 517 -8.44 9.41 16.20
C CYS C 517 -9.24 9.08 17.47
N ILE C 518 -9.34 7.79 17.77
CA ILE C 518 -10.10 7.30 18.92
C ILE C 518 -9.21 6.96 20.11
N LYS C 519 -9.35 7.70 21.21
CA LYS C 519 -8.72 7.34 22.47
C LYS C 519 -9.47 6.15 23.10
N ILE C 520 -8.75 5.09 23.46
CA ILE C 520 -9.40 3.90 24.00
C ILE C 520 -9.44 3.86 25.54
N GLN D 39 -28.17 -36.97 -12.92
CA GLN D 39 -26.74 -37.31 -12.93
C GLN D 39 -25.80 -36.11 -12.99
N LEU D 40 -24.75 -36.18 -12.17
CA LEU D 40 -23.73 -35.15 -12.14
C LEU D 40 -22.40 -35.75 -12.58
N LEU D 41 -21.82 -35.17 -13.64
CA LEU D 41 -20.58 -35.68 -14.21
C LEU D 41 -19.38 -34.83 -13.81
N ASN D 42 -18.20 -35.41 -13.93
CA ASN D 42 -16.96 -34.66 -13.81
C ASN D 42 -16.78 -33.78 -15.02
N TYR D 43 -15.96 -32.73 -14.89
CA TYR D 43 -15.68 -31.86 -16.02
C TYR D 43 -14.16 -31.75 -16.14
N ILE D 44 -13.62 -32.38 -17.18
CA ILE D 44 -12.19 -32.56 -17.32
C ILE D 44 -11.74 -32.23 -18.74
N ASP D 45 -10.85 -31.26 -18.84
CA ASP D 45 -10.29 -30.83 -20.11
C ASP D 45 -11.37 -30.49 -21.15
N GLY D 46 -12.35 -29.71 -20.73
CA GLY D 46 -13.36 -29.24 -21.65
C GLY D 46 -14.53 -30.19 -21.84
N ASN D 47 -14.46 -31.38 -21.24
CA ASN D 47 -15.52 -32.38 -21.42
C ASN D 47 -16.21 -32.88 -20.14
N PHE D 48 -17.52 -33.10 -20.25
CA PHE D 48 -18.25 -33.82 -19.20
C PHE D 48 -18.04 -35.30 -19.35
N VAL D 49 -17.54 -35.92 -18.28
CA VAL D 49 -17.17 -37.32 -18.37
C VAL D 49 -17.74 -38.09 -17.21
N THR D 50 -18.03 -39.36 -17.44
CA THR D 50 -18.58 -40.22 -16.40
C THR D 50 -17.45 -41.00 -15.75
N SER D 51 -17.80 -41.89 -14.83
CA SER D 51 -16.80 -42.66 -14.10
C SER D 51 -17.21 -44.11 -13.98
N ALA D 52 -16.30 -44.94 -13.49
CA ALA D 52 -16.59 -46.35 -13.24
C ALA D 52 -17.47 -46.53 -11.99
N SER D 53 -17.37 -45.59 -11.05
CA SER D 53 -18.22 -45.62 -9.85
C SER D 53 -19.13 -44.41 -9.82
N SER D 54 -20.33 -44.60 -9.30
CA SER D 54 -21.19 -43.46 -8.96
C SER D 54 -21.67 -43.60 -7.52
N PHE D 55 -22.14 -42.50 -6.95
CA PHE D 55 -22.68 -42.53 -5.60
C PHE D 55 -23.89 -41.62 -5.48
N ALA D 56 -24.67 -41.82 -4.43
CA ALA D 56 -25.96 -41.17 -4.29
C ALA D 56 -25.91 -39.75 -3.70
N ASN D 57 -26.66 -38.86 -4.33
CA ASN D 57 -26.89 -37.51 -3.83
C ASN D 57 -28.31 -37.48 -3.24
N ILE D 58 -28.39 -37.52 -1.91
CA ILE D 58 -29.67 -37.66 -1.21
C ILE D 58 -30.25 -36.33 -0.73
N ASN D 59 -31.48 -36.01 -1.11
CA ASN D 59 -32.13 -34.85 -0.53
C ASN D 59 -32.32 -35.07 0.97
N PRO D 60 -31.81 -34.14 1.80
CA PRO D 60 -31.93 -34.28 3.27
C PRO D 60 -33.30 -33.91 3.81
N VAL D 61 -34.14 -33.26 3.00
CA VAL D 61 -35.50 -32.94 3.44
C VAL D 61 -36.35 -34.21 3.62
N ASN D 62 -36.22 -35.14 2.69
CA ASN D 62 -37.10 -36.31 2.64
C ASN D 62 -36.36 -37.63 2.43
N GLY D 63 -35.03 -37.56 2.39
CA GLY D 63 -34.23 -38.75 2.25
C GLY D 63 -34.32 -39.35 0.87
N LYS D 64 -34.89 -38.61 -0.09
CA LYS D 64 -35.00 -39.07 -1.48
C LYS D 64 -33.71 -38.92 -2.28
N LEU D 65 -33.56 -39.75 -3.31
CA LEU D 65 -32.43 -39.65 -4.22
C LEU D 65 -32.64 -38.50 -5.21
N ILE D 66 -31.66 -37.60 -5.28
CA ILE D 66 -31.70 -36.47 -6.21
C ILE D 66 -30.98 -36.80 -7.50
N SER D 67 -29.81 -37.42 -7.38
CA SER D 67 -28.97 -37.69 -8.54
C SER D 67 -27.86 -38.67 -8.22
N ASP D 68 -27.36 -39.33 -9.25
CA ASP D 68 -26.17 -40.17 -9.13
C ASP D 68 -24.96 -39.30 -9.47
N VAL D 69 -23.88 -39.47 -8.72
CA VAL D 69 -22.68 -38.66 -8.93
C VAL D 69 -21.50 -39.54 -9.29
N PHE D 70 -20.90 -39.29 -10.45
CA PHE D 70 -19.74 -40.07 -10.85
C PHE D 70 -18.49 -39.66 -10.06
N GLU D 71 -17.86 -40.64 -9.43
CA GLU D 71 -16.66 -40.44 -8.63
C GLU D 71 -15.40 -40.56 -9.48
N ALA D 72 -14.61 -39.48 -9.54
CA ALA D 72 -13.35 -39.50 -10.28
C ALA D 72 -12.37 -40.48 -9.65
N ASP D 73 -11.79 -41.34 -10.47
CA ASP D 73 -10.75 -42.23 -9.98
C ASP D 73 -9.41 -41.54 -10.14
N ALA D 74 -8.37 -42.19 -9.63
CA ALA D 74 -7.04 -41.60 -9.66
C ALA D 74 -6.58 -41.27 -11.07
N LYS D 75 -6.96 -42.11 -12.02
CA LYS D 75 -6.59 -41.89 -13.42
C LYS D 75 -7.18 -40.58 -13.92
N GLN D 76 -8.42 -40.31 -13.52
CA GLN D 76 -9.15 -39.11 -13.94
C GLN D 76 -8.63 -37.86 -13.22
N VAL D 77 -8.20 -38.03 -11.98
CA VAL D 77 -7.61 -36.92 -11.23
C VAL D 77 -6.31 -36.51 -11.91
N ASN D 78 -5.50 -37.50 -12.27
CA ASN D 78 -4.29 -37.21 -13.03
C ASN D 78 -4.59 -36.51 -14.34
N GLU D 79 -5.67 -36.94 -15.00
CA GLU D 79 -6.05 -36.34 -16.27
C GLU D 79 -6.48 -34.90 -16.08
N ALA D 80 -7.15 -34.61 -14.98
CA ALA D 80 -7.59 -33.25 -14.70
C ALA D 80 -6.38 -32.35 -14.42
N VAL D 81 -5.43 -32.89 -13.66
CA VAL D 81 -4.24 -32.15 -13.30
C VAL D 81 -3.33 -31.86 -14.49
N VAL D 82 -3.07 -32.87 -15.32
CA VAL D 82 -2.28 -32.71 -16.54
C VAL D 82 -2.90 -31.68 -17.50
N ALA D 83 -4.23 -31.71 -17.61
CA ALA D 83 -4.95 -30.76 -18.45
C ALA D 83 -4.90 -29.36 -17.89
N ALA D 84 -4.87 -29.27 -16.55
CA ALA D 84 -4.70 -27.98 -15.89
C ALA D 84 -3.32 -27.41 -16.20
N GLN D 85 -2.29 -28.24 -16.09
CA GLN D 85 -0.93 -27.82 -16.38
C GLN D 85 -0.78 -27.32 -17.82
N ASN D 86 -1.28 -28.10 -18.78
CA ASN D 86 -1.21 -27.70 -20.18
C ASN D 86 -1.97 -26.42 -20.50
N ALA D 87 -3.14 -26.26 -19.88
CA ALA D 87 -3.96 -25.08 -20.10
C ALA D 87 -3.23 -23.77 -19.78
N LEU D 88 -2.30 -23.85 -18.82
CA LEU D 88 -1.48 -22.70 -18.46
C LEU D 88 -0.68 -22.20 -19.66
N LYS D 89 -0.39 -23.11 -20.59
CA LYS D 89 0.48 -22.81 -21.74
C LYS D 89 -0.32 -22.56 -22.99
N GLY D 90 -1.64 -22.51 -22.86
CA GLY D 90 -2.54 -22.32 -23.99
C GLY D 90 -3.10 -20.92 -24.02
N PRO D 91 -4.22 -20.73 -24.74
CA PRO D 91 -4.91 -19.44 -24.86
C PRO D 91 -5.17 -18.75 -23.53
N TRP D 92 -5.51 -19.51 -22.48
CA TRP D 92 -5.76 -18.93 -21.15
C TRP D 92 -4.54 -18.17 -20.63
N GLY D 93 -3.38 -18.80 -20.75
CA GLY D 93 -2.14 -18.19 -20.26
C GLY D 93 -1.63 -17.02 -21.08
N LYS D 94 -2.33 -16.67 -22.15
CA LYS D 94 -1.92 -15.56 -22.99
C LYS D 94 -2.90 -14.39 -22.90
N LEU D 95 -3.96 -14.56 -22.11
CA LEU D 95 -4.90 -13.46 -21.92
C LEU D 95 -4.24 -12.36 -21.11
N SER D 96 -4.50 -11.11 -21.48
CA SER D 96 -4.09 -9.98 -20.66
C SER D 96 -4.90 -10.05 -19.38
N VAL D 97 -4.46 -9.32 -18.35
CA VAL D 97 -5.21 -9.29 -17.10
C VAL D 97 -6.61 -8.76 -17.34
N GLN D 98 -6.73 -7.71 -18.15
CA GLN D 98 -8.03 -7.11 -18.45
C GLN D 98 -8.99 -8.09 -19.10
N ASP D 99 -8.46 -8.91 -20.00
CA ASP D 99 -9.30 -9.84 -20.74
C ASP D 99 -9.73 -10.99 -19.85
N ARG D 100 -8.79 -11.45 -19.03
CA ARG D 100 -9.07 -12.47 -18.03
C ARG D 100 -10.21 -12.02 -17.12
N ALA D 101 -10.11 -10.78 -16.65
CA ALA D 101 -11.12 -10.22 -15.76
C ALA D 101 -12.47 -10.10 -16.45
N ALA D 102 -12.44 -9.83 -17.75
CA ALA D 102 -13.67 -9.74 -18.53
C ALA D 102 -14.34 -11.10 -18.63
N LEU D 103 -13.53 -12.11 -18.91
CA LEU D 103 -14.02 -13.48 -18.99
C LEU D 103 -14.60 -13.92 -17.63
N ILE D 104 -13.98 -13.47 -16.55
CA ILE D 104 -14.45 -13.82 -15.22
C ILE D 104 -15.77 -13.13 -14.91
N HIS D 105 -15.90 -11.87 -15.33
CA HIS D 105 -17.19 -11.19 -15.20
C HIS D 105 -18.27 -11.92 -16.00
N LYS D 106 -17.88 -12.55 -17.11
CA LYS D 106 -18.82 -13.32 -17.91
C LYS D 106 -19.28 -14.59 -17.19
N ILE D 107 -18.38 -15.20 -16.42
CA ILE D 107 -18.75 -16.34 -15.59
C ILE D 107 -19.83 -15.92 -14.61
N ALA D 108 -19.63 -14.74 -14.01
CA ALA D 108 -20.58 -14.21 -13.04
C ALA D 108 -21.93 -13.91 -13.69
N ASP D 109 -21.91 -13.44 -14.92
CA ASP D 109 -23.14 -13.13 -15.64
C ASP D 109 -23.89 -14.42 -15.94
N GLY D 110 -23.13 -15.46 -16.26
CA GLY D 110 -23.68 -16.76 -16.54
C GLY D 110 -24.44 -17.29 -15.33
N ILE D 111 -23.88 -17.11 -14.14
CA ILE D 111 -24.54 -17.57 -12.93
C ILE D 111 -25.82 -16.77 -12.73
N GLN D 112 -25.72 -15.46 -12.90
CA GLN D 112 -26.85 -14.56 -12.69
C GLN D 112 -27.98 -14.87 -13.69
N ALA D 113 -27.60 -15.19 -14.92
CA ALA D 113 -28.59 -15.53 -15.95
C ALA D 113 -29.30 -16.86 -15.68
N ARG D 114 -28.71 -17.69 -14.82
CA ARG D 114 -29.33 -18.95 -14.44
C ARG D 114 -29.53 -19.00 -12.94
N PHE D 115 -29.83 -17.84 -12.36
CA PHE D 115 -29.92 -17.67 -10.91
C PHE D 115 -30.78 -18.74 -10.24
N GLU D 116 -32.09 -18.70 -10.53
CA GLU D 116 -33.06 -19.61 -9.90
C GLU D 116 -32.66 -21.07 -10.06
N GLU D 117 -32.00 -21.37 -11.17
CA GLU D 117 -31.51 -22.72 -11.38
C GLU D 117 -30.41 -23.06 -10.37
N PHE D 118 -29.64 -22.05 -9.95
CA PHE D 118 -28.56 -22.29 -8.99
C PHE D 118 -29.13 -22.40 -7.59
N VAL D 119 -30.09 -21.51 -7.29
CA VAL D 119 -30.85 -21.57 -6.06
C VAL D 119 -31.40 -22.98 -5.83
N ALA D 120 -32.05 -23.51 -6.86
CA ALA D 120 -32.70 -24.80 -6.76
C ALA D 120 -31.68 -25.90 -6.49
N ALA D 121 -30.53 -25.83 -7.14
CA ALA D 121 -29.49 -26.84 -6.91
C ALA D 121 -28.97 -26.83 -5.46
N GLU D 122 -28.66 -25.64 -4.94
CA GLU D 122 -28.17 -25.52 -3.57
C GLU D 122 -29.19 -26.04 -2.55
N VAL D 123 -30.43 -25.59 -2.71
CA VAL D 123 -31.56 -26.04 -1.88
C VAL D 123 -31.72 -27.56 -1.91
N ALA D 124 -31.79 -28.13 -3.11
CA ALA D 124 -31.96 -29.57 -3.25
C ALA D 124 -30.92 -30.39 -2.49
N ASP D 125 -29.64 -30.04 -2.65
CA ASP D 125 -28.53 -30.78 -2.08
C ASP D 125 -28.53 -30.75 -0.56
N THR D 126 -28.94 -29.61 -0.01
CA THR D 126 -28.67 -29.29 1.38
C THR D 126 -29.91 -29.06 2.22
N GLY D 127 -31.01 -28.69 1.58
CA GLY D 127 -32.25 -28.40 2.30
C GLY D 127 -32.30 -27.02 2.94
N ARG D 128 -31.41 -26.11 2.53
CA ARG D 128 -31.41 -24.77 3.09
C ARG D 128 -32.63 -24.00 2.63
N PRO D 129 -33.12 -23.06 3.44
CA PRO D 129 -34.24 -22.19 3.06
C PRO D 129 -34.02 -21.49 1.72
N VAL D 130 -35.07 -21.42 0.90
CA VAL D 130 -34.99 -20.81 -0.41
C VAL D 130 -34.54 -19.35 -0.29
N HIS D 131 -35.05 -18.68 0.73
CA HIS D 131 -34.69 -17.29 0.93
C HIS D 131 -33.21 -17.10 1.26
N GLN D 132 -32.63 -18.05 2.01
CA GLN D 132 -31.20 -17.98 2.32
C GLN D 132 -30.36 -18.13 1.04
N ALA D 133 -30.71 -19.11 0.22
CA ALA D 133 -30.03 -19.32 -1.05
C ALA D 133 -30.11 -18.09 -1.94
N ARG D 134 -31.27 -17.46 -1.97
CA ARG D 134 -31.50 -16.32 -2.86
C ARG D 134 -30.81 -15.05 -2.41
N THR D 135 -30.55 -14.92 -1.11
CA THR D 135 -30.05 -13.67 -0.58
C THR D 135 -28.60 -13.78 -0.12
N LEU D 136 -28.20 -14.97 0.31
CA LEU D 136 -26.84 -15.18 0.78
C LEU D 136 -26.04 -16.00 -0.21
N ASP D 137 -26.42 -17.26 -0.36
CA ASP D 137 -25.59 -18.24 -1.06
C ASP D 137 -25.25 -17.88 -2.49
N ILE D 138 -26.28 -17.68 -3.31
CA ILE D 138 -26.03 -17.41 -4.73
C ILE D 138 -25.50 -16.00 -5.04
N PRO D 139 -26.07 -14.94 -4.41
CA PRO D 139 -25.47 -13.63 -4.71
C PRO D 139 -23.98 -13.53 -4.30
N ARG D 140 -23.60 -14.18 -3.20
CA ARG D 140 -22.21 -14.13 -2.75
C ARG D 140 -21.25 -14.79 -3.74
N ALA D 141 -21.70 -15.87 -4.36
CA ALA D 141 -20.90 -16.58 -5.35
C ALA D 141 -20.64 -15.70 -6.55
N ILE D 142 -21.64 -14.90 -6.91
CA ILE D 142 -21.52 -13.97 -8.00
C ILE D 142 -20.57 -12.83 -7.60
N ALA D 143 -20.68 -12.39 -6.35
CA ALA D 143 -19.84 -11.33 -5.83
C ALA D 143 -18.38 -11.79 -5.79
N ASN D 144 -18.18 -13.06 -5.47
CA ASN D 144 -16.87 -13.64 -5.41
C ASN D 144 -16.13 -13.46 -6.71
N PHE D 145 -16.75 -13.92 -7.80
CA PHE D 145 -16.13 -13.75 -9.11
C PHE D 145 -15.92 -12.28 -9.46
N ARG D 146 -16.93 -11.45 -9.23
CA ARG D 146 -16.81 -10.04 -9.64
C ARG D 146 -15.76 -9.29 -8.85
N THR D 147 -15.72 -9.52 -7.55
CA THR D 147 -14.82 -8.79 -6.69
C THR D 147 -13.36 -9.11 -6.99
N PHE D 148 -13.03 -10.38 -7.18
CA PHE D 148 -11.66 -10.77 -7.48
C PHE D 148 -11.26 -10.42 -8.91
N ALA D 149 -12.24 -10.37 -9.82
CA ALA D 149 -11.96 -9.86 -11.15
C ALA D 149 -11.52 -8.41 -11.05
N ASP D 150 -12.24 -7.63 -10.25
CA ASP D 150 -11.94 -6.23 -10.02
C ASP D 150 -10.58 -6.01 -9.31
N LEU D 151 -10.33 -6.80 -8.27
CA LEU D 151 -9.05 -6.74 -7.58
C LEU D 151 -7.88 -7.04 -8.51
N ALA D 152 -8.06 -8.03 -9.38
CA ALA D 152 -7.01 -8.38 -10.32
C ALA D 152 -6.70 -7.23 -11.28
N LYS D 153 -7.73 -6.50 -11.68
CA LYS D 153 -7.57 -5.42 -12.63
C LYS D 153 -6.85 -4.21 -12.04
N THR D 154 -7.00 -4.02 -10.74
CA THR D 154 -6.48 -2.81 -10.12
C THR D 154 -5.26 -3.07 -9.25
N SER D 155 -4.84 -4.32 -9.14
CA SER D 155 -3.74 -4.66 -8.24
C SER D 155 -2.41 -4.28 -8.88
N HIS D 156 -1.46 -3.87 -8.08
CA HIS D 156 -0.12 -3.61 -8.60
C HIS D 156 0.91 -4.15 -7.62
N THR D 157 2.18 -4.02 -7.99
CA THR D 157 3.24 -4.53 -7.15
C THR D 157 4.21 -3.39 -6.84
N ASP D 158 5.42 -3.73 -6.42
CA ASP D 158 6.33 -2.75 -5.81
C ASP D 158 7.65 -2.54 -6.54
N LEU D 159 8.24 -1.38 -6.27
CA LEU D 159 9.51 -0.97 -6.87
C LEU D 159 10.39 -0.48 -5.72
N PHE D 160 11.59 -1.05 -5.62
CA PHE D 160 12.57 -0.69 -4.61
C PHE D 160 13.84 -0.21 -5.27
N GLU D 161 14.25 1.03 -4.95
CA GLU D 161 15.52 1.55 -5.42
C GLU D 161 16.61 1.38 -4.36
N MET D 162 17.83 1.10 -4.78
CA MET D 162 18.94 0.95 -3.84
C MET D 162 20.24 1.41 -4.43
N SER D 163 21.15 1.82 -3.56
CA SER D 163 22.48 2.21 -3.99
C SER D 163 23.41 1.00 -3.95
N THR D 164 24.50 1.08 -4.69
CA THR D 164 25.52 0.02 -4.72
C THR D 164 26.93 0.65 -4.65
N SER D 165 27.93 -0.17 -4.34
CA SER D 165 29.32 0.29 -4.21
C SER D 165 29.80 1.14 -5.38
N ASP D 166 29.46 0.74 -6.59
CA ASP D 166 30.02 1.39 -7.77
C ASP D 166 29.32 2.70 -8.10
N GLY D 167 28.27 3.01 -7.35
CA GLY D 167 27.56 4.28 -7.50
C GLY D 167 26.50 4.30 -8.58
N SER D 168 26.33 3.20 -9.32
CA SER D 168 25.35 3.13 -10.41
C SER D 168 23.95 2.78 -9.91
N GLY D 169 23.89 2.05 -8.80
CA GLY D 169 22.61 1.65 -8.24
C GLY D 169 21.98 0.38 -8.82
N ALA D 170 20.81 0.03 -8.28
CA ALA D 170 20.07 -1.14 -8.74
C ALA D 170 18.58 -0.91 -8.54
N LEU D 171 17.76 -1.61 -9.32
CA LEU D 171 16.30 -1.62 -9.14
C LEU D 171 15.82 -3.01 -8.80
N ASN D 172 15.00 -3.12 -7.76
CA ASN D 172 14.28 -4.35 -7.49
C ASN D 172 12.80 -4.12 -7.71
N TYR D 173 12.17 -4.93 -8.55
CA TYR D 173 10.73 -4.88 -8.64
C TYR D 173 10.12 -6.27 -8.49
N THR D 174 8.87 -6.29 -8.04
CA THR D 174 8.15 -7.52 -7.85
C THR D 174 7.08 -7.65 -8.92
N VAL D 175 6.76 -8.90 -9.26
CA VAL D 175 5.67 -9.20 -10.16
C VAL D 175 4.84 -10.35 -9.58
N ARG D 176 3.54 -10.35 -9.89
CA ARG D 176 2.65 -11.43 -9.50
C ARG D 176 2.43 -12.30 -10.72
N LYS D 177 2.75 -13.58 -10.59
CA LYS D 177 2.52 -14.53 -11.66
C LYS D 177 1.53 -15.55 -11.16
N PRO D 178 0.89 -16.29 -12.09
CA PRO D 178 0.08 -17.41 -11.63
C PRO D 178 0.94 -18.40 -10.86
N LEU D 179 0.40 -18.93 -9.77
CA LEU D 179 1.09 -19.97 -9.02
C LEU D 179 1.25 -21.25 -9.85
N GLY D 180 0.22 -21.56 -10.64
CA GLY D 180 0.19 -22.77 -11.45
C GLY D 180 -1.17 -23.44 -11.35
N VAL D 181 -1.16 -24.72 -10.98
CA VAL D 181 -2.41 -25.46 -10.81
C VAL D 181 -2.87 -25.41 -9.35
N ILE D 182 -4.06 -24.87 -9.11
CA ILE D 182 -4.57 -24.83 -7.74
C ILE D 182 -5.50 -25.99 -7.45
N GLY D 183 -5.18 -26.77 -6.43
CA GLY D 183 -6.08 -27.80 -5.94
C GLY D 183 -7.05 -27.19 -4.96
N VAL D 184 -8.35 -27.32 -5.26
CA VAL D 184 -9.41 -26.78 -4.40
C VAL D 184 -10.27 -27.90 -3.79
N ILE D 185 -10.31 -27.97 -2.46
CA ILE D 185 -11.18 -28.94 -1.79
C ILE D 185 -12.08 -28.21 -0.81
N SER D 186 -13.40 -28.40 -0.97
CA SER D 186 -14.38 -27.55 -0.31
C SER D 186 -15.51 -28.32 0.42
N PRO D 187 -16.18 -27.68 1.40
CA PRO D 187 -17.13 -28.37 2.27
C PRO D 187 -18.60 -28.10 1.91
N TRP D 188 -19.54 -28.50 2.76
CA TRP D 188 -20.95 -28.56 2.35
C TRP D 188 -21.82 -27.50 3.00
N ASP D 189 -21.30 -26.80 4.00
CA ASP D 189 -22.14 -25.85 4.72
C ASP D 189 -22.63 -24.70 3.83
N LEU D 190 -21.69 -24.05 3.15
CA LEU D 190 -22.05 -23.05 2.16
C LEU D 190 -21.36 -23.47 0.87
N PRO D 191 -21.96 -24.43 0.17
CA PRO D 191 -21.27 -25.10 -0.94
C PRO D 191 -20.79 -24.17 -2.05
N LEU D 192 -21.67 -23.42 -2.71
CA LEU D 192 -21.24 -22.60 -3.83
C LEU D 192 -20.40 -21.41 -3.37
N LEU D 193 -20.78 -20.82 -2.24
CA LEU D 193 -20.09 -19.66 -1.70
C LEU D 193 -18.62 -20.03 -1.45
N LEU D 194 -18.40 -21.12 -0.71
CA LEU D 194 -17.04 -21.50 -0.35
C LEU D 194 -16.27 -22.03 -1.54
N PHE D 195 -16.97 -22.71 -2.44
CA PHE D 195 -16.35 -23.24 -3.65
C PHE D 195 -15.79 -22.09 -4.48
N THR D 196 -16.61 -21.06 -4.68
CA THR D 196 -16.21 -19.94 -5.51
C THR D 196 -15.34 -18.94 -4.76
N TRP D 197 -15.31 -19.04 -3.42
CA TRP D 197 -14.43 -18.21 -2.62
C TRP D 197 -12.97 -18.56 -2.90
N LYS D 198 -12.72 -19.81 -3.24
CA LYS D 198 -11.39 -20.25 -3.64
C LYS D 198 -11.21 -20.13 -5.16
N VAL D 199 -12.23 -20.53 -5.91
CA VAL D 199 -12.08 -20.59 -7.37
C VAL D 199 -11.91 -19.23 -8.04
N ALA D 200 -12.69 -18.24 -7.63
CA ALA D 200 -12.60 -16.91 -8.21
C ALA D 200 -11.20 -16.26 -8.10
N PRO D 201 -10.62 -16.17 -6.88
CA PRO D 201 -9.26 -15.60 -6.88
C PRO D 201 -8.26 -16.47 -7.64
N ALA D 202 -8.43 -17.78 -7.62
CA ALA D 202 -7.51 -18.67 -8.33
C ALA D 202 -7.48 -18.35 -9.82
N LEU D 203 -8.65 -18.13 -10.39
CA LEU D 203 -8.72 -17.83 -11.82
C LEU D 203 -8.33 -16.37 -12.08
N ALA D 204 -8.69 -15.49 -11.17
CA ALA D 204 -8.39 -14.06 -11.35
C ALA D 204 -6.88 -13.84 -11.38
N CYS D 205 -6.13 -14.70 -10.69
CA CYS D 205 -4.69 -14.57 -10.65
C CYS D 205 -4.03 -15.36 -11.77
N GLY D 206 -4.83 -15.88 -12.70
CA GLY D 206 -4.30 -16.55 -13.88
C GLY D 206 -3.97 -18.02 -13.71
N ASN D 207 -4.31 -18.58 -12.55
CA ASN D 207 -4.09 -20.00 -12.33
C ASN D 207 -5.07 -20.88 -13.12
N THR D 208 -4.77 -22.17 -13.19
CA THR D 208 -5.76 -23.17 -13.57
C THR D 208 -6.13 -23.99 -12.33
N VAL D 209 -7.28 -24.66 -12.38
CA VAL D 209 -7.93 -25.22 -11.19
C VAL D 209 -8.40 -26.68 -11.35
N VAL D 210 -8.12 -27.50 -10.34
CA VAL D 210 -8.78 -28.80 -10.19
C VAL D 210 -9.57 -28.75 -8.90
N ALA D 211 -10.89 -28.77 -9.00
CA ALA D 211 -11.74 -28.48 -7.85
C ALA D 211 -12.62 -29.66 -7.47
N LYS D 212 -12.60 -30.03 -6.18
CA LYS D 212 -13.35 -31.18 -5.67
C LYS D 212 -14.35 -30.73 -4.62
N PRO D 213 -15.62 -30.55 -5.03
CA PRO D 213 -16.64 -30.13 -4.05
C PRO D 213 -17.01 -31.28 -3.11
N SER D 214 -17.70 -30.96 -2.02
CA SER D 214 -18.10 -31.97 -1.05
C SER D 214 -19.02 -33.00 -1.68
N GLU D 215 -18.86 -34.26 -1.29
CA GLU D 215 -19.74 -35.33 -1.74
C GLU D 215 -21.21 -35.05 -1.37
N GLU D 216 -21.42 -34.27 -0.31
CA GLU D 216 -22.76 -33.92 0.14
C GLU D 216 -23.42 -32.82 -0.69
N SER D 217 -22.65 -32.08 -1.49
CA SER D 217 -23.26 -30.95 -2.18
C SER D 217 -22.65 -30.65 -3.55
N PRO D 218 -22.74 -31.62 -4.48
CA PRO D 218 -22.03 -31.56 -5.76
C PRO D 218 -22.76 -30.84 -6.88
N SER D 219 -24.00 -30.40 -6.64
CA SER D 219 -24.85 -29.94 -7.74
C SER D 219 -24.54 -28.55 -8.26
N SER D 220 -24.46 -27.55 -7.38
CA SER D 220 -24.21 -26.19 -7.85
C SER D 220 -22.81 -26.04 -8.46
N ALA D 221 -21.85 -26.87 -8.04
CA ALA D 221 -20.50 -26.82 -8.61
C ALA D 221 -20.54 -27.41 -10.01
N THR D 222 -21.51 -28.30 -10.23
CA THR D 222 -21.66 -28.93 -11.53
C THR D 222 -22.34 -27.95 -12.49
N LEU D 223 -23.32 -27.21 -11.99
CA LEU D 223 -23.89 -26.12 -12.77
C LEU D 223 -22.83 -25.09 -13.14
N LEU D 224 -21.90 -24.83 -12.22
CA LEU D 224 -20.85 -23.85 -12.47
C LEU D 224 -20.00 -24.30 -13.64
N ALA D 225 -19.62 -25.58 -13.64
CA ALA D 225 -18.83 -26.11 -14.73
C ALA D 225 -19.53 -25.91 -16.07
N GLU D 226 -20.86 -25.98 -16.07
CA GLU D 226 -21.70 -25.65 -17.23
C GLU D 226 -21.58 -24.18 -17.64
N VAL D 227 -21.72 -23.28 -16.67
CA VAL D 227 -21.53 -21.85 -16.94
C VAL D 227 -20.14 -21.60 -17.52
N MET D 228 -19.13 -22.22 -16.91
CA MET D 228 -17.75 -22.07 -17.36
C MET D 228 -17.63 -22.46 -18.83
N HIS D 229 -18.19 -23.62 -19.15
CA HIS D 229 -18.15 -24.13 -20.51
C HIS D 229 -18.85 -23.22 -21.49
N ASP D 230 -20.05 -22.78 -21.13
CA ASP D 230 -20.86 -21.94 -22.01
C ASP D 230 -20.28 -20.54 -22.15
N ALA D 231 -19.43 -20.14 -21.21
CA ALA D 231 -18.80 -18.82 -21.28
C ALA D 231 -17.50 -18.87 -22.09
N GLY D 232 -17.11 -20.05 -22.55
CA GLY D 232 -15.93 -20.21 -23.38
C GLY D 232 -14.61 -20.19 -22.62
N VAL D 233 -14.65 -20.56 -21.34
CA VAL D 233 -13.43 -20.76 -20.60
C VAL D 233 -12.70 -21.92 -21.25
N PRO D 234 -11.44 -21.71 -21.65
CA PRO D 234 -10.65 -22.71 -22.37
C PRO D 234 -10.59 -24.05 -21.63
N PRO D 235 -10.60 -25.16 -22.38
CA PRO D 235 -10.51 -26.49 -21.80
C PRO D 235 -9.27 -26.61 -20.92
N GLY D 236 -9.42 -27.14 -19.71
CA GLY D 236 -8.29 -27.37 -18.84
C GLY D 236 -8.11 -26.32 -17.78
N VAL D 237 -8.72 -25.16 -17.98
CA VAL D 237 -8.61 -24.06 -17.01
C VAL D 237 -9.38 -24.37 -15.73
N PHE D 238 -10.60 -24.86 -15.87
CA PHE D 238 -11.41 -25.25 -14.72
C PHE D 238 -11.84 -26.71 -14.82
N ASN D 239 -11.41 -27.52 -13.85
CA ASN D 239 -11.71 -28.94 -13.85
C ASN D 239 -12.44 -29.32 -12.56
N LEU D 240 -13.60 -29.96 -12.70
CA LEU D 240 -14.43 -30.36 -11.58
C LEU D 240 -14.35 -31.86 -11.42
N ILE D 241 -13.90 -32.33 -10.26
CA ILE D 241 -13.83 -33.76 -10.02
C ILE D 241 -14.70 -34.10 -8.82
N HIS D 242 -15.51 -35.16 -8.94
CA HIS D 242 -16.42 -35.52 -7.86
C HIS D 242 -15.88 -36.71 -7.07
N GLY D 243 -16.26 -36.82 -5.81
CA GLY D 243 -15.84 -37.93 -4.99
C GLY D 243 -15.74 -37.61 -3.52
N PHE D 244 -15.07 -38.49 -2.78
CA PHE D 244 -14.93 -38.39 -1.33
C PHE D 244 -13.52 -37.98 -0.96
N GLY D 245 -13.12 -38.25 0.29
CA GLY D 245 -11.78 -37.93 0.74
C GLY D 245 -10.81 -39.09 0.64
N LYS D 246 -10.67 -39.85 1.71
CA LYS D 246 -9.74 -40.98 1.73
C LYS D 246 -10.04 -41.98 0.63
N ASP D 247 -9.00 -42.49 -0.03
CA ASP D 247 -9.15 -43.47 -1.11
C ASP D 247 -10.04 -42.98 -2.23
N SER D 248 -10.14 -41.66 -2.35
CA SER D 248 -10.99 -41.06 -3.36
C SER D 248 -10.34 -39.80 -3.94
N ALA D 249 -11.10 -39.11 -4.79
CA ALA D 249 -10.63 -37.93 -5.52
C ALA D 249 -9.94 -36.88 -4.66
N GLY D 250 -10.50 -36.59 -3.50
CA GLY D 250 -9.92 -35.65 -2.56
C GLY D 250 -8.47 -36.01 -2.23
N GLU D 251 -8.28 -37.24 -1.76
CA GLU D 251 -6.94 -37.71 -1.42
C GLU D 251 -6.01 -37.67 -2.63
N PHE D 252 -6.54 -38.12 -3.77
CA PHE D 252 -5.77 -38.24 -5.00
C PHE D 252 -5.28 -36.87 -5.45
N LEU D 253 -6.15 -35.86 -5.30
CA LEU D 253 -5.75 -34.50 -5.62
C LEU D 253 -4.60 -34.06 -4.73
N THR D 254 -4.73 -34.24 -3.42
CA THR D 254 -3.72 -33.76 -2.47
C THR D 254 -2.38 -34.47 -2.64
N GLN D 255 -2.42 -35.67 -3.22
CA GLN D 255 -1.21 -36.44 -3.44
C GLN D 255 -0.54 -36.13 -4.77
N HIS D 256 -1.24 -35.40 -5.65
CA HIS D 256 -0.71 -35.22 -7.00
C HIS D 256 0.42 -34.18 -7.06
N PRO D 257 1.59 -34.59 -7.57
CA PRO D 257 2.77 -33.72 -7.61
C PRO D 257 2.63 -32.58 -8.63
N GLY D 258 1.60 -32.67 -9.46
CA GLY D 258 1.38 -31.70 -10.51
C GLY D 258 0.72 -30.40 -10.08
N ILE D 259 0.15 -30.38 -8.87
CA ILE D 259 -0.47 -29.15 -8.37
C ILE D 259 0.59 -28.23 -7.75
N SER D 260 0.24 -26.96 -7.61
CA SER D 260 1.17 -26.01 -7.01
C SER D 260 0.71 -25.56 -5.63
N ALA D 261 -0.57 -25.72 -5.34
CA ALA D 261 -1.09 -25.32 -4.04
C ALA D 261 -2.34 -26.11 -3.75
N LEU D 262 -2.65 -26.24 -2.47
CA LEU D 262 -3.90 -26.83 -2.04
C LEU D 262 -4.57 -25.84 -1.12
N THR D 263 -5.72 -25.32 -1.53
CA THR D 263 -6.52 -24.49 -0.63
C THR D 263 -7.72 -25.27 -0.12
N PHE D 264 -7.86 -25.33 1.20
CA PHE D 264 -8.82 -26.24 1.80
C PHE D 264 -9.69 -25.58 2.85
N THR D 265 -10.97 -25.96 2.85
CA THR D 265 -11.88 -25.54 3.90
C THR D 265 -12.65 -26.76 4.43
N GLY D 266 -12.51 -27.05 5.72
CA GLY D 266 -13.22 -28.18 6.32
C GLY D 266 -12.84 -28.39 7.77
N GLU D 267 -12.81 -29.64 8.20
CA GLU D 267 -12.47 -29.96 9.58
C GLU D 267 -10.99 -29.82 9.85
N SER D 268 -10.64 -29.47 11.08
CA SER D 268 -9.24 -29.28 11.46
C SER D 268 -8.40 -30.52 11.23
N LYS D 269 -8.90 -31.68 11.64
CA LYS D 269 -8.15 -32.91 11.47
C LYS D 269 -7.94 -33.23 9.99
N THR D 270 -8.90 -32.90 9.15
CA THR D 270 -8.71 -33.10 7.71
C THR D 270 -7.59 -32.19 7.22
N GLY D 271 -7.56 -30.96 7.72
CA GLY D 271 -6.50 -30.03 7.40
C GLY D 271 -5.12 -30.58 7.73
N SER D 272 -4.96 -31.09 8.96
CA SER D 272 -3.72 -31.74 9.38
C SER D 272 -3.33 -32.86 8.43
N THR D 273 -4.32 -33.66 8.01
CA THR D 273 -4.07 -34.75 7.09
C THR D 273 -3.54 -34.27 5.74
N ILE D 274 -4.27 -33.34 5.13
CA ILE D 274 -3.84 -32.75 3.88
C ILE D 274 -2.46 -32.07 3.98
N MET D 275 -2.18 -31.43 5.10
CA MET D 275 -0.90 -30.76 5.28
C MET D 275 0.23 -31.79 5.21
N LYS D 276 0.00 -32.94 5.83
CA LYS D 276 0.93 -34.07 5.74
C LYS D 276 1.04 -34.57 4.30
N ALA D 277 -0.10 -34.73 3.64
CA ALA D 277 -0.12 -35.24 2.27
C ALA D 277 0.72 -34.41 1.27
N VAL D 278 0.67 -33.08 1.36
CA VAL D 278 1.38 -32.23 0.40
C VAL D 278 2.81 -31.85 0.81
N ALA D 279 3.23 -32.29 2.00
CA ALA D 279 4.52 -31.90 2.56
C ALA D 279 5.73 -32.31 1.71
N ASP D 280 5.65 -33.47 1.08
CA ASP D 280 6.78 -33.97 0.32
C ASP D 280 7.05 -33.13 -0.92
N GLY D 281 6.00 -32.52 -1.46
CA GLY D 281 6.13 -31.61 -2.58
C GLY D 281 6.23 -30.17 -2.14
N VAL D 282 6.18 -29.96 -0.81
CA VAL D 282 6.21 -28.64 -0.19
C VAL D 282 5.24 -27.67 -0.86
N LYS D 283 4.01 -28.16 -1.09
CA LYS D 283 3.02 -27.37 -1.78
C LYS D 283 2.58 -26.23 -0.88
N GLU D 284 2.25 -25.09 -1.48
CA GLU D 284 1.64 -24.00 -0.74
C GLU D 284 0.28 -24.44 -0.20
N VAL D 285 -0.05 -24.02 1.02
CA VAL D 285 -1.32 -24.41 1.63
C VAL D 285 -2.06 -23.21 2.21
N SER D 286 -3.38 -23.28 2.16
CA SER D 286 -4.25 -22.29 2.77
C SER D 286 -5.39 -23.05 3.43
N PHE D 287 -5.50 -22.95 4.76
CA PHE D 287 -6.50 -23.71 5.51
C PHE D 287 -7.47 -22.87 6.33
N GLU D 288 -8.77 -23.08 6.10
CA GLU D 288 -9.80 -22.53 6.95
C GLU D 288 -10.50 -23.71 7.60
N LEU D 289 -10.32 -23.88 8.91
CA LEU D 289 -10.71 -25.12 9.58
C LEU D 289 -11.81 -24.91 10.64
N GLY D 290 -11.96 -25.85 11.56
CA GLY D 290 -13.08 -25.74 12.51
C GLY D 290 -13.04 -24.54 13.44
N GLY D 291 -14.10 -24.38 14.22
CA GLY D 291 -14.10 -23.43 15.31
C GLY D 291 -15.02 -23.85 16.44
N LYS D 292 -14.83 -23.27 17.61
CA LYS D 292 -15.85 -23.34 18.65
C LYS D 292 -16.09 -21.91 19.06
N ASN D 293 -16.79 -21.16 18.21
CA ASN D 293 -16.84 -19.70 18.36
C ASN D 293 -17.73 -19.23 19.50
N ALA D 294 -17.30 -18.16 20.15
CA ALA D 294 -18.06 -17.59 21.24
C ALA D 294 -18.72 -16.26 20.84
N ALA D 295 -19.91 -16.02 21.38
CA ALA D 295 -20.51 -14.70 21.39
C ALA D 295 -20.50 -14.18 22.83
N VAL D 296 -20.32 -12.88 22.99
CA VAL D 296 -20.22 -12.27 24.31
C VAL D 296 -21.18 -11.11 24.40
N VAL D 297 -22.07 -11.13 25.39
CA VAL D 297 -23.04 -10.07 25.54
C VAL D 297 -22.73 -9.31 26.84
N PHE D 298 -22.18 -8.11 26.71
CA PHE D 298 -21.89 -7.30 27.88
C PHE D 298 -23.14 -6.66 28.44
N ALA D 299 -23.07 -6.28 29.72
CA ALA D 299 -24.22 -5.70 30.42
C ALA D 299 -24.74 -4.46 29.70
N ASP D 300 -23.84 -3.72 29.05
CA ASP D 300 -24.24 -2.50 28.36
C ASP D 300 -24.65 -2.70 26.90
N ALA D 301 -24.91 -3.95 26.52
CA ALA D 301 -25.30 -4.22 25.14
C ALA D 301 -26.75 -3.78 24.95
N ASP D 302 -27.13 -3.55 23.70
CA ASP D 302 -28.54 -3.36 23.38
C ASP D 302 -29.14 -4.74 23.41
N LEU D 303 -29.91 -5.03 24.46
CA LEU D 303 -30.28 -6.40 24.77
C LEU D 303 -31.12 -7.10 23.71
N ASP D 304 -32.10 -6.39 23.16
CA ASP D 304 -32.95 -6.96 22.11
C ASP D 304 -32.16 -7.26 20.85
N ALA D 305 -31.30 -6.34 20.45
CA ALA D 305 -30.44 -6.58 19.28
C ALA D 305 -29.50 -7.77 19.55
N ALA D 306 -29.05 -7.91 20.78
CA ALA D 306 -28.15 -9.01 21.15
C ALA D 306 -28.80 -10.37 21.05
N ILE D 307 -30.05 -10.47 21.51
CA ILE D 307 -30.81 -11.72 21.44
C ILE D 307 -31.05 -12.10 19.99
N GLU D 308 -31.46 -11.11 19.21
CA GLU D 308 -31.70 -11.31 17.79
C GLU D 308 -30.40 -11.73 17.07
N GLY D 309 -29.30 -11.06 17.40
CA GLY D 309 -28.01 -11.36 16.81
C GLY D 309 -27.49 -12.75 17.11
N VAL D 310 -27.71 -13.21 18.34
CA VAL D 310 -27.20 -14.51 18.76
C VAL D 310 -28.07 -15.66 18.25
N LEU D 311 -29.35 -15.36 18.07
CA LEU D 311 -30.27 -16.28 17.43
C LEU D 311 -29.78 -16.52 16.01
N ARG D 312 -29.42 -15.44 15.34
CA ARG D 312 -28.91 -15.53 13.98
C ARG D 312 -27.57 -16.25 13.97
N SER D 313 -26.68 -15.89 14.90
CA SER D 313 -25.34 -16.49 14.91
C SER D 313 -25.37 -17.95 15.33
N SER D 314 -26.45 -18.38 16.01
CA SER D 314 -26.51 -19.75 16.50
C SER D 314 -27.23 -20.72 15.59
N PHE D 315 -28.21 -20.22 14.85
CA PHE D 315 -29.16 -21.09 14.14
C PHE D 315 -29.22 -20.91 12.63
N THR D 316 -28.55 -19.87 12.11
CA THR D 316 -28.45 -19.68 10.66
C THR D 316 -28.00 -20.96 9.97
N ASN D 317 -28.65 -21.33 8.88
CA ASN D 317 -28.32 -22.56 8.16
C ASN D 317 -28.37 -23.78 9.09
N SER D 318 -29.24 -23.69 10.10
CA SER D 318 -29.37 -24.73 11.14
C SER D 318 -28.08 -24.96 11.92
N GLY D 319 -27.34 -23.89 12.18
CA GLY D 319 -26.12 -23.96 12.96
C GLY D 319 -24.94 -24.57 12.19
N GLN D 320 -25.12 -24.79 10.90
CA GLN D 320 -24.11 -25.43 10.09
C GLN D 320 -23.32 -24.40 9.31
N VAL D 321 -22.61 -23.55 10.03
CA VAL D 321 -21.66 -22.61 9.44
C VAL D 321 -20.49 -22.63 10.39
N CYS D 322 -19.28 -22.58 9.84
CA CYS D 322 -18.08 -22.54 10.65
C CYS D 322 -18.05 -21.35 11.57
N LEU D 323 -18.74 -20.29 11.19
CA LEU D 323 -18.76 -19.04 11.94
C LEU D 323 -19.79 -18.99 13.07
N CYS D 324 -20.65 -19.99 13.19
CA CYS D 324 -21.68 -20.01 14.24
C CYS D 324 -21.15 -19.95 15.68
N SER D 325 -21.90 -19.29 16.54
CA SER D 325 -21.61 -19.27 17.97
C SER D 325 -22.21 -20.48 18.65
N GLU D 326 -21.38 -21.40 19.14
CA GLU D 326 -21.88 -22.52 19.94
C GLU D 326 -21.64 -22.30 21.45
N ARG D 327 -20.86 -21.27 21.77
CA ARG D 327 -20.71 -20.82 23.15
C ARG D 327 -21.19 -19.39 23.22
N VAL D 328 -21.87 -19.05 24.30
CA VAL D 328 -22.34 -17.70 24.50
C VAL D 328 -22.08 -17.30 25.95
N TYR D 329 -21.49 -16.13 26.15
CA TYR D 329 -21.25 -15.61 27.48
C TYR D 329 -22.06 -14.34 27.65
N VAL D 330 -22.84 -14.28 28.72
CA VAL D 330 -23.75 -13.17 28.97
C VAL D 330 -23.46 -12.67 30.38
N HIS D 331 -23.42 -11.34 30.57
CA HIS D 331 -23.12 -10.83 31.89
C HIS D 331 -24.20 -11.24 32.88
N ARG D 332 -23.78 -11.59 34.09
CA ARG D 332 -24.67 -12.15 35.11
C ARG D 332 -25.96 -11.36 35.30
N SER D 333 -25.83 -10.03 35.35
CA SER D 333 -26.96 -9.13 35.56
C SER D 333 -28.08 -9.17 34.52
N ILE D 334 -27.81 -9.74 33.34
CA ILE D 334 -28.81 -9.80 32.28
C ILE D 334 -29.00 -11.23 31.81
N PHE D 335 -28.34 -12.16 32.49
CA PHE D 335 -28.33 -13.54 32.03
C PHE D 335 -29.72 -14.15 31.88
N ASP D 336 -30.52 -14.14 32.94
CA ASP D 336 -31.84 -14.78 32.91
C ASP D 336 -32.75 -14.16 31.87
N GLU D 337 -32.74 -12.83 31.82
CA GLU D 337 -33.52 -12.11 30.83
C GLU D 337 -33.10 -12.50 29.41
N PHE D 338 -31.79 -12.60 29.17
CA PHE D 338 -31.29 -13.00 27.86
C PHE D 338 -31.78 -14.39 27.49
N VAL D 339 -31.59 -15.35 28.38
CA VAL D 339 -31.93 -16.73 28.06
C VAL D 339 -33.42 -16.88 27.80
N SER D 340 -34.23 -16.18 28.58
CA SER D 340 -35.69 -16.21 28.40
C SER D 340 -36.04 -15.68 27.03
N GLY D 341 -35.44 -14.53 26.69
CA GLY D 341 -35.73 -13.86 25.43
C GLY D 341 -35.31 -14.71 24.26
N LEU D 342 -34.16 -15.37 24.40
CA LEU D 342 -33.64 -16.23 23.35
C LEU D 342 -34.52 -17.45 23.18
N LYS D 343 -34.93 -18.04 24.31
CA LYS D 343 -35.84 -19.19 24.32
C LYS D 343 -37.06 -18.91 23.46
N VAL D 344 -37.70 -17.77 23.73
CA VAL D 344 -38.91 -17.38 23.02
C VAL D 344 -38.67 -17.28 21.52
N GLU D 345 -37.63 -16.53 21.14
CA GLU D 345 -37.26 -16.38 19.74
C GLU D 345 -36.93 -17.73 19.12
N ALA D 346 -36.16 -18.53 19.84
CA ALA D 346 -35.76 -19.85 19.37
C ALA D 346 -36.98 -20.73 19.08
N GLU D 347 -38.02 -20.59 19.89
CA GLU D 347 -39.22 -21.42 19.74
C GLU D 347 -40.14 -20.91 18.63
N ARG D 348 -40.04 -19.63 18.29
CA ARG D 348 -40.80 -19.07 17.17
C ARG D 348 -40.22 -19.46 15.83
N LEU D 349 -39.03 -20.05 15.83
CA LEU D 349 -38.37 -20.44 14.59
C LEU D 349 -39.12 -21.56 13.89
N VAL D 350 -39.35 -21.39 12.59
CA VAL D 350 -40.08 -22.35 11.79
C VAL D 350 -39.18 -23.37 11.09
N VAL D 351 -39.34 -24.63 11.47
CA VAL D 351 -38.55 -25.72 10.91
C VAL D 351 -39.39 -26.46 9.88
N GLY D 352 -38.95 -26.47 8.62
CA GLY D 352 -39.74 -27.14 7.60
C GLY D 352 -39.17 -27.19 6.22
N TYR D 353 -40.06 -27.12 5.23
CA TYR D 353 -39.67 -27.15 3.83
C TYR D 353 -38.91 -25.86 3.48
N PRO D 354 -37.87 -25.99 2.63
CA PRO D 354 -37.11 -24.85 2.11
C PRO D 354 -37.98 -23.75 1.52
N ASP D 355 -39.10 -24.12 0.92
CA ASP D 355 -39.98 -23.12 0.31
C ASP D 355 -41.22 -22.82 1.16
N GLN D 356 -41.40 -23.57 2.24
CA GLN D 356 -42.53 -23.36 3.15
C GLN D 356 -42.51 -21.96 3.72
N ASP D 357 -43.45 -21.11 3.32
CA ASP D 357 -43.41 -19.70 3.69
C ASP D 357 -43.20 -19.43 5.20
N GLY D 358 -42.22 -18.56 5.49
CA GLY D 358 -41.89 -18.24 6.86
C GLY D 358 -40.88 -19.19 7.48
N VAL D 359 -40.44 -20.17 6.70
CA VAL D 359 -39.46 -21.14 7.20
C VAL D 359 -38.18 -20.42 7.66
N ASN D 360 -37.55 -20.95 8.72
CA ASN D 360 -36.30 -20.41 9.24
C ASN D 360 -35.17 -21.44 9.19
N MET D 361 -35.53 -22.72 9.28
CA MET D 361 -34.56 -23.80 9.30
C MET D 361 -35.00 -25.01 8.50
N GLY D 362 -34.08 -25.55 7.71
CA GLY D 362 -34.31 -26.82 7.04
C GLY D 362 -33.61 -27.89 7.85
N PRO D 363 -33.43 -29.07 7.26
CA PRO D 363 -32.76 -30.13 8.02
C PRO D 363 -31.24 -29.91 8.05
N LEU D 364 -30.58 -30.80 8.76
CA LEU D 364 -29.14 -30.93 8.70
C LEU D 364 -28.80 -31.55 7.36
N ILE D 365 -27.52 -31.49 7.00
CA ILE D 365 -27.07 -31.91 5.68
C ILE D 365 -27.40 -33.37 5.38
N SER D 366 -27.39 -34.22 6.40
CA SER D 366 -27.54 -35.66 6.21
C SER D 366 -27.87 -36.45 7.49
N HIS D 367 -28.27 -37.71 7.32
CA HIS D 367 -28.59 -38.59 8.46
C HIS D 367 -27.37 -38.88 9.30
N GLY D 368 -26.26 -39.16 8.62
CA GLY D 368 -24.99 -39.39 9.27
C GLY D 368 -24.61 -38.17 10.10
N HIS D 369 -24.87 -36.98 9.56
CA HIS D 369 -24.56 -35.79 10.32
C HIS D 369 -25.56 -35.57 11.47
N ARG D 370 -26.81 -35.95 11.28
CA ARG D 370 -27.78 -35.85 12.37
C ARG D 370 -27.41 -36.78 13.52
N ASP D 371 -26.91 -37.97 13.17
CA ASP D 371 -26.41 -38.91 14.16
C ASP D 371 -25.37 -38.25 15.05
N LYS D 372 -24.36 -37.64 14.44
CA LYS D 372 -23.33 -36.93 15.19
C LYS D 372 -23.95 -35.88 16.11
N VAL D 373 -24.83 -35.04 15.56
CA VAL D 373 -25.46 -33.99 16.35
C VAL D 373 -26.30 -34.54 17.51
N LEU D 374 -27.08 -35.59 17.25
CA LEU D 374 -27.92 -36.19 18.29
C LEU D 374 -27.07 -36.83 19.40
N SER D 375 -25.96 -37.44 19.02
CA SER D 375 -25.06 -38.02 20.02
C SER D 375 -24.53 -36.92 20.93
N TYR D 376 -24.41 -35.70 20.39
CA TYR D 376 -24.05 -34.56 21.22
C TYR D 376 -25.23 -34.08 22.06
N TYR D 377 -26.43 -34.19 21.52
CA TYR D 377 -27.62 -33.85 22.31
C TYR D 377 -27.72 -34.71 23.59
N ARG D 378 -27.42 -35.99 23.44
CA ARG D 378 -27.37 -36.91 24.58
C ARG D 378 -26.21 -36.54 25.49
N LEU D 379 -25.06 -36.27 24.89
CA LEU D 379 -23.85 -36.01 25.64
C LEU D 379 -24.02 -34.79 26.55
N ALA D 380 -24.80 -33.82 26.11
CA ALA D 380 -25.02 -32.61 26.90
C ALA D 380 -25.79 -32.92 28.18
N VAL D 381 -26.83 -33.73 28.04
CA VAL D 381 -27.63 -34.13 29.19
C VAL D 381 -26.76 -34.95 30.15
N ASP D 382 -26.07 -35.94 29.62
CA ASP D 382 -25.17 -36.74 30.43
C ASP D 382 -24.12 -35.90 31.13
N GLU D 383 -23.86 -34.70 30.62
CA GLU D 383 -22.87 -33.83 31.24
C GLU D 383 -23.50 -32.86 32.24
N GLY D 384 -24.82 -32.95 32.42
CA GLY D 384 -25.50 -32.17 33.42
C GLY D 384 -26.15 -30.89 32.94
N ALA D 385 -26.32 -30.77 31.63
CA ALA D 385 -26.93 -29.58 31.06
C ALA D 385 -28.42 -29.49 31.34
N THR D 386 -28.88 -28.28 31.62
CA THR D 386 -30.30 -27.95 31.54
C THR D 386 -30.64 -27.72 30.07
N VAL D 387 -31.67 -28.39 29.57
CA VAL D 387 -32.13 -28.18 28.21
C VAL D 387 -33.21 -27.10 28.18
N VAL D 388 -32.79 -25.86 27.95
CA VAL D 388 -33.69 -24.72 27.92
C VAL D 388 -34.71 -24.84 26.79
N THR D 389 -34.29 -25.37 25.65
CA THR D 389 -35.23 -25.62 24.55
C THR D 389 -34.69 -26.64 23.55
N GLY D 390 -35.60 -27.19 22.75
CA GLY D 390 -35.25 -28.21 21.78
C GLY D 390 -34.70 -29.45 22.47
N GLY D 391 -33.65 -30.03 21.91
CA GLY D 391 -33.01 -31.19 22.51
C GLY D 391 -33.30 -32.49 21.77
N GLY D 392 -34.06 -32.41 20.69
CA GLY D 392 -34.39 -33.59 19.91
C GLY D 392 -34.71 -33.30 18.46
N VAL D 393 -35.70 -34.02 17.92
CA VAL D 393 -36.11 -33.85 16.53
C VAL D 393 -37.62 -33.64 16.42
N PRO D 394 -38.04 -32.70 15.58
CA PRO D 394 -39.49 -32.44 15.45
C PRO D 394 -40.22 -33.57 14.73
N LYS D 395 -41.53 -33.69 14.96
CA LYS D 395 -42.35 -34.69 14.28
C LYS D 395 -43.20 -34.04 13.19
N PHE D 396 -43.12 -34.56 11.96
CA PHE D 396 -43.81 -33.94 10.84
C PHE D 396 -45.02 -34.74 10.37
N ASN D 397 -44.90 -36.06 10.46
CA ASN D 397 -45.88 -37.01 9.94
C ASN D 397 -46.01 -37.03 8.43
N ASP D 398 -45.03 -36.44 7.75
CA ASP D 398 -44.97 -36.56 6.29
C ASP D 398 -43.58 -37.07 5.88
N GLU D 399 -43.21 -36.83 4.63
CA GLU D 399 -41.91 -37.29 4.13
C GLU D 399 -40.73 -36.75 4.97
N ARG D 400 -40.86 -35.51 5.46
CA ARG D 400 -39.83 -34.87 6.27
C ARG D 400 -39.32 -35.71 7.44
N ASP D 401 -40.11 -36.69 7.87
CA ASP D 401 -39.67 -37.59 8.94
C ASP D 401 -38.63 -38.55 8.43
N GLN D 402 -38.59 -38.73 7.11
CA GLN D 402 -37.53 -39.51 6.49
C GLN D 402 -36.32 -38.62 6.25
N GLY D 403 -36.48 -37.32 6.48
CA GLY D 403 -35.40 -36.36 6.35
C GLY D 403 -34.41 -36.41 7.51
N ALA D 404 -33.66 -35.31 7.69
CA ALA D 404 -32.63 -35.28 8.72
C ALA D 404 -32.71 -34.02 9.57
N TYR D 405 -33.92 -33.72 10.05
CA TYR D 405 -34.17 -32.55 10.88
C TYR D 405 -33.78 -32.74 12.34
N VAL D 406 -33.46 -31.61 13.00
CA VAL D 406 -33.41 -31.54 14.45
C VAL D 406 -33.96 -30.19 14.86
N GLN D 407 -34.09 -29.99 16.16
CA GLN D 407 -34.65 -28.76 16.71
C GLN D 407 -33.54 -27.83 17.15
N PRO D 408 -33.78 -26.52 17.05
CA PRO D 408 -32.82 -25.55 17.62
C PRO D 408 -32.75 -25.76 19.11
N THR D 409 -31.53 -25.90 19.63
CA THR D 409 -31.33 -26.31 21.02
C THR D 409 -30.49 -25.30 21.77
N ILE D 410 -30.87 -25.05 23.02
CA ILE D 410 -30.14 -24.17 23.90
C ILE D 410 -29.83 -24.91 25.21
N TRP D 411 -28.57 -24.90 25.63
CA TRP D 411 -28.19 -25.45 26.93
C TRP D 411 -27.68 -24.39 27.89
N THR D 412 -27.90 -24.62 29.18
CA THR D 412 -27.18 -23.91 30.23
C THR D 412 -26.64 -24.94 31.21
N GLY D 413 -25.81 -24.50 32.14
CA GLY D 413 -25.43 -25.30 33.29
C GLY D 413 -24.24 -26.23 33.13
N LEU D 414 -23.40 -25.98 32.12
CA LEU D 414 -22.22 -26.81 31.89
C LEU D 414 -20.94 -26.05 32.26
N SER D 415 -19.91 -26.80 32.63
CA SER D 415 -18.63 -26.20 32.95
C SER D 415 -17.89 -25.85 31.67
N ASP D 416 -16.97 -24.91 31.75
CA ASP D 416 -16.14 -24.53 30.60
C ASP D 416 -15.37 -25.71 30.03
N LYS D 417 -15.18 -26.76 30.82
CA LYS D 417 -14.41 -27.92 30.37
C LYS D 417 -15.28 -29.04 29.78
N ALA D 418 -16.60 -28.91 29.91
CA ALA D 418 -17.50 -29.88 29.32
C ALA D 418 -17.26 -30.06 27.80
N ARG D 419 -17.38 -31.29 27.33
CA ARG D 419 -17.08 -31.63 25.94
C ARG D 419 -18.01 -30.89 24.98
N CYS D 420 -19.23 -30.64 25.42
CA CYS D 420 -20.22 -29.98 24.56
C CYS D 420 -19.97 -28.48 24.46
N VAL D 421 -19.11 -27.97 25.33
CA VAL D 421 -18.75 -26.55 25.36
C VAL D 421 -17.45 -26.35 24.59
N THR D 422 -16.70 -27.43 24.36
CA THR D 422 -15.37 -27.30 23.78
C THR D 422 -15.27 -27.87 22.38
N GLU D 423 -16.01 -28.94 22.12
CA GLU D 423 -15.96 -29.60 20.81
C GLU D 423 -16.99 -29.03 19.84
N GLU D 424 -16.58 -28.84 18.59
CA GLU D 424 -17.46 -28.32 17.55
C GLU D 424 -18.55 -29.33 17.21
N ILE D 425 -19.80 -28.92 17.37
CA ILE D 425 -20.91 -29.82 17.12
C ILE D 425 -21.41 -29.66 15.69
N PHE D 426 -21.43 -28.42 15.22
CA PHE D 426 -21.89 -28.08 13.89
C PHE D 426 -23.37 -28.42 13.71
N GLY D 427 -24.17 -27.99 14.68
CA GLY D 427 -25.61 -28.09 14.64
C GLY D 427 -26.24 -26.80 15.13
N PRO D 428 -27.58 -26.75 15.19
CA PRO D 428 -28.27 -25.52 15.60
C PRO D 428 -28.35 -25.42 17.12
N VAL D 429 -27.20 -25.25 17.74
CA VAL D 429 -27.16 -25.31 19.19
C VAL D 429 -26.23 -24.28 19.82
N CYS D 430 -26.59 -23.81 21.01
CA CYS D 430 -25.64 -23.04 21.81
C CYS D 430 -25.77 -23.30 23.30
N HIS D 431 -24.63 -23.25 23.99
CA HIS D 431 -24.62 -23.22 25.44
C HIS D 431 -24.40 -21.80 25.96
N ILE D 432 -25.17 -21.42 26.98
CA ILE D 432 -25.08 -20.08 27.52
C ILE D 432 -24.61 -20.11 28.96
N SER D 433 -23.62 -19.27 29.24
CA SER D 433 -22.97 -19.26 30.53
C SER D 433 -22.83 -17.82 31.00
N PRO D 434 -23.07 -17.56 32.29
CA PRO D 434 -22.92 -16.20 32.83
C PRO D 434 -21.44 -15.85 33.05
N PHE D 435 -21.12 -14.55 33.02
CA PHE D 435 -19.77 -14.10 33.40
C PHE D 435 -19.92 -12.82 34.19
N ASP D 436 -18.84 -12.40 34.86
CA ASP D 436 -18.92 -11.22 35.69
C ASP D 436 -17.93 -10.14 35.29
N ASP D 437 -16.71 -10.54 34.92
CA ASP D 437 -15.65 -9.56 34.62
C ASP D 437 -15.16 -9.59 33.18
N GLU D 438 -14.74 -8.44 32.69
CA GLU D 438 -14.22 -8.31 31.33
C GLU D 438 -12.99 -9.19 31.10
N ASP D 439 -11.99 -9.09 31.96
CA ASP D 439 -10.78 -9.89 31.80
C ASP D 439 -11.07 -11.38 31.92
N GLU D 440 -12.04 -11.70 32.78
CA GLU D 440 -12.52 -13.07 32.96
C GLU D 440 -13.07 -13.66 31.67
N VAL D 441 -13.99 -12.94 31.03
CA VAL D 441 -14.63 -13.46 29.84
C VAL D 441 -13.66 -13.52 28.65
N ILE D 442 -12.73 -12.57 28.57
CA ILE D 442 -11.69 -12.63 27.54
C ILE D 442 -10.89 -13.91 27.69
N ASN D 443 -10.47 -14.20 28.93
CA ASN D 443 -9.70 -15.41 29.19
C ASN D 443 -10.51 -16.66 28.85
N ARG D 444 -11.80 -16.63 29.15
CA ARG D 444 -12.68 -17.76 28.87
C ARG D 444 -12.95 -17.94 27.38
N VAL D 445 -13.09 -16.83 26.65
CA VAL D 445 -13.24 -16.94 25.21
C VAL D 445 -11.98 -17.57 24.58
N ASN D 446 -10.81 -17.16 25.05
CA ASN D 446 -9.56 -17.60 24.42
C ASN D 446 -9.09 -18.98 24.86
N ASP D 447 -9.74 -19.53 25.88
CA ASP D 447 -9.35 -20.83 26.41
C ASP D 447 -9.93 -21.93 25.54
N SER D 448 -9.35 -22.05 24.35
CA SER D 448 -9.87 -22.95 23.31
C SER D 448 -8.71 -23.30 22.39
N ASN D 449 -8.77 -24.49 21.82
CA ASN D 449 -7.78 -24.91 20.85
C ASN D 449 -8.13 -24.36 19.48
N TYR D 450 -9.33 -23.77 19.38
CA TYR D 450 -9.74 -23.09 18.15
C TYR D 450 -9.67 -21.57 18.30
N GLY D 451 -9.72 -20.87 17.17
CA GLY D 451 -9.76 -19.41 17.16
C GLY D 451 -10.14 -18.84 15.80
N LEU D 452 -11.39 -19.04 15.41
CA LEU D 452 -11.88 -18.57 14.12
C LEU D 452 -12.51 -17.18 14.24
N ALA D 453 -13.64 -17.10 14.94
CA ALA D 453 -14.38 -15.84 15.06
C ALA D 453 -15.03 -15.66 16.43
N CYS D 454 -15.50 -14.45 16.67
CA CYS D 454 -16.13 -14.09 17.92
C CYS D 454 -17.02 -12.89 17.66
N ALA D 455 -18.24 -12.90 18.19
CA ALA D 455 -19.10 -11.72 18.15
C ALA D 455 -19.24 -11.12 19.55
N ILE D 456 -19.14 -9.81 19.64
CA ILE D 456 -19.19 -9.12 20.92
C ILE D 456 -20.30 -8.09 20.84
N TRP D 457 -21.12 -8.03 21.89
CA TRP D 457 -22.18 -7.04 21.97
C TRP D 457 -21.93 -6.07 23.13
N THR D 458 -21.78 -4.80 22.79
CA THR D 458 -21.63 -3.75 23.77
C THR D 458 -21.90 -2.43 23.08
N THR D 459 -22.30 -1.40 23.82
CA THR D 459 -22.53 -0.08 23.24
C THR D 459 -21.45 0.88 23.68
N ASN D 460 -20.50 0.37 24.46
CA ASN D 460 -19.41 1.19 24.96
C ASN D 460 -18.25 1.21 23.97
N LEU D 461 -17.85 2.41 23.58
CA LEU D 461 -16.76 2.67 22.66
C LEU D 461 -15.44 2.05 23.11
N SER D 462 -15.00 2.40 24.32
CA SER D 462 -13.71 1.89 24.78
C SER D 462 -13.72 0.38 24.90
N ARG D 463 -14.79 -0.15 25.50
CA ARG D 463 -14.90 -1.59 25.67
C ARG D 463 -14.89 -2.34 24.34
N ALA D 464 -15.59 -1.80 23.35
CA ALA D 464 -15.61 -2.45 22.05
C ALA D 464 -14.19 -2.66 21.51
N HIS D 465 -13.40 -1.58 21.43
CA HIS D 465 -12.05 -1.69 20.85
C HIS D 465 -11.03 -2.36 21.78
N ARG D 466 -11.17 -2.14 23.08
CA ARG D 466 -10.26 -2.72 24.06
C ARG D 466 -10.41 -4.24 24.08
N VAL D 467 -11.65 -4.70 24.06
CA VAL D 467 -11.91 -6.13 24.16
C VAL D 467 -11.66 -6.83 22.86
N SER D 468 -12.08 -6.20 21.77
CA SER D 468 -11.86 -6.77 20.44
C SER D 468 -10.43 -7.18 20.19
N ARG D 469 -9.49 -6.30 20.51
CA ARG D 469 -8.09 -6.54 20.15
C ARG D 469 -7.47 -7.70 20.97
N GLN D 470 -8.17 -8.08 22.04
CA GLN D 470 -7.66 -9.12 22.93
C GLN D 470 -8.19 -10.50 22.61
N ILE D 471 -9.19 -10.58 21.74
CA ILE D 471 -9.76 -11.88 21.42
C ILE D 471 -8.85 -12.56 20.41
N HIS D 472 -8.41 -13.76 20.76
CA HIS D 472 -7.44 -14.49 19.96
C HIS D 472 -8.11 -15.28 18.84
N VAL D 473 -8.65 -14.57 17.85
CA VAL D 473 -9.31 -15.18 16.69
C VAL D 473 -8.96 -14.42 15.41
N GLY D 474 -9.42 -14.95 14.28
CA GLY D 474 -9.22 -14.26 13.01
C GLY D 474 -10.18 -13.10 12.78
N LEU D 475 -11.44 -13.30 13.17
CA LEU D 475 -12.47 -12.30 12.94
C LEU D 475 -13.29 -11.96 14.17
N VAL D 476 -13.43 -10.68 14.45
CA VAL D 476 -14.28 -10.23 15.52
C VAL D 476 -15.33 -9.33 14.87
N TRP D 477 -16.60 -9.56 15.22
CA TRP D 477 -17.69 -8.65 14.89
C TRP D 477 -18.22 -8.03 16.17
N VAL D 478 -18.55 -6.74 16.12
CA VAL D 478 -19.12 -6.05 17.24
C VAL D 478 -20.53 -5.55 16.86
N ASN D 479 -21.53 -5.98 17.63
CA ASN D 479 -22.94 -5.65 17.39
C ASN D 479 -23.42 -6.13 16.02
N THR D 480 -22.88 -7.25 15.58
CA THR D 480 -23.36 -7.90 14.38
C THR D 480 -22.73 -9.28 14.29
N TRP D 481 -23.04 -9.98 13.21
CA TRP D 481 -22.46 -11.29 12.96
C TRP D 481 -22.43 -11.56 11.46
N TYR D 482 -21.41 -12.31 11.04
CA TYR D 482 -21.22 -12.69 9.64
C TYR D 482 -21.52 -11.58 8.61
N LEU D 483 -21.09 -10.37 8.94
CA LEU D 483 -21.10 -9.26 8.00
C LEU D 483 -19.76 -9.32 7.27
N ARG D 484 -19.79 -9.35 5.95
CA ARG D 484 -18.54 -9.57 5.22
C ARG D 484 -18.16 -8.63 4.07
N ASP D 485 -16.98 -8.05 4.21
CA ASP D 485 -16.34 -7.25 3.18
C ASP D 485 -15.27 -8.16 2.57
N LEU D 486 -15.40 -8.43 1.28
CA LEU D 486 -14.55 -9.43 0.63
C LEU D 486 -13.08 -9.00 0.52
N ARG D 487 -12.81 -7.73 0.85
CA ARG D 487 -11.45 -7.21 0.79
C ARG D 487 -10.65 -7.52 2.05
N THR D 488 -11.34 -7.90 3.12
CA THR D 488 -10.71 -8.05 4.42
C THR D 488 -9.99 -9.40 4.53
N PRO D 489 -8.91 -9.45 5.32
CA PRO D 489 -8.26 -10.75 5.55
C PRO D 489 -9.19 -11.66 6.32
N PHE D 490 -9.27 -12.91 5.88
CA PHE D 490 -10.20 -13.83 6.47
C PHE D 490 -9.46 -15.12 6.77
N GLY D 491 -9.66 -15.62 7.99
CA GLY D 491 -8.95 -16.81 8.43
C GLY D 491 -9.01 -17.00 9.94
N GLY D 492 -8.35 -18.04 10.42
CA GLY D 492 -8.35 -18.38 11.83
C GLY D 492 -6.95 -18.64 12.36
N VAL D 493 -6.82 -18.60 13.67
CA VAL D 493 -5.56 -18.89 14.34
C VAL D 493 -5.67 -20.26 15.02
N LYS D 494 -4.56 -20.70 15.61
CA LYS D 494 -4.50 -21.96 16.32
C LYS D 494 -5.04 -23.08 15.42
N LEU D 495 -5.90 -23.96 15.94
CA LEU D 495 -6.38 -25.08 15.12
C LEU D 495 -7.39 -24.67 14.05
N SER D 496 -7.77 -23.39 14.04
CA SER D 496 -8.81 -22.92 13.13
C SER D 496 -8.29 -22.54 11.74
N GLY D 497 -6.98 -22.61 11.54
CA GLY D 497 -6.47 -22.32 10.22
C GLY D 497 -5.01 -21.95 10.07
N LEU D 498 -4.64 -21.74 8.82
CA LEU D 498 -3.28 -21.39 8.44
C LEU D 498 -3.43 -20.40 7.28
N GLY D 499 -2.74 -19.27 7.36
CA GLY D 499 -2.83 -18.23 6.34
C GLY D 499 -4.09 -17.36 6.40
N ARG D 500 -4.23 -16.46 5.43
CA ARG D 500 -5.39 -15.60 5.29
C ARG D 500 -5.74 -15.53 3.80
N GLU D 501 -7.03 -15.42 3.51
CA GLU D 501 -7.53 -15.17 2.16
C GLU D 501 -8.46 -13.95 2.19
N GLY D 502 -8.86 -13.45 1.02
CA GLY D 502 -9.61 -12.21 0.93
C GLY D 502 -8.71 -11.04 0.58
N GLY D 503 -9.23 -10.11 -0.21
CA GLY D 503 -8.46 -8.95 -0.61
C GLY D 503 -7.09 -9.27 -1.16
N ARG D 504 -6.08 -8.54 -0.70
CA ARG D 504 -4.72 -8.72 -1.19
C ARG D 504 -4.09 -10.05 -0.71
N PHE D 505 -4.65 -10.62 0.34
CA PHE D 505 -4.13 -11.88 0.86
C PHE D 505 -4.45 -13.04 -0.08
N SER D 506 -5.59 -12.94 -0.77
CA SER D 506 -5.86 -13.91 -1.83
C SER D 506 -5.00 -13.62 -3.07
N MET D 507 -4.85 -12.33 -3.42
CA MET D 507 -4.02 -11.97 -4.57
C MET D 507 -2.57 -12.42 -4.37
N ASP D 508 -2.15 -12.46 -3.10
CA ASP D 508 -0.82 -12.93 -2.73
C ASP D 508 -0.72 -14.45 -2.69
N PHE D 509 -1.74 -15.10 -2.12
CA PHE D 509 -1.67 -16.55 -2.00
C PHE D 509 -1.79 -17.25 -3.33
N TYR D 510 -2.67 -16.75 -4.19
CA TYR D 510 -2.90 -17.39 -5.48
C TYR D 510 -1.92 -16.94 -6.56
N SER D 511 -0.87 -16.23 -6.14
CA SER D 511 0.16 -15.78 -7.07
C SER D 511 1.56 -16.18 -6.62
N ASP D 512 2.44 -16.42 -7.59
CA ASP D 512 3.87 -16.39 -7.36
C ASP D 512 4.27 -14.93 -7.22
N ILE D 513 4.84 -14.55 -6.08
CA ILE D 513 5.45 -13.23 -6.01
C ILE D 513 6.92 -13.43 -6.33
N ALA D 514 7.39 -12.83 -7.43
CA ALA D 514 8.80 -12.96 -7.79
C ALA D 514 9.49 -11.60 -7.70
N ASN D 515 10.75 -11.61 -7.30
CA ASN D 515 11.52 -10.38 -7.23
C ASN D 515 12.60 -10.37 -8.30
N ILE D 516 12.61 -9.29 -9.07
CA ILE D 516 13.59 -9.14 -10.14
C ILE D 516 14.48 -7.97 -9.80
N CYS D 517 15.79 -8.21 -9.80
CA CYS D 517 16.76 -7.20 -9.43
C CYS D 517 17.67 -6.83 -10.60
N ILE D 518 17.60 -5.58 -11.05
CA ILE D 518 18.42 -5.12 -12.17
C ILE D 518 19.58 -4.28 -11.66
N LYS D 519 20.80 -4.74 -11.89
CA LYS D 519 21.95 -3.95 -11.57
C LYS D 519 22.13 -2.95 -12.68
N ILE D 520 22.17 -1.68 -12.31
CA ILE D 520 22.38 -0.63 -13.29
C ILE D 520 23.88 -0.27 -13.39
PA NAD E . 19.58 -29.23 7.22
O1A NAD E . 18.16 -29.24 6.74
O2A NAD E . 20.08 -30.68 7.32
O5B NAD E . 19.68 -28.58 8.66
C5B NAD E . 19.20 -27.34 8.98
C4B NAD E . 18.82 -27.19 10.42
O4B NAD E . 17.72 -28.01 10.71
C3B NAD E . 19.88 -27.59 11.36
O3B NAD E . 19.84 -26.68 12.42
C2B NAD E . 19.54 -28.92 11.76
O2B NAD E . 19.98 -29.24 13.05
C1B NAD E . 18.04 -28.88 11.75
N9A NAD E . 17.43 -30.18 11.56
C8A NAD E . 17.92 -31.22 10.85
N7A NAD E . 17.04 -32.24 10.89
C5A NAD E . 15.96 -31.84 11.62
C6A NAD E . 14.76 -32.44 12.00
N6A NAD E . 14.47 -33.78 11.60
N1A NAD E . 13.87 -31.76 12.76
C2A NAD E . 14.15 -30.51 13.14
N3A NAD E . 15.29 -29.89 12.79
C4A NAD E . 16.22 -30.53 12.04
O3 NAD E . 20.42 -28.31 6.17
PN NAD E . 21.91 -27.75 6.35
O1N NAD E . 22.85 -28.92 6.34
O2N NAD E . 22.09 -26.96 7.65
O5D NAD E . 22.25 -26.73 5.17
C5D NAD E . 22.15 -27.07 3.83
C4D NAD E . 20.93 -26.77 3.20
O4D NAD E . 20.45 -25.47 3.67
C3D NAD E . 21.07 -26.66 1.72
O3D NAD E . 20.14 -27.44 1.09
C2D NAD E . 20.78 -25.24 1.44
O2D NAD E . 20.21 -25.01 0.23
C1D NAD E . 19.84 -24.87 2.55
N1N NAD E . 19.71 -23.44 2.65
C2N NAD E . 18.66 -22.82 2.06
C3N NAD E . 18.53 -21.43 2.16
C7N NAD E . 17.36 -20.70 1.47
O7N NAD E . 17.13 -19.49 1.72
N7N NAD E . 16.54 -21.39 0.48
C4N NAD E . 19.51 -20.70 2.86
C5N NAD E . 20.56 -21.40 3.46
C6N NAD E . 20.64 -22.78 3.33
NA NA F . 32.26 -26.06 13.24
PA NAD G . 1.02 34.56 9.73
O1A NAD G . 0.74 35.99 10.06
O2A NAD G . 0.26 34.16 8.45
O5B NAD G . 2.57 34.39 9.47
C5B NAD G . 3.20 33.18 9.46
C4B NAD G . 4.52 33.15 8.78
O4B NAD G . 4.35 33.60 7.46
C3B NAD G . 5.51 34.06 9.40
O3B NAD G . 6.78 33.51 9.24
C2B NAD G . 5.42 35.26 8.66
O2B NAD G . 6.60 36.01 8.74
C1B NAD G . 5.13 34.74 7.28
N9A NAD G . 4.42 35.69 6.44
C8A NAD G . 3.49 36.57 6.82
N7A NAD G . 3.06 37.26 5.75
C5A NAD G . 3.73 36.82 4.66
C6A NAD G . 3.70 37.14 3.29
N6A NAD G . 2.82 38.17 2.82
N1A NAD G . 4.51 36.49 2.43
C2A NAD G . 5.33 35.53 2.89
N3A NAD G . 5.38 35.19 4.19
C4A NAD G . 4.59 35.81 5.09
O3 NAD G . 0.51 33.58 10.93
PN NAD G . 1.03 33.57 12.45
O1N NAD G . 2.54 33.50 12.53
O2N NAD G . 0.53 34.81 13.15
O5D NAD G . 0.44 32.29 13.16
C5D NAD G . -0.91 32.25 13.46
C4D NAD G . -1.72 31.65 12.47
O4D NAD G . -1.06 30.42 12.08
C3D NAD G . -3.05 31.27 12.98
O3D NAD G . -4.01 31.53 12.05
C2D NAD G . -2.94 29.83 13.18
O2D NAD G . -4.14 29.21 13.15
C1D NAD G . -2.07 29.44 12.02
N1N NAD G . -1.58 28.10 12.18
C2N NAD G . -2.12 27.11 11.45
C3N NAD G . -1.65 25.80 11.63
C7N NAD G . -2.27 24.63 10.84
O7N NAD G . -1.71 23.53 10.82
N7N NAD G . -3.55 24.77 10.15
C4N NAD G . -0.62 25.54 12.57
C5N NAD G . -0.09 26.62 13.30
C6N NAD G . -0.59 27.89 13.09
NA NA H . 9.78 36.88 20.98
PA NAD I . -6.26 27.14 -22.89
O1A NAD I . -5.58 27.09 -21.53
O2A NAD I . -6.18 28.56 -23.44
O5B NAD I . -7.77 26.72 -22.74
C5B NAD I . -8.13 25.62 -22.02
C4B NAD I . -9.44 25.68 -21.32
O4B NAD I . -9.40 26.67 -20.34
C3B NAD I . -10.56 26.05 -22.23
O3B NAD I . -11.68 25.38 -21.74
C2B NAD I . -10.70 27.45 -22.07
O2B NAD I . -12.01 27.87 -22.34
C1B NAD I . -10.38 27.62 -20.63
N9A NAD I . -9.87 28.92 -20.28
C8A NAD I . -9.14 29.76 -21.03
N7A NAD I . -8.86 30.85 -20.30
C5A NAD I . -9.41 30.70 -19.06
C6A NAD I . -9.48 31.45 -17.89
N6A NAD I . -8.85 32.75 -17.81
N1A NAD I . -10.14 30.98 -16.82
C2A NAD I . -10.73 29.78 -16.86
N3A NAD I . -10.70 29.03 -17.96
C4A NAD I . -10.05 29.46 -19.07
O3 NAD I . -5.46 26.06 -23.79
PN NAD I . -5.96 25.33 -25.12
O1N NAD I . -5.51 26.19 -26.27
O2N NAD I . -7.47 25.11 -25.11
O5D NAD I . -5.28 23.89 -25.25
C5D NAD I . -3.93 23.78 -25.58
C4D NAD I . -3.03 23.75 -24.50
O4D NAD I . -3.47 22.69 -23.59
C3D NAD I . -1.65 23.39 -24.88
O3D NAD I . -0.77 24.23 -24.25
C2D NAD I . -1.49 22.02 -24.37
O2D NAD I . -0.20 21.68 -24.06
C1D NAD I . -2.33 22.02 -23.14
N1N NAD I . -2.61 20.69 -22.74
C2N NAD I . -1.93 20.12 -21.72
C3N NAD I . -2.22 18.79 -21.37
C7N NAD I . -1.45 18.10 -20.23
O7N NAD I . -1.77 16.95 -19.87
N7N NAD I . -0.31 18.75 -19.58
C4N NAD I . -3.20 18.07 -22.09
C5N NAD I . -3.87 18.72 -23.13
C6N NAD I . -3.56 20.03 -23.44
NA NA J . -14.87 23.28 -33.76
PA NAD K . -14.51 -32.46 5.96
O1A NAD K . -15.00 -33.83 6.38
O2A NAD K . -13.05 -32.30 6.42
O5B NAD K . -14.63 -32.38 4.39
C5B NAD K . -14.20 -31.32 3.65
C4B NAD K . -13.78 -31.66 2.26
O4B NAD K . -12.56 -32.35 2.32
C3B NAD K . -14.74 -32.58 1.60
O3B NAD K . -14.84 -32.21 0.26
C2B NAD K . -14.17 -33.87 1.74
O2B NAD K . -14.53 -34.69 0.69
C1B NAD K . -12.72 -33.59 1.69
N9A NAD K . -11.90 -34.56 2.37
C8A NAD K . -12.21 -35.27 3.46
N7A NAD K . -11.16 -36.06 3.78
C5A NAD K . -10.16 -35.82 2.90
C6A NAD K . -8.86 -36.31 2.71
N6A NAD K . -8.31 -37.30 3.60
N1A NAD K . -8.12 -35.85 1.69
C2A NAD K . -8.62 -34.94 0.85
N3A NAD K . -9.86 -34.45 0.99
C4A NAD K . -10.64 -34.87 1.99
O3 NAD K . -15.41 -31.27 6.56
PN NAD K . -16.97 -31.11 6.31
O1N NAD K . -17.33 -31.35 4.88
O2N NAD K . -17.66 -32.13 7.21
O5D NAD K . -17.49 -29.66 6.70
C5D NAD K . -17.59 -29.29 8.03
C4D NAD K . -16.41 -28.74 8.56
O4D NAD K . -15.97 -27.67 7.66
C3D NAD K . -16.58 -28.11 9.90
O3D NAD K . -15.51 -28.41 10.69
C2D NAD K . -16.59 -26.67 9.60
O2D NAD K . -16.17 -25.91 10.64
C1D NAD K . -15.63 -26.56 8.48
N1N NAD K . -15.73 -25.31 7.81
C2N NAD K . -14.79 -24.35 8.05
C3N NAD K . -14.88 -23.11 7.39
C7N NAD K . -13.85 -22.03 7.68
O7N NAD K . -13.87 -20.95 7.06
N7N NAD K . -12.84 -22.23 8.73
C4N NAD K . -15.94 -22.88 6.50
C5N NAD K . -16.87 -23.89 6.30
C6N NAD K . -16.75 -25.11 6.95
NA NA L . -26.59 -34.98 -0.41
#